data_4J3J
#
_entry.id   4J3J
#
_cell.length_a   79.648
_cell.length_b   79.648
_cell.length_c   292.267
_cell.angle_alpha   90.000
_cell.angle_beta   90.000
_cell.angle_gamma   120.000
#
_symmetry.space_group_name_H-M   'P 32'
#
loop_
_entity.id
_entity.type
_entity.pdbx_description
1 polymer 'Dipeptidyl peptidase 4'
2 non-polymer N-[(3R)-3-amino-4-(2,4,5-trifluorophenyl)butyl]-6-(trifluoromethyl)-3,4-dihydropyrrolo[1,2-a]pyrazine-2(1H)-carboxamide
#
_entity_poly.entity_id   1
_entity_poly.type   'polypeptide(L)'
_entity_poly.pdbx_seq_one_letter_code
;SRKTYTLTDYLKNTYRLKLYSLRWISDHEYLYKQENNILVFNAEYGNSSVFLENSTFDEFGHSINDYSISPDGQFILLEY
NYVKQWRHSYTASYDIYDLNKRQLITEERIPNNTQWVTWSPVGHKLAYVWNNDIYVKIEPNLPSYRITWTGKEDIIYNGI
TDWVYEEEVFSAYSALWWSPNGTFLAYAQFNDTEVPLIEYSFYSDESLQYPKTVRVPYPKAGAVNPTVKFFVVNTDSLSS
VTNATSIQITAPASMLIGDHYLCDVTWATQERISLQWLRRIQNYSVMDICDYDESSGRWNCLVARQHIEMSTTGWVGRFR
PSEPHFTLDGNSFYKIISNEEGYRHICYFQIDKKDCTFITKGTWEVIGIEALTSDYLYYISNEYKGMPGGRNLYKIQLSD
YTKVTCLSCELNPERCQYYSVSFSKEAKYYQLRCSGPGLPLYTLHSSVNDKGLRVLEDNSALDKMLQNVQMPSKKLDFII
LNETKFWYQMILPPHFDKSKKYPLLLDVYAGPCSQKADTVFRLNWATYLASTENIIVASFDGRGSGYQGDKIMHAINRRL
GTFEVEDQIEAARQFSKMGFVDNKRIAIWGWSYGGYVTSMVLGSGSGVFKCGIAVAPVSRWEYYDSVYTERYMGLPTPED
NLDHYRNSTVMSRAENFKQVEYLLIHGTADDNVHFQQSAQISKALVDVGVDFQAMWYTDEDHGIASSTAHQHIYTHMSHF
IKQCFSLP
;
_entity_poly.pdbx_strand_id   A,B
#
loop_
_chem_comp.id
_chem_comp.type
_chem_comp.name
_chem_comp.formula
D3C non-polymer N-[(3R)-3-amino-4-(2,4,5-trifluorophenyl)butyl]-6-(trifluoromethyl)-3,4-dihydropyrrolo[1,2-a]pyrazine-2(1H)-carboxamide 'C19 H20 F6 N4 O'
#
# COMPACT_ATOMS: atom_id res chain seq x y z
N ARG A 2 -8.97 -16.54 -42.01
CA ARG A 2 -10.06 -16.51 -40.98
C ARG A 2 -9.59 -15.91 -39.66
N LYS A 3 -10.51 -15.81 -38.70
CA LYS A 3 -10.22 -15.15 -37.42
C LYS A 3 -9.36 -15.97 -36.47
N THR A 4 -8.90 -15.31 -35.41
CA THR A 4 -8.06 -15.92 -34.37
C THR A 4 -8.64 -15.62 -32.98
N TYR A 5 -8.26 -16.41 -31.98
CA TYR A 5 -8.72 -16.18 -30.61
C TYR A 5 -7.95 -15.02 -29.97
N THR A 6 -8.58 -13.83 -30.03
CA THR A 6 -7.96 -12.59 -29.55
C THR A 6 -8.04 -12.44 -28.04
N LEU A 7 -7.42 -11.37 -27.53
CA LEU A 7 -7.43 -11.04 -26.10
C LEU A 7 -8.85 -10.67 -25.65
N THR A 8 -9.57 -9.97 -26.52
CA THR A 8 -10.94 -9.53 -26.24
C THR A 8 -11.90 -10.73 -26.17
N ASP A 9 -11.59 -11.78 -26.92
CA ASP A 9 -12.38 -13.01 -26.88
C ASP A 9 -12.35 -13.68 -25.51
N TYR A 10 -11.24 -13.51 -24.81
CA TYR A 10 -11.09 -14.03 -23.45
C TYR A 10 -11.63 -13.05 -22.42
N LEU A 11 -11.36 -11.76 -22.61
CA LEU A 11 -11.74 -10.73 -21.64
C LEU A 11 -13.22 -10.37 -21.64
N LYS A 12 -13.83 -10.39 -22.83
CA LYS A 12 -15.27 -10.15 -22.96
C LYS A 12 -16.04 -11.46 -23.03
N ASN A 13 -15.33 -12.58 -22.87
CA ASN A 13 -15.92 -13.92 -22.85
C ASN A 13 -16.82 -14.18 -24.07
N THR A 14 -16.23 -14.02 -25.26
CA THR A 14 -16.95 -14.15 -26.54
C THR A 14 -17.45 -15.57 -26.79
N TYR A 15 -16.57 -16.55 -26.57
CA TYR A 15 -16.92 -17.96 -26.76
C TYR A 15 -17.14 -18.62 -25.40
N ARG A 16 -18.41 -18.79 -25.04
CA ARG A 16 -18.79 -19.31 -23.73
C ARG A 16 -18.95 -20.82 -23.70
N LEU A 17 -18.43 -21.42 -22.62
CA LEU A 17 -18.63 -22.84 -22.35
C LEU A 17 -19.95 -23.03 -21.62
N LYS A 18 -20.76 -23.97 -22.11
CA LYS A 18 -22.06 -24.26 -21.51
C LYS A 18 -21.95 -25.26 -20.35
N LEU A 19 -22.65 -24.96 -19.27
CA LEU A 19 -22.66 -25.80 -18.08
C LEU A 19 -24.05 -26.42 -17.87
N TYR A 20 -24.12 -27.43 -17.01
CA TYR A 20 -25.40 -27.99 -16.61
C TYR A 20 -25.45 -28.19 -15.10
N SER A 21 -26.03 -27.22 -14.40
CA SER A 21 -26.04 -27.18 -12.94
C SER A 21 -27.34 -27.70 -12.36
N LEU A 22 -27.27 -28.85 -11.70
CA LEU A 22 -28.44 -29.50 -11.12
C LEU A 22 -28.26 -29.85 -9.64
N ARG A 23 -29.38 -29.84 -8.90
CA ARG A 23 -29.41 -30.26 -7.50
C ARG A 23 -30.43 -31.38 -7.32
N TRP A 24 -29.98 -32.52 -6.81
CA TRP A 24 -30.86 -33.64 -6.53
C TRP A 24 -31.69 -33.38 -5.28
N ILE A 25 -32.99 -33.65 -5.37
CA ILE A 25 -33.89 -33.55 -4.21
C ILE A 25 -34.37 -34.91 -3.72
N SER A 26 -34.58 -35.83 -4.66
CA SER A 26 -34.97 -37.20 -4.34
C SER A 26 -34.00 -38.20 -4.99
N ASP A 27 -34.35 -39.48 -4.94
CA ASP A 27 -33.54 -40.53 -5.55
C ASP A 27 -33.72 -40.62 -7.07
N HIS A 28 -34.65 -39.82 -7.61
CA HIS A 28 -34.97 -39.83 -9.04
C HIS A 28 -35.40 -38.47 -9.60
N GLU A 29 -35.24 -37.42 -8.80
CA GLU A 29 -35.63 -36.07 -9.23
C GLU A 29 -34.55 -35.03 -8.93
N TYR A 30 -34.31 -34.15 -9.90
CA TYR A 30 -33.40 -33.02 -9.73
C TYR A 30 -34.01 -31.72 -10.24
N LEU A 31 -33.33 -30.61 -9.95
CA LEU A 31 -33.82 -29.28 -10.34
C LEU A 31 -32.85 -28.56 -11.27
N TYR A 32 -33.38 -27.98 -12.35
CA TYR A 32 -32.61 -27.10 -13.23
C TYR A 32 -33.40 -25.85 -13.54
N LYS A 33 -32.72 -24.70 -13.54
CA LYS A 33 -33.36 -23.43 -13.89
C LYS A 33 -33.07 -23.00 -15.32
N GLN A 34 -34.15 -22.85 -16.10
CA GLN A 34 -34.08 -22.48 -17.51
C GLN A 34 -34.92 -21.23 -17.74
N GLU A 35 -34.30 -20.19 -18.29
CA GLU A 35 -34.94 -18.88 -18.53
C GLU A 35 -35.47 -18.28 -17.22
N ASN A 36 -34.72 -18.50 -16.14
CA ASN A 36 -35.11 -18.10 -14.77
C ASN A 36 -36.30 -18.89 -14.19
N ASN A 37 -36.73 -19.92 -14.91
CA ASN A 37 -37.79 -20.82 -14.45
C ASN A 37 -37.19 -22.08 -13.83
N ILE A 38 -37.36 -22.23 -12.52
CA ILE A 38 -36.88 -23.42 -11.81
C ILE A 38 -37.80 -24.61 -12.10
N LEU A 39 -37.29 -25.55 -12.88
CA LEU A 39 -38.04 -26.73 -13.27
C LEU A 39 -37.58 -27.95 -12.49
N VAL A 40 -38.42 -28.97 -12.42
CA VAL A 40 -38.06 -30.26 -11.83
C VAL A 40 -38.08 -31.37 -12.90
N PHE A 41 -36.92 -31.96 -13.15
CA PHE A 41 -36.77 -32.99 -14.17
C PHE A 41 -36.85 -34.38 -13.55
N ASN A 42 -37.74 -35.21 -14.09
CA ASN A 42 -37.87 -36.59 -13.65
C ASN A 42 -36.92 -37.50 -14.43
N ALA A 43 -36.17 -38.31 -13.71
CA ALA A 43 -35.19 -39.21 -14.33
C ALA A 43 -35.82 -40.50 -14.83
N GLU A 44 -36.94 -40.88 -14.23
CA GLU A 44 -37.65 -42.12 -14.54
C GLU A 44 -38.24 -42.11 -15.96
N TYR A 45 -39.04 -41.09 -16.26
CA TYR A 45 -39.72 -40.98 -17.55
C TYR A 45 -39.03 -40.01 -18.49
N GLY A 46 -38.55 -38.89 -17.96
CA GLY A 46 -37.92 -37.85 -18.76
C GLY A 46 -38.77 -36.59 -18.86
N ASN A 47 -40.01 -36.68 -18.38
CA ASN A 47 -40.93 -35.54 -18.40
C ASN A 47 -40.57 -34.49 -17.34
N SER A 48 -40.46 -33.24 -17.79
CA SER A 48 -40.10 -32.13 -16.92
C SER A 48 -41.33 -31.33 -16.49
N SER A 49 -41.40 -31.03 -15.20
CA SER A 49 -42.49 -30.25 -14.64
C SER A 49 -41.99 -28.90 -14.15
N VAL A 50 -42.86 -27.90 -14.15
CA VAL A 50 -42.53 -26.58 -13.63
C VAL A 50 -42.67 -26.57 -12.10
N PHE A 51 -41.64 -26.07 -11.42
CA PHE A 51 -41.64 -25.99 -9.96
C PHE A 51 -41.81 -24.54 -9.48
N LEU A 52 -41.19 -23.62 -10.20
CA LEU A 52 -41.33 -22.19 -9.90
C LEU A 52 -41.05 -21.36 -11.15
N GLU A 53 -42.02 -20.52 -11.50
CA GLU A 53 -41.95 -19.71 -12.73
C GLU A 53 -41.09 -18.47 -12.55
N ASN A 54 -40.59 -17.95 -13.68
CA ASN A 54 -39.66 -16.81 -13.68
C ASN A 54 -40.26 -15.49 -13.18
N SER A 55 -41.57 -15.34 -13.35
CA SER A 55 -42.28 -14.11 -12.97
C SER A 55 -42.76 -14.11 -11.52
N THR A 56 -42.43 -15.17 -10.77
CA THR A 56 -42.87 -15.33 -9.38
C THR A 56 -42.28 -14.24 -8.47
N PHE A 57 -41.08 -13.75 -8.81
CA PHE A 57 -40.40 -12.76 -8.00
C PHE A 57 -40.02 -11.49 -8.76
N ASP A 58 -40.88 -11.07 -9.67
CA ASP A 58 -40.71 -9.80 -10.37
C ASP A 58 -41.07 -8.62 -9.47
N GLU A 59 -42.06 -8.84 -8.60
CA GLU A 59 -42.50 -7.83 -7.64
C GLU A 59 -41.87 -8.05 -6.26
N PHE A 60 -40.82 -8.87 -6.21
CA PHE A 60 -40.10 -9.15 -4.96
C PHE A 60 -39.36 -7.91 -4.43
N GLY A 61 -38.94 -7.04 -5.35
CA GLY A 61 -38.31 -5.78 -4.98
C GLY A 61 -36.80 -5.83 -4.83
N HIS A 62 -36.24 -7.04 -4.92
CA HIS A 62 -34.80 -7.24 -4.80
C HIS A 62 -34.28 -8.18 -5.89
N SER A 63 -33.03 -7.97 -6.28
CA SER A 63 -32.34 -8.85 -7.20
C SER A 63 -31.90 -10.10 -6.43
N ILE A 64 -32.53 -11.24 -6.74
CA ILE A 64 -32.26 -12.51 -6.05
C ILE A 64 -30.85 -12.98 -6.34
N ASN A 65 -30.01 -12.99 -5.30
CA ASN A 65 -28.62 -13.38 -5.43
C ASN A 65 -28.45 -14.90 -5.50
N ASP A 66 -29.08 -15.61 -4.56
CA ASP A 66 -29.05 -17.06 -4.53
C ASP A 66 -30.33 -17.63 -3.90
N TYR A 67 -30.62 -18.90 -4.18
CA TYR A 67 -31.78 -19.57 -3.59
C TYR A 67 -31.41 -20.94 -3.00
N SER A 68 -32.16 -21.35 -1.98
CA SER A 68 -31.98 -22.65 -1.35
C SER A 68 -33.33 -23.24 -0.95
N ILE A 69 -33.66 -24.39 -1.55
CA ILE A 69 -34.96 -25.03 -1.32
C ILE A 69 -34.87 -26.10 -0.24
N SER A 70 -35.78 -26.04 0.72
CA SER A 70 -35.87 -27.04 1.79
C SER A 70 -36.13 -28.44 1.20
N PRO A 71 -35.45 -29.47 1.75
CA PRO A 71 -35.49 -30.85 1.23
C PRO A 71 -36.89 -31.41 0.98
N ASP A 72 -37.85 -31.03 1.83
CA ASP A 72 -39.24 -31.51 1.71
C ASP A 72 -40.05 -30.74 0.66
N GLY A 73 -39.41 -29.77 0.00
CA GLY A 73 -40.05 -28.98 -1.06
C GLY A 73 -41.16 -28.05 -0.58
N GLN A 74 -41.04 -27.60 0.67
CA GLN A 74 -42.08 -26.78 1.29
C GLN A 74 -41.75 -25.28 1.29
N PHE A 75 -40.48 -24.97 1.48
CA PHE A 75 -40.03 -23.57 1.56
C PHE A 75 -38.81 -23.33 0.68
N ILE A 76 -38.63 -22.08 0.26
CA ILE A 76 -37.46 -21.67 -0.52
C ILE A 76 -36.79 -20.44 0.08
N LEU A 77 -35.56 -20.63 0.56
CA LEU A 77 -34.76 -19.56 1.13
C LEU A 77 -34.24 -18.66 0.01
N LEU A 78 -34.32 -17.35 0.22
CA LEU A 78 -33.89 -16.38 -0.80
C LEU A 78 -32.78 -15.46 -0.31
N GLU A 79 -31.59 -15.67 -0.86
CA GLU A 79 -30.42 -14.85 -0.55
C GLU A 79 -30.42 -13.60 -1.43
N TYR A 80 -30.24 -12.44 -0.79
CA TYR A 80 -30.06 -11.19 -1.51
C TYR A 80 -29.14 -10.26 -0.70
N ASN A 81 -28.68 -9.19 -1.33
CA ASN A 81 -27.70 -8.26 -0.74
C ASN A 81 -26.40 -8.96 -0.33
N TYR A 82 -25.85 -9.73 -1.26
CA TYR A 82 -24.60 -10.48 -1.06
C TYR A 82 -23.41 -9.54 -0.98
N VAL A 83 -22.70 -9.62 0.13
CA VAL A 83 -21.47 -8.86 0.36
C VAL A 83 -20.36 -9.86 0.63
N LYS A 84 -19.49 -10.07 -0.35
CA LYS A 84 -18.38 -11.02 -0.22
C LYS A 84 -17.40 -10.57 0.86
N GLN A 85 -16.96 -11.52 1.67
CA GLN A 85 -15.94 -11.25 2.68
C GLN A 85 -14.60 -11.81 2.21
N TRP A 86 -14.31 -13.08 2.52
CA TRP A 86 -13.09 -13.72 2.06
C TRP A 86 -13.39 -14.66 0.89
N ARG A 87 -12.69 -15.80 0.81
CA ARG A 87 -12.84 -16.72 -0.32
C ARG A 87 -14.23 -17.34 -0.40
N HIS A 88 -14.69 -17.91 0.70
CA HIS A 88 -15.98 -18.59 0.76
C HIS A 88 -17.03 -17.80 1.55
N SER A 89 -16.55 -16.96 2.46
CA SER A 89 -17.41 -16.22 3.39
C SER A 89 -18.09 -15.00 2.78
N TYR A 90 -19.32 -14.75 3.24
CA TYR A 90 -20.12 -13.58 2.83
C TYR A 90 -21.27 -13.32 3.79
N THR A 91 -21.65 -12.06 3.92
CA THR A 91 -22.86 -11.70 4.67
C THR A 91 -23.97 -11.30 3.70
N ALA A 92 -25.20 -11.70 4.02
CA ALA A 92 -26.35 -11.44 3.15
C ALA A 92 -27.66 -11.26 3.93
N SER A 93 -28.72 -10.93 3.20
CA SER A 93 -30.07 -10.85 3.75
C SER A 93 -30.90 -12.00 3.19
N TYR A 94 -31.83 -12.50 4.00
CA TYR A 94 -32.59 -13.71 3.64
C TYR A 94 -34.09 -13.58 3.89
N ASP A 95 -34.88 -14.02 2.91
CA ASP A 95 -36.33 -14.12 3.03
C ASP A 95 -36.78 -15.54 2.72
N ILE A 96 -37.77 -16.01 3.48
CA ILE A 96 -38.32 -17.37 3.29
C ILE A 96 -39.69 -17.29 2.62
N TYR A 97 -39.85 -18.05 1.54
CA TYR A 97 -41.08 -18.06 0.76
C TYR A 97 -41.77 -19.41 0.86
N ASP A 98 -43.07 -19.39 1.12
CA ASP A 98 -43.86 -20.61 1.27
C ASP A 98 -44.29 -21.15 -0.10
N LEU A 99 -43.92 -22.40 -0.37
CA LEU A 99 -44.25 -23.06 -1.64
C LEU A 99 -45.60 -23.77 -1.58
N ASN A 100 -46.01 -24.16 -0.36
CA ASN A 100 -47.34 -24.74 -0.12
C ASN A 100 -48.44 -23.73 -0.42
N LYS A 101 -48.25 -22.51 0.08
CA LYS A 101 -49.10 -21.37 -0.26
C LYS A 101 -48.38 -20.53 -1.33
N ARG A 102 -48.67 -19.24 -1.36
CA ARG A 102 -47.95 -18.28 -2.21
C ARG A 102 -47.73 -16.98 -1.44
N GLN A 103 -47.05 -17.07 -0.31
CA GLN A 103 -46.82 -15.91 0.56
C GLN A 103 -45.40 -15.83 1.10
N LEU A 104 -44.86 -14.61 1.13
CA LEU A 104 -43.58 -14.33 1.78
C LEU A 104 -43.79 -14.16 3.27
N ILE A 105 -42.96 -14.83 4.06
CA ILE A 105 -43.09 -14.83 5.52
C ILE A 105 -42.58 -13.52 6.13
N THR A 106 -43.50 -12.79 6.77
CA THR A 106 -43.19 -11.48 7.36
C THR A 106 -42.90 -11.59 8.86
N GLU A 107 -43.29 -12.71 9.45
CA GLU A 107 -43.13 -12.94 10.88
C GLU A 107 -41.78 -13.59 11.20
N GLU A 108 -41.09 -13.05 12.22
CA GLU A 108 -39.83 -13.59 12.73
C GLU A 108 -38.79 -13.85 11.62
N ARG A 109 -38.53 -12.82 10.81
CA ARG A 109 -37.62 -12.91 9.68
C ARG A 109 -36.17 -13.10 10.10
N ILE A 110 -35.36 -13.69 9.21
CA ILE A 110 -33.93 -13.87 9.43
C ILE A 110 -33.22 -12.52 9.27
N PRO A 111 -32.47 -12.09 10.32
CA PRO A 111 -31.86 -10.75 10.41
C PRO A 111 -30.93 -10.41 9.25
N ASN A 112 -30.81 -9.10 8.97
CA ASN A 112 -29.86 -8.60 7.97
C ASN A 112 -28.42 -8.83 8.44
N ASN A 113 -27.50 -8.92 7.47
CA ASN A 113 -26.09 -9.22 7.73
C ASN A 113 -25.88 -10.61 8.34
N THR A 114 -26.62 -11.59 7.86
CA THR A 114 -26.50 -12.97 8.33
C THR A 114 -25.35 -13.70 7.64
N GLN A 115 -24.49 -14.32 8.45
CA GLN A 115 -23.25 -14.92 7.98
C GLN A 115 -23.46 -16.24 7.22
N TRP A 116 -24.26 -17.15 7.77
CA TRP A 116 -24.54 -18.43 7.12
C TRP A 116 -25.91 -18.99 7.48
N VAL A 117 -26.59 -19.57 6.50
CA VAL A 117 -27.89 -20.21 6.70
C VAL A 117 -27.93 -21.58 6.01
N THR A 118 -28.50 -22.57 6.69
CA THR A 118 -28.60 -23.93 6.14
C THR A 118 -29.84 -24.69 6.61
N TRP A 119 -30.46 -25.42 5.68
CA TRP A 119 -31.59 -26.31 5.99
C TRP A 119 -31.09 -27.58 6.65
N SER A 120 -31.97 -28.25 7.39
CA SER A 120 -31.72 -29.61 7.87
C SER A 120 -31.90 -30.58 6.70
N PRO A 121 -31.14 -31.69 6.67
CA PRO A 121 -31.15 -32.63 5.54
C PRO A 121 -32.53 -33.21 5.23
N VAL A 122 -33.37 -33.29 6.26
CA VAL A 122 -34.75 -33.73 6.12
C VAL A 122 -35.67 -32.69 6.75
N GLY A 123 -36.74 -32.32 6.04
CA GLY A 123 -37.72 -31.38 6.57
C GLY A 123 -37.43 -29.94 6.20
N HIS A 124 -37.62 -29.04 7.16
CA HIS A 124 -37.47 -27.60 6.92
C HIS A 124 -36.99 -26.81 8.14
N LYS A 125 -36.09 -27.41 8.93
CA LYS A 125 -35.48 -26.71 10.05
C LYS A 125 -34.38 -25.78 9.56
N LEU A 126 -34.27 -24.61 10.18
CA LEU A 126 -33.28 -23.62 9.78
C LEU A 126 -32.25 -23.35 10.88
N ALA A 127 -30.97 -23.41 10.51
CA ALA A 127 -29.90 -22.99 11.40
C ALA A 127 -29.14 -21.85 10.73
N TYR A 128 -29.06 -20.71 11.41
CA TYR A 128 -28.35 -19.56 10.86
C TYR A 128 -27.41 -18.90 11.87
N VAL A 129 -26.29 -18.39 11.36
CA VAL A 129 -25.29 -17.70 12.19
C VAL A 129 -25.38 -16.20 12.00
N TRP A 130 -25.55 -15.48 13.11
CA TRP A 130 -25.67 -14.03 13.09
C TRP A 130 -24.90 -13.44 14.27
N ASN A 131 -24.08 -12.43 14.00
CA ASN A 131 -23.16 -11.84 14.99
C ASN A 131 -22.32 -12.88 15.74
N ASN A 132 -21.87 -13.90 15.01
CA ASN A 132 -21.06 -14.99 15.54
C ASN A 132 -21.81 -15.94 16.47
N ASP A 133 -23.14 -15.86 16.45
CA ASP A 133 -23.99 -16.71 17.30
C ASP A 133 -24.96 -17.54 16.48
N ILE A 134 -25.26 -18.74 16.97
CA ILE A 134 -26.12 -19.70 16.26
C ILE A 134 -27.59 -19.57 16.70
N TYR A 135 -28.48 -19.64 15.72
CA TYR A 135 -29.92 -19.54 15.94
C TYR A 135 -30.64 -20.67 15.19
N VAL A 136 -31.56 -21.34 15.86
CA VAL A 136 -32.33 -22.44 15.25
C VAL A 136 -33.82 -22.07 15.10
N LYS A 137 -34.40 -22.47 13.97
CA LYS A 137 -35.82 -22.26 13.72
C LYS A 137 -36.50 -23.52 13.17
N ILE A 138 -37.39 -24.09 13.98
CA ILE A 138 -38.13 -25.31 13.62
C ILE A 138 -39.14 -25.02 12.51
N GLU A 139 -39.85 -23.90 12.63
CA GLU A 139 -40.75 -23.43 11.59
C GLU A 139 -40.32 -22.05 11.10
N PRO A 140 -40.38 -21.82 9.77
CA PRO A 140 -39.95 -20.55 9.15
C PRO A 140 -40.65 -19.28 9.65
N ASN A 141 -41.81 -19.43 10.28
CA ASN A 141 -42.56 -18.28 10.80
C ASN A 141 -42.48 -18.11 12.32
N LEU A 142 -42.06 -19.17 13.02
CA LEU A 142 -41.91 -19.14 14.47
C LEU A 142 -40.61 -18.46 14.91
N PRO A 143 -40.56 -17.94 16.15
CA PRO A 143 -39.35 -17.33 16.73
C PRO A 143 -38.14 -18.26 16.74
N SER A 144 -36.95 -17.65 16.90
CA SER A 144 -35.69 -18.36 16.82
C SER A 144 -35.09 -18.67 18.19
N TYR A 145 -34.51 -19.87 18.31
CA TYR A 145 -33.87 -20.31 19.55
C TYR A 145 -32.36 -20.05 19.49
N ARG A 146 -31.92 -19.05 20.23
CA ARG A 146 -30.50 -18.68 20.27
C ARG A 146 -29.68 -19.70 21.08
N ILE A 147 -28.85 -20.47 20.37
CA ILE A 147 -28.05 -21.54 20.98
C ILE A 147 -26.84 -20.99 21.73
N THR A 148 -26.03 -20.17 21.05
CA THR A 148 -24.81 -19.64 21.64
C THR A 148 -24.96 -18.17 22.05
N TRP A 149 -24.22 -17.76 23.06
CA TRP A 149 -24.29 -16.40 23.60
C TRP A 149 -22.92 -15.73 23.66
N THR A 150 -21.86 -16.52 23.47
CA THR A 150 -20.48 -16.05 23.60
C THR A 150 -19.88 -15.42 22.34
N GLY A 151 -20.65 -15.42 21.25
CA GLY A 151 -20.17 -14.89 19.97
C GLY A 151 -19.78 -13.42 20.00
N LYS A 152 -18.51 -13.17 19.66
CA LYS A 152 -17.96 -11.80 19.62
C LYS A 152 -17.10 -11.62 18.37
N GLU A 153 -17.28 -10.48 17.70
CA GLU A 153 -16.58 -10.18 16.44
C GLU A 153 -15.07 -10.24 16.57
N ASP A 154 -14.44 -10.99 15.65
CA ASP A 154 -12.98 -11.16 15.59
C ASP A 154 -12.35 -11.87 16.80
N ILE A 155 -13.18 -12.28 17.75
CA ILE A 155 -12.69 -12.96 18.96
C ILE A 155 -13.26 -14.38 19.09
N ILE A 156 -14.59 -14.50 19.08
CA ILE A 156 -15.26 -15.80 19.25
C ILE A 156 -16.13 -16.13 18.04
N TYR A 157 -15.96 -17.33 17.51
CA TYR A 157 -16.70 -17.76 16.32
C TYR A 157 -17.54 -19.01 16.62
N ASN A 158 -18.86 -18.84 16.62
CA ASN A 158 -19.78 -19.97 16.79
C ASN A 158 -20.53 -20.30 15.50
N GLY A 159 -20.32 -21.52 15.00
CA GLY A 159 -21.00 -22.00 13.79
C GLY A 159 -20.38 -21.56 12.49
N ILE A 160 -19.35 -20.71 12.59
CA ILE A 160 -18.59 -20.23 11.43
C ILE A 160 -17.09 -20.32 11.69
N THR A 161 -16.33 -20.51 10.62
CA THR A 161 -14.87 -20.58 10.71
C THR A 161 -14.24 -19.20 10.68
N ASP A 162 -13.14 -19.03 11.43
CA ASP A 162 -12.32 -17.83 11.34
C ASP A 162 -11.51 -17.87 10.05
N TRP A 163 -10.72 -16.83 9.79
CA TRP A 163 -10.00 -16.74 8.52
C TRP A 163 -9.21 -18.01 8.19
N VAL A 164 -8.37 -18.44 9.13
CA VAL A 164 -7.42 -19.51 8.88
C VAL A 164 -8.07 -20.88 8.70
N TYR A 165 -9.21 -21.09 9.34
CA TYR A 165 -9.97 -22.34 9.22
C TYR A 165 -10.80 -22.37 7.94
N GLU A 166 -11.30 -21.21 7.53
CA GLU A 166 -12.09 -21.08 6.30
C GLU A 166 -11.24 -21.40 5.08
N GLU A 167 -10.05 -20.81 5.05
CA GLU A 167 -9.14 -20.90 3.90
C GLU A 167 -8.38 -22.21 3.86
N GLU A 168 -7.85 -22.64 5.00
CA GLU A 168 -6.85 -23.71 5.04
C GLU A 168 -7.32 -25.07 5.56
N VAL A 169 -8.48 -25.10 6.21
CA VAL A 169 -8.98 -26.33 6.84
C VAL A 169 -10.27 -26.85 6.19
N PHE A 170 -11.38 -26.14 6.40
CA PHE A 170 -12.69 -26.64 5.98
C PHE A 170 -13.12 -26.23 4.57
N SER A 171 -12.37 -25.31 3.95
CA SER A 171 -12.66 -24.82 2.59
C SER A 171 -14.09 -24.27 2.44
N ALA A 172 -14.65 -23.80 3.56
CA ALA A 172 -15.98 -23.22 3.61
C ALA A 172 -16.12 -22.29 4.81
N TYR A 173 -17.18 -21.48 4.81
CA TYR A 173 -17.46 -20.58 5.94
C TYR A 173 -18.22 -21.32 7.04
N SER A 174 -18.99 -22.33 6.65
CA SER A 174 -19.84 -23.08 7.55
C SER A 174 -19.05 -23.94 8.54
N ALA A 175 -19.34 -23.77 9.82
CA ALA A 175 -18.87 -24.67 10.87
C ALA A 175 -20.07 -25.27 11.62
N LEU A 176 -21.10 -25.62 10.85
CA LEU A 176 -22.30 -26.29 11.35
C LEU A 176 -22.47 -27.63 10.66
N TRP A 177 -22.87 -28.65 11.42
CA TRP A 177 -23.07 -29.98 10.87
C TRP A 177 -24.37 -30.62 11.36
N TRP A 178 -25.31 -30.80 10.43
CA TRP A 178 -26.59 -31.42 10.72
C TRP A 178 -26.47 -32.94 10.78
N SER A 179 -27.22 -33.55 11.70
CA SER A 179 -27.36 -35.00 11.76
C SER A 179 -28.36 -35.45 10.68
N PRO A 180 -28.21 -36.70 10.17
CA PRO A 180 -29.02 -37.20 9.04
C PRO A 180 -30.54 -37.03 9.19
N ASN A 181 -31.03 -37.04 10.43
CA ASN A 181 -32.45 -36.85 10.72
C ASN A 181 -32.80 -35.37 10.83
N GLY A 182 -31.97 -34.62 11.53
CA GLY A 182 -32.24 -33.23 11.87
C GLY A 182 -32.38 -33.08 13.37
N THR A 183 -31.97 -34.12 14.09
CA THR A 183 -32.09 -34.20 15.54
C THR A 183 -31.03 -33.35 16.23
N PHE A 184 -29.79 -33.48 15.77
CA PHE A 184 -28.65 -32.79 16.38
C PHE A 184 -28.03 -31.75 15.45
N LEU A 185 -27.55 -30.66 16.04
CA LEU A 185 -26.80 -29.64 15.33
C LEU A 185 -25.39 -29.55 15.92
N ALA A 186 -24.46 -30.25 15.28
CA ALA A 186 -23.05 -30.22 15.67
C ALA A 186 -22.41 -28.92 15.19
N TYR A 187 -21.61 -28.29 16.06
CA TYR A 187 -20.95 -27.04 15.70
C TYR A 187 -19.60 -26.86 16.38
N ALA A 188 -18.75 -26.05 15.76
CA ALA A 188 -17.43 -25.75 16.28
C ALA A 188 -17.35 -24.31 16.77
N GLN A 189 -16.53 -24.09 17.80
CA GLN A 189 -16.28 -22.76 18.34
C GLN A 189 -14.81 -22.42 18.20
N PHE A 190 -14.53 -21.22 17.68
CA PHE A 190 -13.15 -20.78 17.46
C PHE A 190 -12.81 -19.56 18.30
N ASN A 191 -11.73 -19.68 19.07
CA ASN A 191 -11.25 -18.61 19.92
C ASN A 191 -10.02 -17.95 19.32
N ASP A 192 -10.15 -16.68 18.92
CA ASP A 192 -9.07 -15.94 18.27
C ASP A 192 -8.48 -14.86 19.17
N THR A 193 -8.67 -15.00 20.48
CA THR A 193 -8.29 -13.97 21.46
C THR A 193 -6.84 -13.53 21.34
N GLU A 194 -5.93 -14.49 21.31
CA GLU A 194 -4.50 -14.19 21.25
C GLU A 194 -3.90 -14.30 19.84
N VAL A 195 -4.76 -14.47 18.85
CA VAL A 195 -4.35 -14.48 17.45
C VAL A 195 -4.01 -13.06 17.00
N PRO A 196 -2.79 -12.86 16.43
CA PRO A 196 -2.34 -11.54 16.00
C PRO A 196 -3.14 -11.00 14.81
N LEU A 197 -3.22 -9.67 14.71
CA LEU A 197 -3.98 -9.03 13.64
C LEU A 197 -3.11 -8.64 12.45
N ILE A 198 -3.61 -8.89 11.24
CA ILE A 198 -3.04 -8.30 10.04
C ILE A 198 -3.82 -7.04 9.71
N GLU A 199 -3.10 -5.94 9.48
CA GLU A 199 -3.73 -4.64 9.25
C GLU A 199 -3.32 -4.04 7.91
N TYR A 200 -4.31 -3.77 7.05
CA TYR A 200 -4.05 -3.11 5.78
C TYR A 200 -5.10 -2.04 5.46
N SER A 201 -4.74 -1.11 4.58
CA SER A 201 -5.64 -0.03 4.18
C SER A 201 -6.63 -0.46 3.11
N PHE A 202 -7.83 0.11 3.20
CA PHE A 202 -8.86 -0.01 2.17
C PHE A 202 -9.33 1.40 1.84
N TYR A 203 -9.43 1.70 0.55
CA TYR A 203 -9.59 3.08 0.11
C TYR A 203 -11.01 3.41 -0.33
N SER A 204 -11.77 2.37 -0.66
CA SER A 204 -13.18 2.49 -1.06
C SER A 204 -13.38 3.51 -2.18
N ASP A 205 -14.56 4.13 -2.23
CA ASP A 205 -14.85 5.17 -3.22
C ASP A 205 -13.98 6.39 -3.01
N GLU A 206 -13.80 7.14 -4.09
CA GLU A 206 -13.09 8.41 -4.09
C GLU A 206 -13.67 9.37 -3.03
N SER A 207 -14.93 9.15 -2.67
CA SER A 207 -15.64 9.97 -1.69
C SER A 207 -15.09 9.82 -0.28
N LEU A 208 -14.67 8.61 0.07
CA LEU A 208 -14.12 8.32 1.40
C LEU A 208 -12.83 9.10 1.66
N GLN A 209 -12.88 10.00 2.64
CA GLN A 209 -11.78 10.93 2.91
C GLN A 209 -10.61 10.28 3.64
N TYR A 210 -10.88 9.46 4.64
CA TYR A 210 -9.85 8.73 5.38
C TYR A 210 -9.92 7.24 5.08
N PRO A 211 -8.79 6.65 4.64
CA PRO A 211 -8.76 5.22 4.34
C PRO A 211 -9.05 4.37 5.58
N LYS A 212 -9.88 3.34 5.43
CA LYS A 212 -10.20 2.42 6.51
C LYS A 212 -9.11 1.37 6.67
N THR A 213 -8.68 1.14 7.91
CA THR A 213 -7.75 0.05 8.20
C THR A 213 -8.54 -1.22 8.49
N VAL A 214 -8.25 -2.27 7.74
CA VAL A 214 -8.91 -3.56 7.91
C VAL A 214 -8.06 -4.44 8.84
N ARG A 215 -8.66 -4.87 9.94
CA ARG A 215 -8.01 -5.75 10.91
C ARG A 215 -8.58 -7.16 10.82
N VAL A 216 -7.70 -8.14 10.66
CA VAL A 216 -8.11 -9.54 10.53
C VAL A 216 -7.21 -10.42 11.41
N PRO A 217 -7.83 -11.26 12.27
CA PRO A 217 -7.07 -12.23 13.04
C PRO A 217 -6.44 -13.26 12.11
N TYR A 218 -5.11 -13.22 12.03
CA TYR A 218 -4.36 -13.98 11.04
C TYR A 218 -3.10 -14.56 11.68
N PRO A 219 -3.05 -15.89 11.85
CA PRO A 219 -1.86 -16.51 12.42
C PRO A 219 -0.83 -16.86 11.34
N LYS A 220 0.27 -16.11 11.32
CA LYS A 220 1.39 -16.39 10.41
C LYS A 220 2.22 -17.57 10.93
N ALA A 221 3.23 -17.97 10.18
CA ALA A 221 4.04 -19.15 10.55
C ALA A 221 4.67 -19.02 11.93
N GLY A 222 4.28 -19.91 12.84
CA GLY A 222 4.84 -19.94 14.19
C GLY A 222 4.11 -19.09 15.21
N ALA A 223 3.17 -18.26 14.75
CA ALA A 223 2.42 -17.37 15.64
C ALA A 223 1.33 -18.12 16.40
N VAL A 224 0.66 -17.42 17.32
CA VAL A 224 -0.39 -18.00 18.15
C VAL A 224 -1.62 -18.39 17.33
N ASN A 225 -1.92 -19.69 17.34
CA ASN A 225 -3.06 -20.25 16.61
C ASN A 225 -4.38 -20.10 17.37
N PRO A 226 -5.52 -20.15 16.66
CA PRO A 226 -6.81 -20.17 17.34
C PRO A 226 -7.08 -21.53 17.97
N THR A 227 -7.80 -21.53 19.09
CA THR A 227 -8.22 -22.77 19.75
C THR A 227 -9.61 -23.16 19.29
N VAL A 228 -9.91 -24.46 19.36
CA VAL A 228 -11.17 -25.00 18.87
C VAL A 228 -11.90 -25.83 19.93
N LYS A 229 -13.21 -25.61 20.03
CA LYS A 229 -14.08 -26.41 20.90
C LYS A 229 -15.28 -26.92 20.11
N PHE A 230 -15.63 -28.19 20.32
CA PHE A 230 -16.73 -28.81 19.59
C PHE A 230 -17.94 -29.09 20.49
N PHE A 231 -19.12 -28.67 20.03
CA PHE A 231 -20.35 -28.84 20.79
C PHE A 231 -21.45 -29.49 19.94
N VAL A 232 -22.36 -30.21 20.59
CA VAL A 232 -23.55 -30.77 19.95
C VAL A 232 -24.79 -30.45 20.79
N VAL A 233 -25.85 -30.00 20.12
CA VAL A 233 -27.09 -29.63 20.79
C VAL A 233 -28.29 -30.37 20.19
N ASN A 234 -29.30 -30.63 21.03
CA ASN A 234 -30.55 -31.25 20.58
C ASN A 234 -31.54 -30.20 20.08
N THR A 235 -31.93 -30.33 18.81
CA THR A 235 -32.79 -29.35 18.16
C THR A 235 -34.28 -29.53 18.47
N ASP A 236 -34.63 -30.68 19.03
CA ASP A 236 -36.03 -31.00 19.34
C ASP A 236 -36.48 -30.46 20.69
N SER A 237 -35.68 -30.75 21.73
CA SER A 237 -35.99 -30.31 23.09
C SER A 237 -35.50 -28.89 23.37
N LEU A 238 -35.97 -27.93 22.58
CA LEU A 238 -35.59 -26.53 22.72
C LEU A 238 -36.63 -25.75 23.52
N SER A 239 -36.30 -25.44 24.77
CA SER A 239 -37.19 -24.72 25.66
C SER A 239 -37.24 -23.23 25.33
N SER A 240 -38.46 -22.70 25.23
CA SER A 240 -38.67 -21.28 24.96
C SER A 240 -38.44 -20.42 26.21
N VAL A 241 -38.10 -21.07 27.32
CA VAL A 241 -37.90 -20.39 28.60
C VAL A 241 -36.56 -20.75 29.26
N THR A 242 -35.80 -21.63 28.62
CA THR A 242 -34.47 -22.02 29.12
C THR A 242 -33.45 -22.04 27.99
N ASN A 243 -32.25 -21.51 28.27
CA ASN A 243 -31.13 -21.52 27.33
C ASN A 243 -30.69 -22.94 27.00
N ALA A 244 -30.55 -23.22 25.70
CA ALA A 244 -30.24 -24.56 25.19
C ALA A 244 -28.92 -25.11 25.76
N THR A 245 -28.93 -26.41 26.08
CA THR A 245 -27.76 -27.08 26.63
C THR A 245 -26.95 -27.75 25.51
N SER A 246 -25.75 -27.24 25.29
CA SER A 246 -24.85 -27.79 24.29
C SER A 246 -23.80 -28.69 24.95
N ILE A 247 -23.80 -29.96 24.57
CA ILE A 247 -22.86 -30.93 25.14
C ILE A 247 -21.51 -30.84 24.41
N GLN A 248 -20.47 -30.50 25.16
CA GLN A 248 -19.13 -30.38 24.61
C GLN A 248 -18.46 -31.74 24.45
N ILE A 249 -17.89 -31.98 23.27
CA ILE A 249 -17.01 -33.12 23.05
C ILE A 249 -15.58 -32.57 23.05
N THR A 250 -14.73 -33.18 23.88
CA THR A 250 -13.33 -32.76 23.97
C THR A 250 -12.45 -33.62 23.07
N ALA A 251 -11.28 -33.09 22.73
CA ALA A 251 -10.29 -33.81 21.92
C ALA A 251 -9.57 -34.86 22.77
N PRO A 252 -9.03 -35.92 22.14
CA PRO A 252 -8.23 -36.93 22.84
C PRO A 252 -7.05 -36.35 23.61
N ALA A 253 -6.57 -37.10 24.59
CA ALA A 253 -5.45 -36.69 25.44
C ALA A 253 -4.13 -36.57 24.67
N SER A 254 -4.00 -37.36 23.60
CA SER A 254 -2.84 -37.31 22.71
C SER A 254 -2.79 -36.02 21.88
N MET A 255 -3.92 -35.31 21.84
CA MET A 255 -4.03 -34.05 21.12
C MET A 255 -3.94 -32.83 22.04
N LEU A 256 -4.45 -32.98 23.26
CA LEU A 256 -4.49 -31.89 24.24
C LEU A 256 -3.12 -31.55 24.84
N ILE A 257 -2.09 -32.28 24.45
CA ILE A 257 -0.72 -32.01 24.89
C ILE A 257 -0.18 -30.69 24.33
N GLY A 258 -0.57 -30.35 23.11
CA GLY A 258 -0.17 -29.10 22.47
C GLY A 258 -1.24 -28.53 21.56
N ASP A 259 -0.81 -27.67 20.62
CA ASP A 259 -1.73 -27.03 19.68
C ASP A 259 -2.30 -28.05 18.70
N HIS A 260 -3.57 -27.89 18.36
CA HIS A 260 -4.27 -28.82 17.48
C HIS A 260 -5.32 -28.15 16.60
N TYR A 261 -5.76 -28.86 15.55
CA TYR A 261 -6.86 -28.41 14.71
C TYR A 261 -7.95 -29.46 14.64
N LEU A 262 -9.20 -29.01 14.55
CA LEU A 262 -10.30 -29.88 14.16
C LEU A 262 -10.36 -29.85 12.63
N CYS A 263 -10.11 -31.00 12.00
CA CYS A 263 -9.93 -31.02 10.55
C CYS A 263 -10.99 -31.82 9.77
N ASP A 264 -11.94 -32.42 10.48
CA ASP A 264 -13.03 -33.15 9.82
C ASP A 264 -14.19 -33.44 10.77
N VAL A 265 -15.41 -33.29 10.25
CA VAL A 265 -16.63 -33.63 10.97
C VAL A 265 -17.57 -34.37 10.01
N THR A 266 -17.77 -35.66 10.27
CA THR A 266 -18.63 -36.49 9.42
C THR A 266 -19.57 -37.35 10.27
N TRP A 267 -20.88 -37.18 10.06
CA TRP A 267 -21.88 -37.98 10.75
C TRP A 267 -21.92 -39.41 10.21
N ALA A 268 -22.02 -40.37 11.12
CA ALA A 268 -22.09 -41.79 10.76
C ALA A 268 -23.54 -42.28 10.72
N THR A 269 -24.23 -42.15 11.84
CA THR A 269 -25.66 -42.48 11.93
C THR A 269 -26.42 -41.34 12.59
N GLN A 270 -27.60 -41.66 13.14
CA GLN A 270 -28.46 -40.68 13.79
C GLN A 270 -27.93 -40.26 15.16
N GLU A 271 -27.09 -41.11 15.75
CA GLU A 271 -26.50 -40.85 17.07
C GLU A 271 -24.99 -41.13 17.11
N ARG A 272 -24.39 -41.30 15.93
CA ARG A 272 -22.97 -41.56 15.82
C ARG A 272 -22.29 -40.50 14.94
N ILE A 273 -21.28 -39.84 15.50
CA ILE A 273 -20.55 -38.78 14.80
C ILE A 273 -19.04 -39.02 14.80
N SER A 274 -18.42 -38.84 13.64
CA SER A 274 -16.98 -38.96 13.50
C SER A 274 -16.31 -37.59 13.52
N LEU A 275 -15.23 -37.49 14.28
CA LEU A 275 -14.42 -36.28 14.35
C LEU A 275 -12.97 -36.63 14.05
N GLN A 276 -12.25 -35.72 13.40
CA GLN A 276 -10.83 -35.91 13.14
C GLN A 276 -10.02 -34.72 13.64
N TRP A 277 -9.00 -35.02 14.45
CA TRP A 277 -8.15 -34.01 15.05
C TRP A 277 -6.74 -34.10 14.48
N LEU A 278 -6.04 -32.97 14.47
CA LEU A 278 -4.73 -32.88 13.86
C LEU A 278 -3.77 -32.03 14.70
N ARG A 279 -2.59 -32.56 14.97
CA ARG A 279 -1.55 -31.83 15.70
C ARG A 279 -1.01 -30.68 14.85
N ARG A 280 -0.55 -29.61 15.51
CA ARG A 280 0.03 -28.46 14.82
C ARG A 280 1.13 -28.88 13.86
N ILE A 281 2.03 -29.75 14.33
CA ILE A 281 2.92 -30.49 13.46
C ILE A 281 2.04 -31.56 12.82
N GLN A 282 1.69 -31.35 11.56
CA GLN A 282 0.61 -32.09 10.90
C GLN A 282 1.00 -33.46 10.35
N ASN A 283 1.80 -34.19 11.12
CA ASN A 283 2.19 -35.55 10.76
C ASN A 283 1.52 -36.62 11.63
N TYR A 284 0.56 -36.20 12.45
CA TYR A 284 -0.16 -37.10 13.35
C TYR A 284 -1.64 -36.72 13.44
N SER A 285 -2.51 -37.69 13.17
CA SER A 285 -3.96 -37.48 13.18
C SER A 285 -4.69 -38.58 13.94
N VAL A 286 -5.77 -38.20 14.63
CA VAL A 286 -6.59 -39.15 15.39
C VAL A 286 -8.08 -38.94 15.09
N MET A 287 -8.79 -40.04 14.81
CA MET A 287 -10.23 -40.00 14.61
C MET A 287 -10.99 -40.50 15.84
N ASP A 288 -12.06 -39.78 16.18
CA ASP A 288 -12.97 -40.19 17.26
C ASP A 288 -14.32 -40.61 16.69
N ILE A 289 -14.88 -41.69 17.25
CA ILE A 289 -16.24 -42.11 16.92
C ILE A 289 -17.08 -41.98 18.17
N CYS A 290 -17.99 -41.02 18.16
CA CYS A 290 -18.74 -40.64 19.35
C CYS A 290 -20.22 -41.02 19.29
N ASP A 291 -20.64 -41.87 20.22
CA ASP A 291 -22.03 -42.28 20.34
C ASP A 291 -22.79 -41.46 21.37
N TYR A 292 -24.11 -41.40 21.21
CA TYR A 292 -24.96 -40.68 22.14
C TYR A 292 -25.51 -41.62 23.22
N ASP A 293 -25.11 -41.36 24.46
CA ASP A 293 -25.62 -42.11 25.61
C ASP A 293 -27.03 -41.61 25.92
N GLU A 294 -28.02 -42.41 25.50
CA GLU A 294 -29.43 -42.00 25.50
C GLU A 294 -29.99 -41.75 26.91
N SER A 295 -29.37 -42.36 27.91
CA SER A 295 -29.80 -42.20 29.31
C SER A 295 -29.31 -40.89 29.92
N SER A 296 -28.00 -40.66 29.86
CA SER A 296 -27.38 -39.48 30.48
C SER A 296 -27.48 -38.22 29.63
N GLY A 297 -27.62 -38.40 28.31
CA GLY A 297 -27.68 -37.28 27.37
C GLY A 297 -26.31 -36.76 26.98
N ARG A 298 -25.26 -37.45 27.43
CA ARG A 298 -23.88 -37.08 27.14
C ARG A 298 -23.39 -37.72 25.84
N TRP A 299 -22.20 -37.32 25.41
CA TRP A 299 -21.57 -37.90 24.22
C TRP A 299 -20.29 -38.64 24.60
N ASN A 300 -20.20 -39.90 24.16
CA ASN A 300 -19.07 -40.77 24.52
C ASN A 300 -18.31 -41.31 23.31
N CYS A 301 -17.02 -40.99 23.25
CA CYS A 301 -16.15 -41.46 22.19
C CYS A 301 -15.19 -42.51 22.75
N LEU A 302 -15.34 -43.75 22.31
CA LEU A 302 -14.60 -44.88 22.87
C LEU A 302 -13.13 -44.91 22.44
N VAL A 303 -12.27 -45.23 23.40
CA VAL A 303 -10.81 -45.31 23.21
C VAL A 303 -10.44 -46.47 22.29
N ALA A 304 -11.25 -47.52 22.32
CA ALA A 304 -11.05 -48.69 21.46
C ALA A 304 -11.63 -48.47 20.05
N ARG A 305 -12.14 -47.26 19.81
CA ARG A 305 -12.71 -46.90 18.52
C ARG A 305 -11.88 -45.85 17.78
N GLN A 306 -10.78 -45.42 18.41
CA GLN A 306 -9.91 -44.41 17.83
C GLN A 306 -9.01 -44.98 16.75
N HIS A 307 -8.90 -44.24 15.63
CA HIS A 307 -8.03 -44.63 14.52
C HIS A 307 -6.97 -43.56 14.26
N ILE A 308 -5.72 -44.01 14.14
CA ILE A 308 -4.59 -43.11 14.05
C ILE A 308 -4.03 -43.06 12.63
N GLU A 309 -3.79 -41.85 12.14
CA GLU A 309 -3.10 -41.62 10.87
C GLU A 309 -1.83 -40.82 11.08
N MET A 310 -0.72 -41.35 10.60
CA MET A 310 0.57 -40.68 10.75
C MET A 310 1.50 -40.94 9.56
N SER A 311 2.47 -40.05 9.39
CA SER A 311 3.49 -40.20 8.37
C SER A 311 4.84 -39.69 8.87
N THR A 312 5.90 -40.39 8.51
CA THR A 312 7.26 -40.00 8.87
C THR A 312 7.96 -39.36 7.67
N THR A 313 7.36 -39.49 6.49
CA THR A 313 7.91 -38.93 5.25
C THR A 313 7.32 -37.55 4.93
N GLY A 314 6.24 -37.18 5.62
CA GLY A 314 5.62 -35.86 5.42
C GLY A 314 4.37 -35.64 6.24
N TRP A 315 3.38 -34.97 5.63
CA TRP A 315 2.14 -34.57 6.29
C TRP A 315 1.00 -35.55 6.02
N VAL A 316 -0.01 -35.54 6.89
CA VAL A 316 -1.17 -36.43 6.80
C VAL A 316 -2.21 -35.89 5.80
N GLY A 317 -2.50 -36.69 4.77
CA GLY A 317 -3.48 -36.32 3.76
C GLY A 317 -2.90 -35.51 2.62
N ARG A 318 -3.74 -35.18 1.64
CA ARG A 318 -3.32 -34.34 0.52
C ARG A 318 -3.20 -32.89 0.97
N PHE A 319 -4.29 -32.35 1.49
CA PHE A 319 -4.29 -31.04 2.14
C PHE A 319 -4.76 -31.18 3.58
N ARG A 320 -5.50 -32.26 3.84
CA ARG A 320 -5.92 -32.67 5.18
C ARG A 320 -6.36 -34.14 5.13
N PRO A 321 -6.47 -34.80 6.30
CA PRO A 321 -6.98 -36.16 6.33
C PRO A 321 -8.35 -36.26 5.65
N SER A 322 -8.53 -37.29 4.82
CA SER A 322 -9.76 -37.47 4.04
C SER A 322 -10.98 -37.75 4.92
N GLU A 323 -12.16 -37.53 4.36
CA GLU A 323 -13.41 -37.78 5.07
C GLU A 323 -13.78 -39.27 5.01
N PRO A 324 -14.32 -39.81 6.12
CA PRO A 324 -14.76 -41.21 6.13
C PRO A 324 -16.13 -41.37 5.45
N HIS A 325 -16.35 -42.55 4.86
CA HIS A 325 -17.63 -42.88 4.25
C HIS A 325 -18.25 -44.11 4.92
N PHE A 326 -19.22 -43.87 5.79
CA PHE A 326 -19.83 -44.91 6.61
C PHE A 326 -20.89 -45.72 5.88
N THR A 327 -20.96 -47.02 6.18
CA THR A 327 -22.01 -47.90 5.67
C THR A 327 -23.32 -47.60 6.39
N LEU A 328 -24.43 -48.05 5.80
CA LEU A 328 -25.79 -47.74 6.29
C LEU A 328 -25.97 -47.97 7.81
N ASP A 329 -25.46 -49.09 8.32
CA ASP A 329 -25.55 -49.41 9.73
C ASP A 329 -24.63 -48.54 10.60
N GLY A 330 -23.52 -48.12 10.02
CA GLY A 330 -22.57 -47.23 10.70
C GLY A 330 -21.55 -47.93 11.57
N ASN A 331 -21.27 -49.20 11.26
CA ASN A 331 -20.29 -50.00 12.01
C ASN A 331 -18.95 -50.14 11.28
N SER A 332 -18.89 -49.68 10.04
CA SER A 332 -17.68 -49.72 9.23
C SER A 332 -17.63 -48.57 8.23
N PHE A 333 -16.44 -48.03 8.01
CA PHE A 333 -16.26 -46.89 7.11
C PHE A 333 -15.15 -47.07 6.09
N TYR A 334 -15.33 -46.44 4.93
CA TYR A 334 -14.33 -46.42 3.87
C TYR A 334 -13.59 -45.10 3.87
N LYS A 335 -12.27 -45.15 3.65
CA LYS A 335 -11.43 -43.96 3.74
C LYS A 335 -10.21 -44.09 2.82
N ILE A 336 -9.82 -42.99 2.20
CA ILE A 336 -8.62 -42.96 1.35
C ILE A 336 -7.37 -42.77 2.20
N ILE A 337 -6.51 -43.77 2.21
CA ILE A 337 -5.25 -43.75 2.96
C ILE A 337 -4.08 -44.03 2.02
N SER A 338 -2.93 -43.42 2.31
CA SER A 338 -1.70 -43.70 1.59
C SER A 338 -1.16 -45.06 2.05
N ASN A 339 -1.01 -45.97 1.09
CA ASN A 339 -0.52 -47.33 1.40
C ASN A 339 0.99 -47.37 1.67
N GLU A 340 1.52 -48.59 1.85
CA GLU A 340 2.93 -48.79 2.18
C GLU A 340 3.89 -48.33 1.07
N GLU A 341 3.40 -48.32 -0.17
CA GLU A 341 4.19 -47.83 -1.31
C GLU A 341 3.98 -46.34 -1.57
N GLY A 342 3.04 -45.74 -0.84
CA GLY A 342 2.80 -44.30 -0.89
C GLY A 342 1.67 -43.85 -1.80
N TYR A 343 0.84 -44.80 -2.23
CA TYR A 343 -0.27 -44.49 -3.13
C TYR A 343 -1.61 -44.47 -2.38
N ARG A 344 -2.42 -43.47 -2.68
CA ARG A 344 -3.64 -43.20 -1.92
C ARG A 344 -4.85 -43.98 -2.45
N HIS A 345 -5.25 -44.98 -1.68
CA HIS A 345 -6.34 -45.88 -2.05
C HIS A 345 -7.34 -46.06 -0.91
N ILE A 346 -8.50 -46.65 -1.25
CA ILE A 346 -9.58 -46.86 -0.28
C ILE A 346 -9.24 -48.00 0.68
N CYS A 347 -9.21 -47.68 1.97
CA CYS A 347 -8.97 -48.69 3.00
C CYS A 347 -10.26 -48.91 3.80
N TYR A 348 -10.67 -50.16 3.91
CA TYR A 348 -11.92 -50.53 4.59
C TYR A 348 -11.68 -50.76 6.08
N PHE A 349 -12.23 -49.88 6.89
CA PHE A 349 -12.04 -49.89 8.34
C PHE A 349 -13.18 -50.58 9.07
N GLN A 350 -12.86 -51.18 10.21
CA GLN A 350 -13.85 -51.65 11.16
C GLN A 350 -13.78 -50.78 12.41
N ILE A 351 -14.94 -50.32 12.89
CA ILE A 351 -15.04 -49.40 14.03
C ILE A 351 -14.10 -49.71 15.21
N ASP A 352 -13.94 -51.00 15.52
CA ASP A 352 -13.15 -51.42 16.67
C ASP A 352 -11.73 -51.87 16.30
N LYS A 353 -11.57 -52.33 15.06
CA LYS A 353 -10.30 -52.87 14.59
C LYS A 353 -9.37 -51.78 14.02
N LYS A 354 -8.10 -51.82 14.44
CA LYS A 354 -7.13 -50.80 14.06
C LYS A 354 -6.64 -50.96 12.62
N ASP A 355 -6.37 -52.19 12.21
CA ASP A 355 -5.94 -52.48 10.84
C ASP A 355 -7.11 -52.38 9.86
N CYS A 356 -6.83 -51.83 8.68
CA CYS A 356 -7.82 -51.74 7.61
C CYS A 356 -7.38 -52.56 6.40
N THR A 357 -8.35 -52.89 5.54
CA THR A 357 -8.07 -53.67 4.33
C THR A 357 -8.28 -52.81 3.08
N PHE A 358 -7.22 -52.70 2.28
CA PHE A 358 -7.28 -51.96 1.01
C PHE A 358 -8.10 -52.71 -0.03
N ILE A 359 -9.07 -52.02 -0.61
CA ILE A 359 -9.92 -52.62 -1.66
C ILE A 359 -9.41 -52.28 -3.06
N THR A 360 -8.50 -51.30 -3.13
CA THR A 360 -7.82 -50.95 -4.39
C THR A 360 -6.31 -50.81 -4.14
N LYS A 361 -5.53 -51.12 -5.17
CA LYS A 361 -4.07 -50.95 -5.13
C LYS A 361 -3.47 -50.79 -6.53
N GLY A 362 -2.27 -50.21 -6.59
CA GLY A 362 -1.57 -50.00 -7.86
C GLY A 362 -0.70 -48.75 -7.88
N THR A 363 -0.09 -48.49 -9.04
CA THR A 363 0.74 -47.30 -9.23
C THR A 363 -0.09 -46.11 -9.74
N TRP A 364 -1.19 -45.88 -9.04
CA TRP A 364 -2.13 -44.79 -9.33
C TRP A 364 -2.86 -44.42 -8.04
N GLU A 365 -3.72 -43.41 -8.08
CA GLU A 365 -4.38 -42.93 -6.87
C GLU A 365 -5.89 -42.73 -7.02
N VAL A 366 -6.62 -42.95 -5.93
CA VAL A 366 -8.04 -42.65 -5.86
C VAL A 366 -8.19 -41.17 -5.53
N ILE A 367 -9.05 -40.48 -6.26
CA ILE A 367 -9.28 -39.03 -6.08
C ILE A 367 -10.30 -38.75 -4.99
N GLY A 368 -11.45 -39.42 -5.07
CA GLY A 368 -12.51 -39.24 -4.08
C GLY A 368 -13.60 -40.29 -4.15
N ILE A 369 -14.12 -40.67 -2.99
CA ILE A 369 -15.27 -41.57 -2.88
C ILE A 369 -16.54 -40.75 -3.03
N GLU A 370 -17.34 -41.10 -4.04
CA GLU A 370 -18.48 -40.27 -4.44
C GLU A 370 -19.81 -40.75 -3.87
N ALA A 371 -20.06 -42.05 -3.93
CA ALA A 371 -21.31 -42.64 -3.44
C ALA A 371 -21.11 -44.05 -2.91
N LEU A 372 -21.92 -44.41 -1.91
CA LEU A 372 -21.86 -45.73 -1.31
C LEU A 372 -23.24 -46.33 -1.11
N THR A 373 -23.50 -47.45 -1.79
CA THR A 373 -24.72 -48.23 -1.59
C THR A 373 -24.39 -49.49 -0.81
N SER A 374 -25.38 -50.36 -0.62
CA SER A 374 -25.16 -51.66 0.02
C SER A 374 -24.51 -52.64 -0.93
N ASP A 375 -24.50 -52.30 -2.22
CA ASP A 375 -23.93 -53.15 -3.27
C ASP A 375 -22.61 -52.61 -3.83
N TYR A 376 -22.57 -51.29 -4.09
CA TYR A 376 -21.44 -50.67 -4.77
C TYR A 376 -20.87 -49.45 -4.07
N LEU A 377 -19.56 -49.26 -4.25
CA LEU A 377 -18.88 -48.01 -3.88
C LEU A 377 -18.38 -47.36 -5.17
N TYR A 378 -18.72 -46.09 -5.34
CA TYR A 378 -18.34 -45.35 -6.55
C TYR A 378 -17.20 -44.39 -6.23
N TYR A 379 -16.12 -44.48 -7.03
CA TYR A 379 -14.95 -43.62 -6.84
C TYR A 379 -14.39 -43.10 -8.16
N ILE A 380 -13.64 -42.00 -8.08
CA ILE A 380 -12.93 -41.44 -9.23
C ILE A 380 -11.42 -41.65 -9.04
N SER A 381 -10.75 -42.10 -10.10
CA SER A 381 -9.31 -42.34 -10.06
C SER A 381 -8.62 -42.01 -11.37
N ASN A 382 -7.30 -41.86 -11.32
CA ASN A 382 -6.48 -41.55 -12.49
C ASN A 382 -5.79 -42.80 -13.07
N GLU A 383 -6.46 -43.94 -12.95
CA GLU A 383 -5.90 -45.23 -13.34
C GLU A 383 -5.84 -45.42 -14.86
N TYR A 384 -6.93 -45.08 -15.55
CA TYR A 384 -7.08 -45.34 -16.98
C TYR A 384 -5.90 -44.89 -17.81
N LYS A 385 -5.29 -45.85 -18.50
CA LYS A 385 -4.10 -45.64 -19.37
C LYS A 385 -2.86 -45.09 -18.65
N GLY A 386 -2.88 -45.17 -17.32
CA GLY A 386 -1.77 -44.71 -16.48
C GLY A 386 -1.50 -43.21 -16.59
N MET A 387 -2.57 -42.43 -16.77
CA MET A 387 -2.46 -40.98 -16.88
C MET A 387 -2.97 -40.29 -15.62
N PRO A 388 -2.06 -39.64 -14.87
CA PRO A 388 -2.40 -38.92 -13.64
C PRO A 388 -3.27 -37.69 -13.89
N GLY A 389 -3.15 -37.10 -15.08
CA GLY A 389 -3.96 -35.95 -15.46
C GLY A 389 -5.35 -36.28 -15.95
N GLY A 390 -5.75 -37.54 -15.79
CA GLY A 390 -7.08 -38.00 -16.20
C GLY A 390 -7.98 -38.35 -15.01
N ARG A 391 -9.29 -38.26 -15.23
CA ARG A 391 -10.27 -38.58 -14.21
C ARG A 391 -11.36 -39.49 -14.78
N ASN A 392 -11.62 -40.60 -14.11
CA ASN A 392 -12.65 -41.54 -14.54
C ASN A 392 -13.45 -42.16 -13.40
N LEU A 393 -14.75 -42.35 -13.63
CA LEU A 393 -15.64 -42.96 -12.66
C LEU A 393 -15.56 -44.49 -12.72
N TYR A 394 -15.19 -45.09 -11.59
CA TYR A 394 -15.14 -46.53 -11.43
C TYR A 394 -16.15 -46.98 -10.39
N LYS A 395 -16.64 -48.21 -10.53
CA LYS A 395 -17.46 -48.82 -9.49
C LYS A 395 -16.84 -50.14 -9.01
N ILE A 396 -16.93 -50.39 -7.72
CA ILE A 396 -16.38 -51.60 -7.12
C ILE A 396 -17.46 -52.39 -6.40
N GLN A 397 -17.46 -53.70 -6.62
CA GLN A 397 -18.40 -54.62 -5.99
C GLN A 397 -17.96 -54.89 -4.55
N LEU A 398 -18.85 -54.63 -3.60
CA LEU A 398 -18.53 -54.77 -2.17
C LEU A 398 -18.40 -56.24 -1.77
N SER A 399 -19.09 -57.11 -2.48
CA SER A 399 -19.03 -58.56 -2.24
C SER A 399 -17.80 -59.21 -2.87
N ASP A 400 -17.24 -58.54 -3.88
CA ASP A 400 -16.06 -59.05 -4.60
C ASP A 400 -15.16 -57.90 -5.03
N TYR A 401 -14.05 -57.72 -4.31
CA TYR A 401 -13.14 -56.59 -4.52
C TYR A 401 -12.30 -56.66 -5.81
N THR A 402 -12.30 -57.82 -6.46
CA THR A 402 -11.59 -58.00 -7.72
C THR A 402 -12.47 -57.64 -8.93
N LYS A 403 -13.70 -57.22 -8.67
CA LYS A 403 -14.66 -56.87 -9.70
C LYS A 403 -14.81 -55.36 -9.83
N VAL A 404 -13.96 -54.74 -10.65
CA VAL A 404 -13.99 -53.29 -10.86
C VAL A 404 -14.41 -52.95 -12.28
N THR A 405 -15.38 -52.05 -12.41
CA THR A 405 -15.89 -51.62 -13.71
C THR A 405 -15.74 -50.12 -13.88
N CYS A 406 -15.12 -49.71 -14.98
CA CYS A 406 -15.07 -48.30 -15.32
C CYS A 406 -16.30 -47.91 -16.13
N LEU A 407 -17.07 -46.96 -15.61
CA LEU A 407 -18.35 -46.58 -16.21
C LEU A 407 -18.20 -45.45 -17.23
N SER A 408 -17.02 -44.82 -17.27
CA SER A 408 -16.80 -43.63 -18.09
C SER A 408 -15.67 -43.77 -19.11
N CYS A 409 -14.76 -44.70 -18.85
CA CYS A 409 -13.53 -44.88 -19.64
C CYS A 409 -13.73 -44.93 -21.16
N GLU A 410 -14.76 -45.65 -21.59
CA GLU A 410 -14.95 -45.94 -23.02
C GLU A 410 -16.12 -45.21 -23.67
N LEU A 411 -16.76 -44.32 -22.93
CA LEU A 411 -17.94 -43.58 -23.44
C LEU A 411 -17.60 -42.72 -24.65
N ASN A 412 -16.60 -41.84 -24.50
CA ASN A 412 -16.09 -41.02 -25.60
C ASN A 412 -14.58 -40.82 -25.47
N PRO A 413 -13.80 -41.91 -25.62
CA PRO A 413 -12.36 -41.94 -25.26
C PRO A 413 -11.53 -40.80 -25.85
N GLU A 414 -11.90 -40.32 -27.03
CA GLU A 414 -11.17 -39.22 -27.69
C GLU A 414 -11.55 -37.86 -27.13
N ARG A 415 -12.85 -37.66 -26.90
CA ARG A 415 -13.38 -36.39 -26.42
C ARG A 415 -13.29 -36.23 -24.91
N CYS A 416 -13.41 -37.33 -24.18
CA CYS A 416 -13.56 -37.29 -22.72
C CYS A 416 -12.55 -38.13 -21.95
N GLN A 417 -11.75 -37.46 -21.13
CA GLN A 417 -10.75 -38.11 -20.27
C GLN A 417 -10.75 -37.53 -18.85
N TYR A 418 -11.61 -36.54 -18.62
CA TYR A 418 -11.71 -35.88 -17.32
C TYR A 418 -13.18 -35.84 -16.87
N TYR A 419 -13.49 -36.59 -15.82
CA TYR A 419 -14.86 -36.74 -15.34
C TYR A 419 -15.03 -36.36 -13.87
N SER A 420 -16.14 -35.70 -13.57
CA SER A 420 -16.63 -35.56 -12.20
C SER A 420 -18.10 -35.96 -12.20
N VAL A 421 -18.58 -36.51 -11.08
CA VAL A 421 -19.90 -37.12 -11.04
C VAL A 421 -20.79 -36.62 -9.89
N SER A 422 -22.08 -36.50 -10.18
CA SER A 422 -23.08 -36.11 -9.18
C SER A 422 -24.16 -37.18 -9.05
N PHE A 423 -24.28 -37.74 -7.85
CA PHE A 423 -25.21 -38.84 -7.59
C PHE A 423 -26.52 -38.39 -6.93
N SER A 424 -27.60 -39.10 -7.23
CA SER A 424 -28.89 -38.89 -6.58
C SER A 424 -28.89 -39.54 -5.20
N LYS A 425 -29.99 -39.34 -4.46
CA LYS A 425 -30.15 -39.94 -3.14
C LYS A 425 -30.07 -41.46 -3.24
N GLU A 426 -29.23 -42.06 -2.40
CA GLU A 426 -28.94 -43.50 -2.41
C GLU A 426 -28.38 -44.02 -3.74
N ALA A 427 -27.78 -43.12 -4.52
CA ALA A 427 -27.09 -43.44 -5.78
C ALA A 427 -27.90 -44.30 -6.76
N LYS A 428 -29.06 -43.80 -7.15
CA LYS A 428 -29.92 -44.49 -8.12
C LYS A 428 -29.62 -44.02 -9.54
N TYR A 429 -29.44 -42.71 -9.69
CA TYR A 429 -29.08 -42.10 -10.97
C TYR A 429 -27.91 -41.14 -10.78
N TYR A 430 -27.08 -41.01 -11.81
CA TYR A 430 -25.92 -40.10 -11.74
C TYR A 430 -25.70 -39.27 -13.00
N GLN A 431 -25.19 -38.06 -12.80
CA GLN A 431 -24.78 -37.19 -13.89
C GLN A 431 -23.26 -37.21 -14.04
N LEU A 432 -22.79 -37.61 -15.20
CA LEU A 432 -21.37 -37.55 -15.53
C LEU A 432 -21.07 -36.26 -16.27
N ARG A 433 -20.16 -35.47 -15.74
CA ARG A 433 -19.74 -34.25 -16.41
C ARG A 433 -18.31 -34.35 -16.95
N CYS A 434 -18.20 -34.23 -18.25
CA CYS A 434 -16.94 -34.29 -18.97
C CYS A 434 -16.42 -32.86 -19.15
N SER A 435 -15.12 -32.67 -19.03
CA SER A 435 -14.53 -31.33 -19.07
C SER A 435 -13.31 -31.21 -19.99
N GLY A 436 -12.93 -32.31 -20.63
CA GLY A 436 -11.81 -32.33 -21.56
C GLY A 436 -11.39 -33.72 -21.99
N PRO A 437 -10.47 -33.82 -22.98
CA PRO A 437 -9.82 -32.73 -23.71
C PRO A 437 -10.70 -32.06 -24.77
N GLY A 438 -11.77 -32.75 -25.16
CA GLY A 438 -12.77 -32.17 -26.06
C GLY A 438 -13.67 -31.22 -25.32
N LEU A 439 -14.69 -30.70 -26.01
CA LEU A 439 -15.66 -29.79 -25.40
C LEU A 439 -16.48 -30.49 -24.32
N PRO A 440 -16.80 -29.78 -23.21
CA PRO A 440 -17.54 -30.33 -22.08
C PRO A 440 -18.82 -31.07 -22.48
N LEU A 441 -19.01 -32.26 -21.89
CA LEU A 441 -20.16 -33.11 -22.20
C LEU A 441 -20.88 -33.55 -20.93
N TYR A 442 -22.15 -33.17 -20.83
CA TYR A 442 -22.97 -33.48 -19.66
C TYR A 442 -24.03 -34.52 -20.01
N THR A 443 -23.92 -35.68 -19.36
CA THR A 443 -24.83 -36.81 -19.64
C THR A 443 -25.46 -37.36 -18.37
N LEU A 444 -26.70 -37.81 -18.48
CA LEU A 444 -27.42 -38.43 -17.38
C LEU A 444 -27.43 -39.94 -17.53
N HIS A 445 -27.15 -40.66 -16.44
CA HIS A 445 -27.03 -42.11 -16.45
C HIS A 445 -27.80 -42.75 -15.29
N SER A 446 -28.15 -44.03 -15.45
CA SER A 446 -28.78 -44.82 -14.39
C SER A 446 -27.80 -45.84 -13.83
N SER A 447 -27.80 -46.00 -12.50
CA SER A 447 -26.86 -46.91 -11.82
C SER A 447 -27.24 -48.38 -11.99
N VAL A 448 -28.53 -48.63 -12.19
CA VAL A 448 -29.08 -50.00 -12.20
C VAL A 448 -28.55 -50.89 -13.34
N ASN A 449 -28.39 -50.32 -14.53
CA ASN A 449 -27.89 -51.06 -15.69
C ASN A 449 -26.86 -50.29 -16.52
N ASP A 450 -26.55 -49.08 -16.07
CA ASP A 450 -25.50 -48.22 -16.64
C ASP A 450 -25.70 -47.84 -18.12
N LYS A 451 -26.96 -47.62 -18.52
CA LYS A 451 -27.24 -47.13 -19.87
C LYS A 451 -27.34 -45.61 -19.90
N GLY A 452 -26.79 -45.01 -20.95
CA GLY A 452 -26.80 -43.55 -21.12
C GLY A 452 -28.15 -43.07 -21.61
N LEU A 453 -28.98 -42.60 -20.66
CA LEU A 453 -30.36 -42.20 -20.94
C LEU A 453 -30.46 -41.07 -21.96
N ARG A 454 -29.88 -39.91 -21.63
CA ARG A 454 -29.92 -38.74 -22.51
C ARG A 454 -28.72 -37.81 -22.33
N VAL A 455 -28.46 -37.00 -23.36
CA VAL A 455 -27.40 -36.00 -23.33
C VAL A 455 -27.98 -34.67 -22.86
N LEU A 456 -27.53 -34.20 -21.69
CA LEU A 456 -28.00 -32.96 -21.10
C LEU A 456 -27.44 -31.73 -21.82
N GLU A 457 -26.11 -31.72 -22.01
CA GLU A 457 -25.42 -30.65 -22.71
C GLU A 457 -24.22 -31.19 -23.48
N ASP A 458 -24.13 -30.82 -24.76
CA ASP A 458 -23.06 -31.32 -25.63
C ASP A 458 -22.18 -30.23 -26.22
N ASN A 459 -22.52 -28.97 -25.93
CA ASN A 459 -21.76 -27.80 -26.39
C ASN A 459 -21.55 -27.71 -27.90
N SER A 460 -22.50 -28.27 -28.65
CA SER A 460 -22.47 -28.23 -30.12
C SER A 460 -22.66 -26.80 -30.63
N ALA A 461 -23.32 -25.96 -29.82
CA ALA A 461 -23.47 -24.54 -30.12
C ALA A 461 -22.11 -23.84 -30.15
N LEU A 462 -21.24 -24.17 -29.19
CA LEU A 462 -19.88 -23.65 -29.14
C LEU A 462 -19.01 -24.26 -30.24
N ASP A 463 -19.25 -25.53 -30.54
CA ASP A 463 -18.52 -26.27 -31.57
C ASP A 463 -18.66 -25.62 -32.95
N LYS A 464 -19.85 -25.14 -33.25
CA LYS A 464 -20.15 -24.45 -34.50
C LYS A 464 -19.36 -23.14 -34.61
N MET A 465 -19.25 -22.43 -33.49
CA MET A 465 -18.53 -21.16 -33.42
C MET A 465 -17.02 -21.34 -33.59
N LEU A 466 -16.48 -22.37 -32.96
CA LEU A 466 -15.03 -22.59 -32.93
C LEU A 466 -14.44 -23.14 -34.23
N GLN A 467 -15.30 -23.63 -35.12
CA GLN A 467 -14.88 -24.11 -36.43
C GLN A 467 -14.41 -22.96 -37.32
N ASN A 468 -14.90 -21.75 -37.03
CA ASN A 468 -14.54 -20.55 -37.76
C ASN A 468 -13.28 -19.88 -37.19
N VAL A 469 -12.80 -20.39 -36.06
CA VAL A 469 -11.67 -19.81 -35.33
C VAL A 469 -10.46 -20.74 -35.36
N GLN A 470 -9.27 -20.17 -35.58
CA GLN A 470 -8.02 -20.92 -35.54
C GLN A 470 -7.61 -21.22 -34.11
N MET A 471 -7.99 -22.40 -33.63
CA MET A 471 -7.75 -22.79 -32.24
C MET A 471 -6.39 -23.46 -32.06
N PRO A 472 -5.75 -23.23 -30.89
CA PRO A 472 -4.51 -23.93 -30.56
C PRO A 472 -4.77 -25.39 -30.19
N SER A 473 -3.74 -26.22 -30.34
CA SER A 473 -3.82 -27.63 -29.95
C SER A 473 -3.14 -27.86 -28.61
N LYS A 474 -3.57 -28.91 -27.90
CA LYS A 474 -3.00 -29.24 -26.60
C LYS A 474 -2.33 -30.60 -26.62
N LYS A 475 -1.06 -30.63 -26.21
CA LYS A 475 -0.31 -31.88 -26.11
C LYS A 475 -0.03 -32.18 -24.64
N LEU A 476 -0.36 -33.41 -24.23
CA LEU A 476 -0.06 -33.89 -22.89
C LEU A 476 0.86 -35.11 -22.98
N ASP A 477 2.10 -34.94 -22.51
CA ASP A 477 3.10 -35.98 -22.58
C ASP A 477 3.95 -35.98 -21.31
N PHE A 478 4.92 -36.88 -21.24
CA PHE A 478 5.84 -36.96 -20.10
C PHE A 478 7.30 -36.89 -20.55
N ILE A 479 8.18 -36.62 -19.59
CA ILE A 479 9.62 -36.76 -19.77
C ILE A 479 10.18 -37.57 -18.60
N ILE A 480 11.23 -38.35 -18.84
CA ILE A 480 11.82 -39.16 -17.78
C ILE A 480 13.01 -38.45 -17.15
N LEU A 481 12.93 -38.24 -15.84
CA LEU A 481 14.02 -37.70 -15.04
C LEU A 481 14.30 -38.62 -13.87
N ASN A 482 15.56 -39.04 -13.74
CA ASN A 482 15.99 -39.97 -12.69
C ASN A 482 15.08 -41.19 -12.51
N GLU A 483 14.77 -41.84 -13.63
CA GLU A 483 13.93 -43.06 -13.67
C GLU A 483 12.47 -42.83 -13.26
N THR A 484 12.02 -41.57 -13.32
CA THR A 484 10.65 -41.23 -12.94
C THR A 484 9.95 -40.42 -14.04
N LYS A 485 8.69 -40.74 -14.30
CA LYS A 485 7.87 -40.00 -15.26
C LYS A 485 7.41 -38.67 -14.65
N PHE A 486 7.60 -37.59 -15.40
CA PHE A 486 7.11 -36.28 -15.00
C PHE A 486 6.32 -35.65 -16.14
N TRP A 487 5.01 -35.49 -15.92
CA TRP A 487 4.10 -35.05 -16.97
C TRP A 487 4.13 -33.55 -17.19
N TYR A 488 4.04 -33.16 -18.46
CA TYR A 488 3.97 -31.76 -18.86
C TYR A 488 2.84 -31.58 -19.85
N GLN A 489 2.40 -30.33 -20.03
CA GLN A 489 1.39 -30.02 -21.04
C GLN A 489 1.75 -28.78 -21.84
N MET A 490 1.42 -28.80 -23.13
CA MET A 490 1.78 -27.70 -24.02
C MET A 490 0.58 -27.18 -24.79
N ILE A 491 0.41 -25.86 -24.75
CA ILE A 491 -0.59 -25.21 -25.59
C ILE A 491 0.13 -24.72 -26.84
N LEU A 492 0.02 -25.51 -27.90
CA LEU A 492 0.74 -25.27 -29.15
C LEU A 492 -0.08 -24.43 -30.12
N PRO A 493 0.56 -23.44 -30.77
CA PRO A 493 -0.11 -22.52 -31.70
C PRO A 493 -0.74 -23.25 -32.89
N PRO A 494 -1.80 -22.67 -33.49
CA PRO A 494 -2.46 -23.28 -34.64
C PRO A 494 -1.48 -23.49 -35.79
N HIS A 495 -1.58 -24.64 -36.45
CA HIS A 495 -0.64 -25.06 -37.50
C HIS A 495 0.80 -25.12 -36.97
N PHE A 496 0.97 -25.86 -35.88
CA PHE A 496 2.25 -25.95 -35.18
C PHE A 496 3.32 -26.64 -36.02
N ASP A 497 4.31 -25.86 -36.45
CA ASP A 497 5.42 -26.38 -37.25
C ASP A 497 6.59 -26.77 -36.35
N LYS A 498 6.81 -28.08 -36.23
CA LYS A 498 7.85 -28.63 -35.34
C LYS A 498 9.28 -28.30 -35.77
N SER A 499 9.43 -27.79 -36.99
CA SER A 499 10.74 -27.42 -37.53
C SER A 499 11.09 -25.96 -37.23
N LYS A 500 10.09 -25.17 -36.83
CA LYS A 500 10.30 -23.75 -36.51
C LYS A 500 10.67 -23.54 -35.03
N LYS A 501 11.07 -22.31 -34.71
CA LYS A 501 11.42 -21.93 -33.34
C LYS A 501 10.38 -20.98 -32.75
N TYR A 502 9.69 -21.45 -31.70
CA TYR A 502 8.65 -20.67 -31.05
C TYR A 502 9.09 -20.12 -29.68
N PRO A 503 8.59 -18.93 -29.29
CA PRO A 503 8.82 -18.47 -27.92
C PRO A 503 7.94 -19.26 -26.94
N LEU A 504 8.48 -19.51 -25.75
CA LEU A 504 7.78 -20.33 -24.75
C LEU A 504 7.55 -19.59 -23.45
N LEU A 505 6.30 -19.62 -22.98
CA LEU A 505 5.94 -19.12 -21.65
C LEU A 505 5.65 -20.28 -20.72
N LEU A 506 6.38 -20.33 -19.60
CA LEU A 506 6.18 -21.38 -18.61
C LEU A 506 5.14 -20.97 -17.58
N ASP A 507 3.95 -21.54 -17.71
CA ASP A 507 2.83 -21.32 -16.79
C ASP A 507 3.05 -22.14 -15.53
N VAL A 508 3.21 -21.47 -14.39
CA VAL A 508 3.69 -22.12 -13.18
C VAL A 508 2.72 -22.03 -12.00
N TYR A 509 2.51 -23.17 -11.34
CA TYR A 509 1.98 -23.19 -9.97
C TYR A 509 2.96 -23.95 -9.07
N ALA A 510 3.08 -25.26 -9.32
CA ALA A 510 4.09 -26.12 -8.67
C ALA A 510 3.97 -26.27 -7.14
N GLY A 511 2.81 -25.90 -6.60
CA GLY A 511 2.54 -26.03 -5.17
C GLY A 511 2.46 -27.49 -4.71
N PRO A 512 2.52 -27.72 -3.39
CA PRO A 512 2.34 -29.07 -2.86
C PRO A 512 0.97 -29.64 -3.22
N CYS A 513 0.98 -30.81 -3.85
CA CYS A 513 -0.23 -31.48 -4.36
C CYS A 513 -0.93 -30.70 -5.48
N SER A 514 -0.15 -30.10 -6.36
CA SER A 514 -0.69 -29.37 -7.51
C SER A 514 -0.70 -30.24 -8.77
N GLN A 515 -1.49 -29.83 -9.76
CA GLN A 515 -1.52 -30.51 -11.05
C GLN A 515 -1.83 -29.52 -12.16
N LYS A 516 -0.78 -29.03 -12.81
CA LYS A 516 -0.92 -28.09 -13.92
C LYS A 516 -1.00 -28.80 -15.27
N ALA A 517 -0.72 -30.10 -15.27
CA ALA A 517 -0.79 -30.91 -16.48
C ALA A 517 -1.93 -31.92 -16.40
N ASP A 518 -3.00 -31.63 -17.14
CA ASP A 518 -4.20 -32.47 -17.16
C ASP A 518 -4.89 -32.49 -18.53
N THR A 519 -6.03 -33.16 -18.61
CA THR A 519 -6.75 -33.30 -19.88
C THR A 519 -7.91 -32.30 -20.02
N VAL A 520 -8.03 -31.38 -19.06
CA VAL A 520 -9.14 -30.42 -19.04
C VAL A 520 -9.09 -29.45 -20.23
N PHE A 521 -10.26 -29.18 -20.81
CA PHE A 521 -10.39 -28.18 -21.86
C PHE A 521 -10.61 -26.81 -21.23
N ARG A 522 -9.79 -25.84 -21.61
CA ARG A 522 -9.87 -24.49 -21.06
C ARG A 522 -9.80 -23.40 -22.12
N LEU A 523 -10.51 -22.31 -21.89
CA LEU A 523 -10.41 -21.12 -22.71
C LEU A 523 -9.92 -19.96 -21.85
N ASN A 524 -8.60 -19.84 -21.75
CA ASN A 524 -7.97 -18.84 -20.88
C ASN A 524 -7.03 -17.90 -21.61
N TRP A 525 -6.12 -17.27 -20.85
CA TRP A 525 -5.12 -16.35 -21.38
C TRP A 525 -4.11 -17.07 -22.25
N ALA A 526 -3.82 -18.33 -21.91
CA ALA A 526 -2.92 -19.18 -22.68
C ALA A 526 -3.44 -19.40 -24.09
N THR A 527 -4.76 -19.58 -24.20
CA THR A 527 -5.42 -19.77 -25.49
C THR A 527 -5.15 -18.60 -26.43
N TYR A 528 -5.22 -17.37 -25.90
CA TYR A 528 -4.92 -16.17 -26.66
C TYR A 528 -3.45 -16.11 -27.10
N LEU A 529 -2.54 -16.42 -26.19
CA LEU A 529 -1.10 -16.31 -26.44
C LEU A 529 -0.60 -17.29 -27.49
N ALA A 530 -1.24 -18.45 -27.57
CA ALA A 530 -0.91 -19.45 -28.59
C ALA A 530 -1.58 -19.14 -29.92
N SER A 531 -2.89 -18.87 -29.88
CA SER A 531 -3.69 -18.63 -31.08
C SER A 531 -3.31 -17.35 -31.83
N THR A 532 -3.05 -16.27 -31.10
CA THR A 532 -2.79 -14.97 -31.71
C THR A 532 -1.30 -14.61 -31.74
N GLU A 533 -0.61 -14.82 -30.63
CA GLU A 533 0.78 -14.39 -30.49
C GLU A 533 1.79 -15.48 -30.82
N ASN A 534 1.29 -16.67 -31.15
CA ASN A 534 2.14 -17.83 -31.50
C ASN A 534 3.20 -18.13 -30.45
N ILE A 535 2.74 -18.29 -29.21
CA ILE A 535 3.60 -18.61 -28.08
C ILE A 535 3.18 -19.95 -27.49
N ILE A 536 4.14 -20.82 -27.23
CA ILE A 536 3.88 -22.09 -26.56
C ILE A 536 3.75 -21.84 -25.05
N VAL A 537 2.57 -22.11 -24.50
CA VAL A 537 2.35 -21.99 -23.06
C VAL A 537 2.46 -23.37 -22.41
N ALA A 538 3.58 -23.59 -21.74
CA ALA A 538 3.88 -24.90 -21.17
C ALA A 538 3.73 -24.92 -19.65
N SER A 539 3.20 -26.04 -19.15
CA SER A 539 3.09 -26.28 -17.71
C SER A 539 3.68 -27.64 -17.37
N PHE A 540 4.36 -27.72 -16.24
CA PHE A 540 5.09 -28.93 -15.87
C PHE A 540 4.88 -29.27 -14.40
N ASP A 541 4.48 -30.52 -14.14
CA ASP A 541 4.29 -30.99 -12.78
C ASP A 541 5.54 -31.72 -12.30
N GLY A 542 6.36 -31.00 -11.53
CA GLY A 542 7.59 -31.56 -10.98
C GLY A 542 7.40 -32.25 -9.65
N ARG A 543 8.45 -32.29 -8.85
CA ARG A 543 8.36 -32.89 -7.52
C ARG A 543 7.51 -32.03 -6.60
N GLY A 544 6.75 -32.70 -5.73
CA GLY A 544 5.84 -32.01 -4.83
C GLY A 544 4.43 -31.95 -5.37
N SER A 545 4.27 -32.20 -6.67
CA SER A 545 2.96 -32.29 -7.30
C SER A 545 2.22 -33.55 -6.86
N GLY A 546 0.89 -33.50 -6.90
CA GLY A 546 0.07 -34.57 -6.36
C GLY A 546 -0.46 -35.58 -7.37
N TYR A 547 -1.21 -36.55 -6.86
CA TYR A 547 -1.86 -37.59 -7.66
C TYR A 547 -0.88 -38.54 -8.35
N GLN A 548 0.33 -38.64 -7.80
CA GLN A 548 1.39 -39.47 -8.36
C GLN A 548 2.13 -40.27 -7.28
N GLY A 549 1.59 -40.26 -6.06
CA GLY A 549 2.18 -40.99 -4.94
C GLY A 549 2.99 -40.10 -4.02
N ASP A 550 3.15 -40.55 -2.78
CA ASP A 550 3.87 -39.81 -1.75
C ASP A 550 5.36 -39.64 -2.03
N LYS A 551 5.91 -40.50 -2.89
CA LYS A 551 7.31 -40.39 -3.30
C LYS A 551 7.57 -39.05 -4.00
N ILE A 552 6.63 -38.66 -4.86
CA ILE A 552 6.73 -37.41 -5.61
C ILE A 552 6.21 -36.22 -4.79
N MET A 553 5.03 -36.39 -4.18
CA MET A 553 4.38 -35.30 -3.44
C MET A 553 5.16 -34.86 -2.20
N HIS A 554 5.69 -35.83 -1.46
CA HIS A 554 6.42 -35.54 -0.21
C HIS A 554 7.90 -35.18 -0.42
N ALA A 555 8.31 -35.06 -1.69
CA ALA A 555 9.70 -34.73 -2.02
C ALA A 555 10.12 -33.35 -1.52
N ILE A 556 9.18 -32.41 -1.51
CA ILE A 556 9.45 -31.04 -1.08
C ILE A 556 9.10 -30.79 0.39
N ASN A 557 8.95 -31.87 1.15
CA ASN A 557 8.68 -31.80 2.58
C ASN A 557 9.82 -31.09 3.33
N ARG A 558 9.46 -30.06 4.09
CA ARG A 558 10.41 -29.23 4.85
C ARG A 558 11.45 -28.58 3.95
N ARG A 559 11.11 -28.43 2.67
CA ARG A 559 12.04 -27.97 1.64
C ARG A 559 11.32 -27.13 0.57
N LEU A 560 10.36 -26.31 1.00
CA LEU A 560 9.65 -25.46 0.04
C LEU A 560 10.57 -24.43 -0.56
N GLY A 561 10.53 -24.32 -1.88
CA GLY A 561 11.38 -23.38 -2.61
C GLY A 561 12.68 -23.99 -3.08
N THR A 562 12.73 -25.32 -3.09
CA THR A 562 13.93 -26.05 -3.53
C THR A 562 13.66 -26.87 -4.80
N PHE A 563 13.25 -28.13 -4.63
CA PHE A 563 13.05 -29.06 -5.75
C PHE A 563 12.03 -28.57 -6.77
N GLU A 564 10.89 -28.09 -6.28
CA GLU A 564 9.80 -27.62 -7.15
C GLU A 564 10.21 -26.43 -8.01
N VAL A 565 11.14 -25.64 -7.49
CA VAL A 565 11.70 -24.49 -8.21
C VAL A 565 12.71 -24.98 -9.26
N GLU A 566 13.58 -25.90 -8.85
CA GLU A 566 14.61 -26.46 -9.73
C GLU A 566 14.01 -27.24 -10.91
N ASP A 567 12.94 -27.99 -10.64
CA ASP A 567 12.26 -28.80 -11.64
C ASP A 567 11.61 -27.98 -12.76
N GLN A 568 11.23 -26.75 -12.43
CA GLN A 568 10.64 -25.83 -13.41
C GLN A 568 11.72 -25.30 -14.35
N ILE A 569 12.92 -25.08 -13.81
CA ILE A 569 14.08 -24.67 -14.61
C ILE A 569 14.51 -25.82 -15.51
N GLU A 570 14.60 -27.01 -14.92
CA GLU A 570 14.98 -28.22 -15.64
C GLU A 570 13.99 -28.56 -16.77
N ALA A 571 12.71 -28.35 -16.50
CA ALA A 571 11.66 -28.57 -17.50
C ALA A 571 11.84 -27.68 -18.72
N ALA A 572 12.25 -26.42 -18.49
CA ALA A 572 12.48 -25.47 -19.57
C ALA A 572 13.63 -25.90 -20.47
N ARG A 573 14.66 -26.52 -19.87
CA ARG A 573 15.80 -27.06 -20.61
C ARG A 573 15.33 -28.14 -21.57
N GLN A 574 14.49 -29.06 -21.06
CA GLN A 574 14.00 -30.20 -21.82
C GLN A 574 13.08 -29.78 -22.98
N PHE A 575 12.39 -28.65 -22.80
CA PHE A 575 11.49 -28.15 -23.84
C PHE A 575 12.27 -27.54 -25.00
N SER A 576 13.37 -26.84 -24.69
CA SER A 576 14.26 -26.28 -25.71
C SER A 576 15.06 -27.38 -26.41
N LYS A 577 15.30 -28.48 -25.70
CA LYS A 577 15.95 -29.67 -26.27
C LYS A 577 15.10 -30.35 -27.34
N MET A 578 13.79 -30.11 -27.30
CA MET A 578 12.86 -30.65 -28.29
C MET A 578 12.96 -29.91 -29.63
N GLY A 579 13.64 -28.77 -29.62
CA GLY A 579 14.05 -28.10 -30.85
C GLY A 579 13.08 -27.10 -31.49
N PHE A 580 11.86 -27.03 -30.97
CA PHE A 580 10.88 -26.05 -31.47
C PHE A 580 10.74 -24.82 -30.56
N VAL A 581 11.71 -24.64 -29.68
CA VAL A 581 11.71 -23.53 -28.72
C VAL A 581 12.88 -22.57 -28.96
N ASP A 582 12.55 -21.30 -29.19
CA ASP A 582 13.54 -20.24 -29.28
C ASP A 582 14.09 -19.96 -27.89
N ASN A 583 15.23 -20.59 -27.56
CA ASN A 583 15.82 -20.48 -26.22
C ASN A 583 16.40 -19.10 -25.89
N LYS A 584 16.19 -18.14 -26.79
CA LYS A 584 16.50 -16.74 -26.53
C LYS A 584 15.26 -16.00 -26.01
N ARG A 585 14.11 -16.65 -26.10
CA ARG A 585 12.83 -16.06 -25.68
C ARG A 585 12.01 -17.04 -24.84
N ILE A 586 12.48 -17.29 -23.61
CA ILE A 586 11.72 -18.10 -22.65
C ILE A 586 11.29 -17.23 -21.47
N ALA A 587 9.97 -17.16 -21.26
CA ALA A 587 9.40 -16.41 -20.14
C ALA A 587 8.78 -17.34 -19.10
N ILE A 588 8.50 -16.79 -17.92
CA ILE A 588 7.90 -17.55 -16.83
C ILE A 588 6.90 -16.67 -16.06
N TRP A 589 5.73 -17.21 -15.75
CA TRP A 589 4.74 -16.47 -14.97
C TRP A 589 3.95 -17.35 -14.02
N GLY A 590 3.40 -16.74 -12.98
CA GLY A 590 2.68 -17.46 -11.95
C GLY A 590 1.85 -16.58 -11.04
N TRP A 591 0.87 -17.20 -10.39
CA TRP A 591 0.00 -16.54 -9.44
C TRP A 591 0.10 -17.28 -8.12
N SER A 592 -0.07 -16.57 -7.01
CA SER A 592 -0.11 -17.18 -5.68
C SER A 592 1.21 -17.90 -5.36
N TYR A 593 1.17 -19.23 -5.29
CA TYR A 593 2.37 -20.04 -5.08
C TYR A 593 3.25 -20.02 -6.34
N GLY A 594 2.60 -20.05 -7.50
CA GLY A 594 3.30 -19.99 -8.78
C GLY A 594 4.11 -18.72 -8.94
N GLY A 595 3.56 -17.60 -8.44
CA GLY A 595 4.28 -16.33 -8.42
C GLY A 595 5.54 -16.38 -7.57
N TYR A 596 5.48 -17.15 -6.49
CA TYR A 596 6.65 -17.37 -5.63
C TYR A 596 7.72 -18.17 -6.36
N VAL A 597 7.32 -19.28 -6.98
CA VAL A 597 8.22 -20.11 -7.77
C VAL A 597 8.80 -19.32 -8.94
N THR A 598 7.94 -18.60 -9.66
CA THR A 598 8.35 -17.69 -10.73
C THR A 598 9.44 -16.74 -10.24
N SER A 599 9.22 -16.15 -9.07
CA SER A 599 10.18 -15.23 -8.45
C SER A 599 11.48 -15.92 -8.07
N MET A 600 11.37 -17.12 -7.49
CA MET A 600 12.54 -17.92 -7.10
C MET A 600 13.38 -18.31 -8.32
N VAL A 601 12.71 -18.70 -9.40
CA VAL A 601 13.36 -19.09 -10.65
C VAL A 601 14.14 -17.93 -11.28
N LEU A 602 13.48 -16.79 -11.46
CA LEU A 602 14.12 -15.61 -12.04
C LEU A 602 15.30 -15.12 -11.20
N GLY A 603 15.39 -15.59 -9.96
CA GLY A 603 16.46 -15.21 -9.06
C GLY A 603 17.45 -16.33 -8.80
N SER A 604 17.35 -17.41 -9.57
CA SER A 604 18.28 -18.54 -9.44
C SER A 604 19.55 -18.32 -10.25
N GLY A 605 19.50 -17.38 -11.19
CA GLY A 605 20.65 -17.05 -12.05
C GLY A 605 20.94 -18.09 -13.11
N SER A 606 19.93 -18.91 -13.43
CA SER A 606 20.06 -19.98 -14.40
C SER A 606 20.18 -19.46 -15.84
N GLY A 607 19.83 -18.18 -16.03
CA GLY A 607 19.96 -17.52 -17.33
C GLY A 607 19.06 -18.08 -18.42
N VAL A 608 18.29 -19.11 -18.07
CA VAL A 608 17.36 -19.77 -19.00
C VAL A 608 16.23 -18.83 -19.43
N PHE A 609 15.79 -17.99 -18.50
CA PHE A 609 14.61 -17.16 -18.72
C PHE A 609 14.99 -15.70 -18.94
N LYS A 610 14.31 -15.08 -19.91
CA LYS A 610 14.53 -13.68 -20.24
C LYS A 610 13.73 -12.77 -19.31
N CYS A 611 12.44 -13.06 -19.19
CA CYS A 611 11.54 -12.26 -18.37
C CYS A 611 10.56 -13.12 -17.57
N GLY A 612 9.76 -12.47 -16.73
CA GLY A 612 8.77 -13.17 -15.91
C GLY A 612 7.81 -12.24 -15.20
N ILE A 613 6.61 -12.75 -14.94
CA ILE A 613 5.58 -12.01 -14.20
C ILE A 613 5.21 -12.76 -12.93
N ALA A 614 5.30 -12.07 -11.79
CA ALA A 614 4.87 -12.64 -10.51
C ALA A 614 3.65 -11.90 -9.99
N VAL A 615 2.51 -12.58 -9.97
CA VAL A 615 1.25 -11.98 -9.54
C VAL A 615 0.89 -12.49 -8.16
N ALA A 616 0.80 -11.57 -7.21
CA ALA A 616 0.50 -11.87 -5.81
C ALA A 616 1.33 -13.03 -5.24
N PRO A 617 2.67 -12.86 -5.19
CA PRO A 617 3.54 -13.95 -4.77
C PRO A 617 3.84 -13.97 -3.27
N VAL A 618 4.17 -15.14 -2.77
CA VAL A 618 4.81 -15.29 -1.46
C VAL A 618 6.28 -14.91 -1.65
N SER A 619 6.85 -14.22 -0.66
CA SER A 619 8.25 -13.82 -0.72
C SER A 619 9.07 -14.42 0.42
N ARG A 620 8.38 -14.76 1.51
CA ARG A 620 9.00 -15.29 2.71
C ARG A 620 7.93 -16.08 3.44
N TRP A 621 8.24 -17.32 3.81
CA TRP A 621 7.24 -18.23 4.36
C TRP A 621 6.75 -17.87 5.77
N GLU A 622 7.50 -17.02 6.45
CA GLU A 622 7.09 -16.51 7.75
C GLU A 622 5.93 -15.50 7.62
N TYR A 623 5.69 -15.01 6.40
CA TYR A 623 4.62 -14.05 6.14
C TYR A 623 3.26 -14.71 5.87
N TYR A 624 3.28 -15.97 5.43
CA TYR A 624 2.03 -16.67 5.15
C TYR A 624 1.50 -17.42 6.37
N ASP A 625 0.22 -17.79 6.34
CA ASP A 625 -0.45 -18.37 7.51
C ASP A 625 0.16 -19.68 8.01
N SER A 626 -0.08 -19.97 9.28
CA SER A 626 0.49 -21.14 9.95
C SER A 626 0.03 -22.49 9.37
N VAL A 627 -1.28 -22.68 9.27
CA VAL A 627 -1.86 -23.97 8.87
C VAL A 627 -1.26 -24.51 7.55
N TYR A 628 -1.17 -23.64 6.55
CA TYR A 628 -0.59 -24.02 5.26
C TYR A 628 0.92 -24.19 5.35
N THR A 629 1.61 -23.12 5.78
CA THR A 629 3.07 -23.11 5.83
C THR A 629 3.65 -24.24 6.69
N GLU A 630 3.11 -24.40 7.90
CA GLU A 630 3.59 -25.40 8.86
C GLU A 630 3.33 -26.85 8.41
N ARG A 631 2.28 -27.04 7.61
CA ARG A 631 1.94 -28.35 7.06
C ARG A 631 3.12 -28.92 6.27
N TYR A 632 3.86 -28.04 5.60
CA TYR A 632 4.97 -28.43 4.76
C TYR A 632 6.33 -28.05 5.34
N MET A 633 6.38 -26.98 6.12
CA MET A 633 7.66 -26.41 6.58
C MET A 633 7.93 -26.55 8.08
N GLY A 634 6.95 -27.02 8.84
CA GLY A 634 7.07 -27.11 10.30
C GLY A 634 7.11 -25.73 10.92
N LEU A 635 7.76 -25.61 12.09
CA LEU A 635 7.85 -24.34 12.80
C LEU A 635 9.13 -23.57 12.45
N PRO A 636 9.03 -22.23 12.30
CA PRO A 636 10.20 -21.40 12.02
C PRO A 636 11.02 -21.06 13.27
N THR A 637 11.45 -22.11 13.98
CA THR A 637 12.27 -21.97 15.18
C THR A 637 13.60 -22.71 14.97
N PRO A 638 14.70 -22.20 15.59
CA PRO A 638 16.03 -22.81 15.44
C PRO A 638 16.05 -24.29 15.81
N GLU A 639 15.17 -24.69 16.72
CA GLU A 639 15.04 -26.09 17.15
C GLU A 639 14.36 -26.95 16.09
N ASP A 640 13.52 -26.33 15.27
CA ASP A 640 12.73 -27.06 14.28
C ASP A 640 13.29 -26.94 12.85
N ASN A 641 12.92 -25.88 12.13
CA ASN A 641 13.24 -25.76 10.71
C ASN A 641 13.52 -24.32 10.24
N LEU A 642 14.01 -23.47 11.14
CA LEU A 642 14.29 -22.07 10.82
C LEU A 642 15.28 -21.91 9.67
N ASP A 643 16.20 -22.86 9.53
CA ASP A 643 17.21 -22.84 8.48
C ASP A 643 16.59 -22.79 7.08
N HIS A 644 15.62 -23.66 6.82
CA HIS A 644 14.93 -23.71 5.52
C HIS A 644 13.98 -22.54 5.28
N TYR A 645 13.46 -21.96 6.36
CA TYR A 645 12.63 -20.76 6.29
C TYR A 645 13.42 -19.55 5.77
N ARG A 646 14.61 -19.36 6.32
CA ARG A 646 15.46 -18.21 5.98
C ARG A 646 16.17 -18.39 4.64
N ASN A 647 16.27 -19.63 4.20
CA ASN A 647 16.99 -19.97 2.97
C ASN A 647 16.10 -19.93 1.71
N SER A 648 14.79 -19.86 1.91
CA SER A 648 13.83 -19.96 0.81
C SER A 648 13.18 -18.63 0.41
N THR A 649 13.74 -17.52 0.88
CA THR A 649 13.18 -16.20 0.59
C THR A 649 13.54 -15.71 -0.80
N VAL A 650 12.66 -14.89 -1.38
CA VAL A 650 12.92 -14.27 -2.68
C VAL A 650 13.91 -13.11 -2.52
N MET A 651 13.89 -12.49 -1.33
CA MET A 651 14.73 -11.33 -1.03
C MET A 651 16.23 -11.61 -1.10
N SER A 652 16.64 -12.82 -0.72
CA SER A 652 18.05 -13.21 -0.75
C SER A 652 18.57 -13.39 -2.17
N ARG A 653 17.67 -13.66 -3.11
CA ARG A 653 18.03 -13.86 -4.52
C ARG A 653 17.94 -12.57 -5.34
N ALA A 654 18.01 -11.43 -4.65
CA ALA A 654 17.78 -10.11 -5.26
C ALA A 654 18.75 -9.73 -6.37
N GLU A 655 20.04 -10.01 -6.16
CA GLU A 655 21.09 -9.66 -7.12
C GLU A 655 20.88 -10.26 -8.52
N ASN A 656 20.44 -11.52 -8.56
CA ASN A 656 20.28 -12.27 -9.80
C ASN A 656 19.19 -11.73 -10.72
N PHE A 657 18.41 -10.78 -10.21
CA PHE A 657 17.32 -10.16 -10.98
C PHE A 657 17.83 -9.15 -12.02
N LYS A 658 19.11 -8.78 -11.93
CA LYS A 658 19.75 -7.93 -12.93
C LYS A 658 19.80 -8.59 -14.31
N GLN A 659 19.78 -9.92 -14.32
CA GLN A 659 19.81 -10.71 -15.54
C GLN A 659 18.46 -10.72 -16.27
N VAL A 660 17.39 -10.44 -15.55
CA VAL A 660 16.03 -10.64 -16.08
C VAL A 660 15.13 -9.40 -16.03
N GLU A 661 14.11 -9.39 -16.89
CA GLU A 661 13.02 -8.42 -16.81
C GLU A 661 11.93 -8.98 -15.90
N TYR A 662 11.48 -8.17 -14.94
CA TYR A 662 10.59 -8.67 -13.89
C TYR A 662 9.39 -7.76 -13.69
N LEU A 663 8.20 -8.33 -13.79
CA LEU A 663 6.96 -7.61 -13.52
C LEU A 663 6.29 -8.15 -12.25
N LEU A 664 6.21 -7.30 -11.24
CA LEU A 664 5.62 -7.67 -9.95
C LEU A 664 4.25 -7.01 -9.80
N ILE A 665 3.23 -7.82 -9.56
CA ILE A 665 1.86 -7.32 -9.44
C ILE A 665 1.21 -7.80 -8.14
N HIS A 666 0.60 -6.87 -7.41
CA HIS A 666 -0.09 -7.21 -6.16
C HIS A 666 -1.28 -6.30 -5.86
N GLY A 667 -2.37 -6.91 -5.39
CA GLY A 667 -3.55 -6.16 -4.94
C GLY A 667 -3.37 -5.64 -3.53
N THR A 668 -3.69 -4.37 -3.33
CA THR A 668 -3.43 -3.69 -2.04
C THR A 668 -4.29 -4.19 -0.88
N ALA A 669 -5.45 -4.77 -1.22
CA ALA A 669 -6.38 -5.29 -0.22
C ALA A 669 -6.39 -6.82 -0.20
N ASP A 670 -5.21 -7.41 -0.34
CA ASP A 670 -5.06 -8.86 -0.36
C ASP A 670 -4.97 -9.40 1.06
N ASP A 671 -6.04 -10.07 1.50
CA ASP A 671 -6.11 -10.64 2.84
C ASP A 671 -5.35 -11.97 2.94
N ASN A 672 -5.26 -12.67 1.82
CA ASN A 672 -4.62 -13.98 1.76
C ASN A 672 -3.09 -13.89 1.74
N VAL A 673 -2.53 -13.38 0.64
CA VAL A 673 -1.11 -13.09 0.54
C VAL A 673 -0.95 -11.58 0.62
N HIS A 674 -0.54 -11.10 1.78
CA HIS A 674 -0.53 -9.66 2.06
C HIS A 674 0.47 -8.89 1.20
N PHE A 675 0.08 -7.68 0.81
CA PHE A 675 0.93 -6.78 0.02
C PHE A 675 2.35 -6.68 0.58
N GLN A 676 2.47 -6.89 1.89
CA GLN A 676 3.76 -6.96 2.59
C GLN A 676 4.77 -7.83 1.83
N GLN A 677 4.31 -8.99 1.37
CA GLN A 677 5.16 -9.95 0.67
C GLN A 677 5.82 -9.31 -0.55
N SER A 678 5.01 -8.69 -1.41
CA SER A 678 5.51 -7.99 -2.59
C SER A 678 6.33 -6.77 -2.20
N ALA A 679 5.90 -6.07 -1.15
CA ALA A 679 6.58 -4.86 -0.66
C ALA A 679 8.00 -5.16 -0.18
N GLN A 680 8.21 -6.37 0.32
CA GLN A 680 9.54 -6.78 0.76
C GLN A 680 10.44 -7.13 -0.42
N ILE A 681 9.84 -7.68 -1.49
CA ILE A 681 10.56 -7.96 -2.75
C ILE A 681 11.04 -6.65 -3.40
N SER A 682 10.10 -5.74 -3.64
CA SER A 682 10.40 -4.46 -4.27
C SER A 682 11.51 -3.71 -3.53
N LYS A 683 11.43 -3.69 -2.20
CA LYS A 683 12.43 -3.07 -1.35
C LYS A 683 13.81 -3.71 -1.52
N ALA A 684 13.85 -5.04 -1.51
CA ALA A 684 15.09 -5.80 -1.67
C ALA A 684 15.79 -5.52 -3.01
N LEU A 685 15.00 -5.42 -4.08
CA LEU A 685 15.54 -5.12 -5.41
C LEU A 685 16.02 -3.68 -5.53
N VAL A 686 15.28 -2.75 -4.92
CA VAL A 686 15.67 -1.35 -4.86
C VAL A 686 16.99 -1.17 -4.09
N ASP A 687 17.20 -2.02 -3.09
CA ASP A 687 18.41 -1.98 -2.26
C ASP A 687 19.68 -2.38 -3.02
N VAL A 688 19.56 -3.33 -3.94
CA VAL A 688 20.71 -3.80 -4.71
C VAL A 688 20.75 -3.24 -6.13
N GLY A 689 19.96 -2.19 -6.36
CA GLY A 689 19.98 -1.43 -7.61
C GLY A 689 19.38 -2.11 -8.83
N VAL A 690 18.61 -3.17 -8.59
CA VAL A 690 17.93 -3.88 -9.68
C VAL A 690 16.70 -3.12 -10.14
N ASP A 691 16.64 -2.82 -11.44
CA ASP A 691 15.45 -2.22 -12.02
C ASP A 691 14.43 -3.30 -12.32
N PHE A 692 13.16 -2.99 -12.07
CA PHE A 692 12.06 -3.93 -12.32
C PHE A 692 10.79 -3.17 -12.73
N GLN A 693 9.71 -3.92 -12.88
CA GLN A 693 8.40 -3.35 -13.21
C GLN A 693 7.40 -3.66 -12.09
N ALA A 694 6.63 -2.64 -11.71
CA ALA A 694 5.64 -2.79 -10.64
C ALA A 694 4.24 -2.40 -11.08
N MET A 695 3.23 -2.93 -10.37
CA MET A 695 1.84 -2.62 -10.63
C MET A 695 0.99 -3.05 -9.44
N TRP A 696 0.55 -2.09 -8.64
CA TRP A 696 -0.36 -2.38 -7.55
C TRP A 696 -1.80 -2.29 -8.06
N TYR A 697 -2.73 -2.91 -7.34
CA TYR A 697 -4.15 -2.79 -7.64
C TYR A 697 -4.98 -2.40 -6.42
N THR A 698 -5.46 -1.16 -6.45
CA THR A 698 -6.21 -0.57 -5.34
C THR A 698 -7.45 -1.39 -5.00
N ASP A 699 -7.56 -1.76 -3.72
CA ASP A 699 -8.70 -2.50 -3.17
C ASP A 699 -9.02 -3.80 -3.91
N GLU A 700 -7.98 -4.52 -4.31
CA GLU A 700 -8.14 -5.83 -4.92
C GLU A 700 -7.58 -6.92 -4.00
N ASP A 701 -8.25 -8.07 -3.99
CA ASP A 701 -7.84 -9.19 -3.16
C ASP A 701 -6.91 -10.13 -3.92
N HIS A 702 -6.76 -11.36 -3.42
CA HIS A 702 -5.83 -12.33 -3.98
C HIS A 702 -6.26 -12.85 -5.37
N GLY A 703 -7.46 -12.51 -5.79
CA GLY A 703 -7.95 -12.95 -7.08
C GLY A 703 -7.84 -11.91 -8.16
N ILE A 704 -7.76 -10.65 -7.75
CA ILE A 704 -7.83 -9.50 -8.68
C ILE A 704 -8.93 -9.77 -9.72
N ALA A 705 -10.09 -10.17 -9.22
CA ALA A 705 -11.13 -10.76 -10.06
C ALA A 705 -12.26 -9.81 -10.44
N SER A 706 -12.26 -8.59 -9.88
CA SER A 706 -13.27 -7.61 -10.24
C SER A 706 -13.16 -7.31 -11.73
N SER A 707 -14.32 -7.15 -12.38
CA SER A 707 -14.41 -7.05 -13.84
C SER A 707 -13.36 -6.13 -14.49
N THR A 708 -13.28 -4.89 -14.01
CA THR A 708 -12.35 -3.91 -14.58
C THR A 708 -10.89 -4.22 -14.27
N ALA A 709 -10.62 -4.82 -13.11
CA ALA A 709 -9.25 -5.14 -12.71
C ALA A 709 -8.72 -6.37 -13.42
N HIS A 710 -9.59 -7.37 -13.59
CA HIS A 710 -9.23 -8.59 -14.30
C HIS A 710 -8.84 -8.30 -15.75
N GLN A 711 -9.58 -7.39 -16.38
CA GLN A 711 -9.29 -6.98 -17.75
C GLN A 711 -7.99 -6.20 -17.84
N HIS A 712 -7.79 -5.29 -16.88
CA HIS A 712 -6.62 -4.42 -16.85
C HIS A 712 -5.31 -5.16 -16.62
N ILE A 713 -5.32 -6.15 -15.74
CA ILE A 713 -4.11 -6.92 -15.44
C ILE A 713 -3.66 -7.77 -16.64
N TYR A 714 -4.63 -8.41 -17.31
CA TYR A 714 -4.33 -9.29 -18.43
C TYR A 714 -3.96 -8.52 -19.69
N THR A 715 -4.48 -7.30 -19.82
CA THR A 715 -4.03 -6.39 -20.86
C THR A 715 -2.58 -6.01 -20.58
N HIS A 716 -2.32 -5.56 -19.36
CA HIS A 716 -1.00 -5.11 -18.93
C HIS A 716 0.07 -6.19 -19.03
N MET A 717 -0.31 -7.43 -18.71
CA MET A 717 0.61 -8.56 -18.75
C MET A 717 0.95 -8.97 -20.19
N SER A 718 -0.07 -8.93 -21.06
CA SER A 718 0.12 -9.23 -22.47
C SER A 718 1.11 -8.26 -23.11
N HIS A 719 0.93 -6.98 -22.83
CA HIS A 719 1.84 -5.92 -23.30
C HIS A 719 3.28 -6.18 -22.85
N PHE A 720 3.46 -6.65 -21.62
CA PHE A 720 4.77 -6.97 -21.06
C PHE A 720 5.39 -8.18 -21.77
N ILE A 721 4.57 -9.19 -22.05
CA ILE A 721 5.02 -10.39 -22.75
C ILE A 721 5.39 -10.08 -24.21
N LYS A 722 4.54 -9.31 -24.88
CA LYS A 722 4.76 -8.96 -26.28
C LYS A 722 6.05 -8.18 -26.52
N GLN A 723 6.35 -7.21 -25.65
CA GLN A 723 7.59 -6.44 -25.76
C GLN A 723 8.83 -7.25 -25.38
N CYS A 724 8.66 -8.22 -24.49
CA CYS A 724 9.76 -9.11 -24.09
C CYS A 724 10.09 -10.09 -25.21
N PHE A 725 9.09 -10.44 -26.00
CA PHE A 725 9.27 -11.35 -27.13
C PHE A 725 9.42 -10.62 -28.46
N SER A 726 9.34 -9.28 -28.42
CA SER A 726 9.43 -8.41 -29.59
C SER A 726 8.34 -8.65 -30.62
N ARG B 2 35.07 14.46 -25.95
CA ARG B 2 35.25 14.45 -24.46
C ARG B 2 33.99 14.03 -23.73
N LYS B 3 34.05 14.07 -22.39
CA LYS B 3 32.98 13.60 -21.50
C LYS B 3 31.67 14.38 -21.56
N THR B 4 30.62 13.75 -21.04
CA THR B 4 29.30 14.36 -20.87
C THR B 4 28.79 14.13 -19.44
N TYR B 5 27.85 14.97 -19.00
CA TYR B 5 27.24 14.83 -17.67
C TYR B 5 26.26 13.67 -17.65
N THR B 6 26.73 12.51 -17.20
CA THR B 6 25.93 11.28 -17.19
C THR B 6 24.99 11.19 -16.00
N LEU B 7 24.16 10.15 -15.96
CA LEU B 7 23.22 9.93 -14.88
C LEU B 7 23.95 9.58 -13.59
N THR B 8 25.04 8.83 -13.72
CA THR B 8 25.87 8.43 -12.59
C THR B 8 26.57 9.64 -11.95
N ASP B 9 26.86 10.65 -12.78
CA ASP B 9 27.45 11.90 -12.29
C ASP B 9 26.51 12.62 -11.32
N TYR B 10 25.20 12.45 -11.53
CA TYR B 10 24.19 13.03 -10.66
C TYR B 10 23.87 12.11 -9.47
N LEU B 11 23.76 10.81 -9.72
CA LEU B 11 23.37 9.84 -8.70
C LEU B 11 24.48 9.55 -7.69
N LYS B 12 25.72 9.52 -8.16
CA LYS B 12 26.88 9.31 -7.28
C LYS B 12 27.54 10.63 -6.90
N ASN B 13 26.94 11.73 -7.34
CA ASN B 13 27.39 13.09 -7.02
C ASN B 13 28.87 13.31 -7.32
N THR B 14 29.23 13.08 -8.59
CA THR B 14 30.63 13.15 -9.04
C THR B 14 31.20 14.56 -8.94
N TYR B 15 30.43 15.54 -9.42
CA TYR B 15 30.86 16.94 -9.37
C TYR B 15 30.09 17.68 -8.26
N ARG B 16 30.75 17.89 -7.13
CA ARG B 16 30.12 18.52 -5.97
C ARG B 16 30.27 20.03 -5.91
N LEU B 17 29.19 20.70 -5.51
CA LEU B 17 29.22 22.13 -5.23
C LEU B 17 29.73 22.35 -3.81
N LYS B 18 30.67 23.27 -3.66
CA LYS B 18 31.21 23.61 -2.34
C LYS B 18 30.38 24.68 -1.66
N LEU B 19 30.14 24.50 -0.36
CA LEU B 19 29.38 25.45 0.44
C LEU B 19 30.30 26.08 1.49
N TYR B 20 29.83 27.16 2.12
CA TYR B 20 30.52 27.75 3.25
C TYR B 20 29.53 27.97 4.39
N SER B 21 29.51 27.04 5.33
CA SER B 21 28.53 27.04 6.43
C SER B 21 29.11 27.63 7.72
N LEU B 22 28.63 28.82 8.07
CA LEU B 22 29.12 29.53 9.24
C LEU B 22 28.02 29.94 10.22
N ARG B 23 28.37 30.02 11.50
CA ARG B 23 27.46 30.48 12.55
C ARG B 23 28.11 31.63 13.31
N TRP B 24 27.46 32.79 13.31
CA TRP B 24 27.93 33.94 14.08
C TRP B 24 27.67 33.75 15.57
N ILE B 25 28.69 34.02 16.38
CA ILE B 25 28.55 33.99 17.85
C ILE B 25 28.64 35.37 18.48
N SER B 26 29.45 36.24 17.86
CA SER B 26 29.56 37.63 18.29
C SER B 26 29.28 38.58 17.12
N ASP B 27 29.56 39.86 17.33
CA ASP B 27 29.38 40.88 16.30
C ASP B 27 30.52 40.91 15.28
N HIS B 28 31.57 40.13 15.55
CA HIS B 28 32.75 40.09 14.68
C HIS B 28 33.42 38.71 14.62
N GLU B 29 32.75 37.68 15.15
CA GLU B 29 33.30 36.33 15.16
C GLU B 29 32.29 35.28 14.72
N TYR B 30 32.75 34.34 13.90
CA TYR B 30 31.94 33.20 13.47
C TYR B 30 32.71 31.87 13.57
N LEU B 31 32.01 30.77 13.38
CA LEU B 31 32.60 29.44 13.48
C LEU B 31 32.48 28.64 12.18
N TYR B 32 33.59 28.01 11.78
CA TYR B 32 33.59 27.07 10.65
C TYR B 32 34.38 25.81 11.01
N LYS B 33 33.83 24.67 10.61
CA LYS B 33 34.50 23.38 10.85
C LYS B 33 35.25 22.89 9.61
N GLN B 34 36.56 22.73 9.78
CA GLN B 34 37.45 22.28 8.70
C GLN B 34 38.21 21.04 9.14
N GLU B 35 38.10 19.96 8.36
CA GLU B 35 38.72 18.67 8.67
C GLU B 35 38.23 18.14 10.03
N ASN B 36 36.95 18.39 10.33
CA ASN B 36 36.33 18.09 11.63
C ASN B 36 36.84 18.92 12.80
N ASN B 37 37.67 19.92 12.50
CA ASN B 37 38.16 20.86 13.50
C ASN B 37 37.33 22.13 13.51
N ILE B 38 36.60 22.36 14.60
CA ILE B 38 35.77 23.56 14.74
C ILE B 38 36.66 24.76 15.06
N LEU B 39 36.82 25.64 14.07
CA LEU B 39 37.65 26.82 14.19
C LEU B 39 36.81 28.07 14.43
N VAL B 40 37.43 29.11 14.98
CA VAL B 40 36.78 30.42 15.13
C VAL B 40 37.51 31.48 14.31
N PHE B 41 36.81 32.03 13.32
CA PHE B 41 37.39 33.00 12.40
C PHE B 41 37.06 34.44 12.85
N ASN B 42 38.10 35.25 12.99
CA ASN B 42 37.94 36.66 13.33
C ASN B 42 37.76 37.50 12.07
N ALA B 43 36.72 38.32 12.05
CA ALA B 43 36.42 39.17 10.89
C ALA B 43 37.23 40.45 10.88
N GLU B 44 37.66 40.89 12.06
CA GLU B 44 38.41 42.13 12.23
C GLU B 44 39.81 42.07 11.58
N TYR B 45 40.59 41.05 11.95
CA TYR B 45 41.96 40.89 11.46
C TYR B 45 42.06 39.85 10.35
N GLY B 46 41.34 38.75 10.49
CA GLY B 46 41.39 37.66 9.53
C GLY B 46 42.07 36.42 10.09
N ASN B 47 42.67 36.56 11.26
CA ASN B 47 43.36 35.44 11.93
C ASN B 47 42.38 34.44 12.53
N SER B 48 42.59 33.17 12.20
CA SER B 48 41.72 32.09 12.67
C SER B 48 42.35 31.34 13.84
N SER B 49 41.53 31.09 14.86
CA SER B 49 41.97 30.36 16.05
C SER B 49 41.23 29.02 16.15
N VAL B 50 41.86 28.05 16.79
CA VAL B 50 41.23 26.75 17.02
C VAL B 50 40.30 26.83 18.24
N PHE B 51 39.06 26.36 18.07
CA PHE B 51 38.09 26.35 19.16
C PHE B 51 37.87 24.94 19.69
N LEU B 52 37.87 23.96 18.80
CA LEU B 52 37.72 22.55 19.17
C LEU B 52 38.35 21.66 18.10
N GLU B 53 39.29 20.82 18.53
CA GLU B 53 40.04 19.96 17.63
C GLU B 53 39.28 18.69 17.24
N ASN B 54 39.65 18.10 16.10
CA ASN B 54 38.96 16.94 15.54
C ASN B 54 39.04 15.67 16.40
N SER B 55 40.12 15.54 17.16
CA SER B 55 40.39 14.35 17.97
C SER B 55 39.79 14.43 19.38
N THR B 56 39.06 15.51 19.66
CA THR B 56 38.44 15.72 20.98
C THR B 56 37.37 14.68 21.31
N PHE B 57 36.71 14.17 20.27
CA PHE B 57 35.63 13.20 20.46
C PHE B 57 35.83 11.88 19.71
N ASP B 58 37.09 11.43 19.63
CA ASP B 58 37.41 10.13 19.06
C ASP B 58 37.05 9.01 20.03
N GLU B 59 37.21 9.29 21.32
CA GLU B 59 36.88 8.34 22.38
C GLU B 59 35.49 8.61 22.97
N PHE B 60 34.70 9.40 22.26
CA PHE B 60 33.34 9.74 22.67
C PHE B 60 32.41 8.52 22.66
N GLY B 61 32.67 7.58 21.76
CA GLY B 61 31.93 6.33 21.68
C GLY B 61 30.71 6.37 20.78
N HIS B 62 30.37 7.57 20.31
CA HIS B 62 29.23 7.75 19.40
C HIS B 62 29.60 8.60 18.19
N SER B 63 28.95 8.32 17.07
CA SER B 63 29.07 9.15 15.88
C SER B 63 28.24 10.41 16.09
N ILE B 64 28.92 11.55 16.24
CA ILE B 64 28.26 12.83 16.52
C ILE B 64 27.44 13.29 15.31
N ASN B 65 26.14 13.33 15.50
CA ASN B 65 25.21 13.69 14.42
C ASN B 65 25.16 15.19 14.20
N ASP B 66 25.04 15.96 15.28
CA ASP B 66 24.99 17.43 15.20
C ASP B 66 25.50 18.05 16.51
N TYR B 67 25.89 19.31 16.44
CA TYR B 67 26.36 20.04 17.62
C TYR B 67 25.73 21.42 17.75
N SER B 68 25.62 21.90 18.99
CA SER B 68 25.09 23.22 19.27
C SER B 68 25.84 23.84 20.44
N ILE B 69 26.52 24.96 20.18
CA ILE B 69 27.33 25.63 21.21
C ILE B 69 26.54 26.77 21.86
N SER B 70 26.55 26.79 23.20
CA SER B 70 25.94 27.86 23.98
C SER B 70 26.57 29.21 23.62
N PRO B 71 25.73 30.26 23.46
CA PRO B 71 26.19 31.57 22.99
C PRO B 71 27.35 32.18 23.78
N ASP B 72 27.45 31.86 25.06
CA ASP B 72 28.56 32.35 25.90
C ASP B 72 29.85 31.54 25.73
N GLY B 73 29.80 30.52 24.88
CA GLY B 73 30.97 29.70 24.55
C GLY B 73 31.47 28.85 25.70
N GLN B 74 30.55 28.45 26.58
CA GLN B 74 30.89 27.70 27.78
C GLN B 74 30.62 26.20 27.64
N PHE B 75 29.53 25.86 26.97
CA PHE B 75 29.12 24.47 26.82
C PHE B 75 28.81 24.14 25.35
N ILE B 76 28.91 22.86 25.00
CA ILE B 76 28.57 22.38 23.66
C ILE B 76 27.65 21.16 23.70
N LEU B 77 26.42 21.37 23.22
CA LEU B 77 25.42 20.31 23.12
C LEU B 77 25.79 19.35 21.99
N LEU B 78 25.70 18.06 22.26
CA LEU B 78 26.05 17.04 21.26
C LEU B 78 24.88 16.12 20.93
N GLU B 79 24.38 16.28 19.71
CA GLU B 79 23.29 15.45 19.19
C GLU B 79 23.85 14.16 18.59
N TYR B 80 23.26 13.04 18.99
CA TYR B 80 23.57 11.72 18.40
C TYR B 80 22.35 10.81 18.45
N ASN B 81 22.42 9.69 17.73
CA ASN B 81 21.30 8.77 17.58
C ASN B 81 20.06 9.44 16.97
N TYR B 82 20.30 10.12 15.84
CA TYR B 82 19.27 10.85 15.11
C TYR B 82 18.30 9.90 14.42
N VAL B 83 17.02 10.02 14.79
CA VAL B 83 15.94 9.26 14.15
C VAL B 83 14.94 10.25 13.59
N LYS B 84 14.94 10.40 12.27
CA LYS B 84 14.06 11.33 11.57
C LYS B 84 12.60 10.93 11.75
N GLN B 85 11.74 11.91 12.04
CA GLN B 85 10.31 11.68 12.13
C GLN B 85 9.63 12.19 10.86
N TRP B 86 9.24 13.46 10.85
CA TRP B 86 8.65 14.07 9.65
C TRP B 86 9.68 14.95 8.93
N ARG B 87 9.21 16.06 8.33
CA ARG B 87 10.08 16.92 7.52
C ARG B 87 11.20 17.56 8.34
N HIS B 88 10.84 18.21 9.44
CA HIS B 88 11.81 18.90 10.30
C HIS B 88 12.00 18.19 11.63
N SER B 89 11.01 17.38 12.02
CA SER B 89 10.99 16.72 13.32
C SER B 89 11.89 15.48 13.40
N TYR B 90 12.50 15.28 14.56
CA TYR B 90 13.34 14.11 14.85
C TYR B 90 13.56 13.93 16.35
N THR B 91 13.76 12.68 16.77
CA THR B 91 14.12 12.36 18.16
C THR B 91 15.58 11.95 18.22
N ALA B 92 16.29 12.37 19.27
CA ALA B 92 17.71 12.08 19.41
C ALA B 92 18.15 11.98 20.87
N SER B 93 19.43 11.65 21.07
CA SER B 93 20.05 11.65 22.39
C SER B 93 21.06 12.78 22.46
N TYR B 94 21.23 13.36 23.66
CA TYR B 94 22.07 14.55 23.83
C TYR B 94 23.01 14.47 25.02
N ASP B 95 24.25 14.87 24.80
CA ASP B 95 25.26 15.00 25.86
C ASP B 95 25.83 16.41 25.86
N ILE B 96 26.06 16.96 27.04
CA ILE B 96 26.62 18.30 27.19
C ILE B 96 28.09 18.23 27.61
N TYR B 97 28.94 18.92 26.87
CA TYR B 97 30.38 18.92 27.13
C TYR B 97 30.85 20.30 27.58
N ASP B 98 31.63 20.33 28.67
CA ASP B 98 32.14 21.56 29.23
C ASP B 98 33.39 22.05 28.47
N LEU B 99 33.31 23.27 27.96
CA LEU B 99 34.41 23.87 27.21
C LEU B 99 35.40 24.62 28.12
N ASN B 100 34.91 25.09 29.26
CA ASN B 100 35.75 25.73 30.28
C ASN B 100 36.75 24.73 30.86
N LYS B 101 36.25 23.54 31.17
CA LYS B 101 37.09 22.41 31.57
C LYS B 101 37.25 21.48 30.36
N ARG B 102 37.46 20.19 30.62
CA ARG B 102 37.52 19.17 29.58
C ARG B 102 36.80 17.91 30.04
N GLN B 103 35.53 18.06 30.42
CA GLN B 103 34.75 16.94 30.96
C GLN B 103 33.34 16.85 30.40
N LEU B 104 32.89 15.62 30.14
CA LEU B 104 31.51 15.35 29.77
C LEU B 104 30.65 15.23 31.02
N ILE B 105 29.52 15.91 31.03
CA ILE B 105 28.65 15.97 32.21
C ILE B 105 27.84 14.69 32.38
N THR B 106 28.07 13.99 33.50
CA THR B 106 27.42 12.71 33.78
C THR B 106 26.21 12.90 34.69
N GLU B 107 26.12 14.07 35.33
CA GLU B 107 25.05 14.35 36.27
C GLU B 107 23.85 14.99 35.58
N GLU B 108 22.66 14.48 35.92
CA GLU B 108 21.37 15.00 35.43
C GLU B 108 21.34 15.17 33.90
N ARG B 109 21.64 14.09 33.19
CA ARG B 109 21.74 14.10 31.73
C ARG B 109 20.38 14.30 31.04
N ILE B 110 20.41 14.83 29.82
CA ILE B 110 19.20 15.01 29.00
C ILE B 110 18.73 13.64 28.51
N PRO B 111 17.48 13.26 28.83
CA PRO B 111 16.94 11.92 28.55
C PRO B 111 17.02 11.49 27.09
N ASN B 112 17.08 10.18 26.86
CA ASN B 112 17.05 9.61 25.53
C ASN B 112 15.68 9.82 24.88
N ASN B 113 15.67 9.88 23.55
CA ASN B 113 14.45 10.13 22.76
C ASN B 113 13.88 11.53 23.00
N THR B 114 14.76 12.53 23.07
CA THR B 114 14.36 13.92 23.28
C THR B 114 13.98 14.58 21.95
N GLN B 115 12.81 15.21 21.95
CA GLN B 115 12.22 15.78 20.74
C GLN B 115 12.91 17.05 20.24
N TRP B 116 13.15 18.02 21.13
CA TRP B 116 13.83 19.27 20.77
C TRP B 116 14.61 19.86 21.93
N VAL B 117 15.80 20.40 21.63
CA VAL B 117 16.65 21.08 22.61
C VAL B 117 17.14 22.41 22.05
N THR B 118 17.12 23.45 22.87
CA THR B 118 17.59 24.77 22.44
C THR B 118 18.20 25.59 23.59
N TRP B 119 19.28 26.32 23.28
CA TRP B 119 19.91 27.23 24.22
C TRP B 119 19.14 28.53 24.32
N SER B 120 19.31 29.25 25.44
CA SER B 120 18.83 30.62 25.56
C SER B 120 19.77 31.54 24.77
N PRO B 121 19.24 32.66 24.24
CA PRO B 121 20.02 33.54 23.34
C PRO B 121 21.29 34.11 23.98
N VAL B 122 21.28 34.27 25.30
CA VAL B 122 22.45 34.69 26.06
C VAL B 122 22.65 33.71 27.23
N GLY B 123 23.89 33.31 27.46
CA GLY B 123 24.23 32.42 28.56
C GLY B 123 24.24 30.96 28.14
N HIS B 124 23.74 30.09 29.03
CA HIS B 124 23.76 28.65 28.80
C HIS B 124 22.56 27.92 29.43
N LYS B 125 21.39 28.54 29.38
CA LYS B 125 20.15 27.92 29.84
C LYS B 125 19.65 26.93 28.78
N LEU B 126 19.13 25.80 29.23
CA LEU B 126 18.64 24.77 28.33
C LEU B 126 17.14 24.51 28.47
N ALA B 127 16.44 24.51 27.34
CA ALA B 127 15.04 24.12 27.29
C ALA B 127 14.89 22.94 26.35
N TYR B 128 14.35 21.83 26.87
CA TYR B 128 14.16 20.64 26.04
C TYR B 128 12.78 20.01 26.21
N VAL B 129 12.27 19.44 25.12
CA VAL B 129 10.97 18.77 25.12
C VAL B 129 11.16 17.26 25.10
N TRP B 130 10.56 16.59 26.07
CA TRP B 130 10.63 15.14 26.21
C TRP B 130 9.26 14.61 26.60
N ASN B 131 8.79 13.59 25.87
CA ASN B 131 7.44 13.04 26.02
C ASN B 131 6.33 14.09 25.95
N ASN B 132 6.51 15.05 25.05
CA ASN B 132 5.58 16.16 24.84
C ASN B 132 5.52 17.17 26.00
N ASP B 133 6.51 17.11 26.88
CA ASP B 133 6.58 18.00 28.04
C ASP B 133 7.88 18.82 28.06
N ILE B 134 7.78 20.03 28.59
CA ILE B 134 8.90 20.98 28.61
C ILE B 134 9.71 20.90 29.90
N TYR B 135 11.04 20.87 29.77
CA TYR B 135 11.95 20.87 30.90
C TYR B 135 13.00 21.96 30.73
N VAL B 136 13.27 22.69 31.81
CA VAL B 136 14.26 23.77 31.79
C VAL B 136 15.45 23.47 32.72
N LYS B 137 16.66 23.81 32.25
CA LYS B 137 17.88 23.62 33.03
C LYS B 137 18.75 24.88 33.02
N ILE B 138 18.88 25.50 34.19
CA ILE B 138 19.68 26.71 34.37
C ILE B 138 21.17 26.40 34.21
N GLU B 139 21.61 25.31 34.83
CA GLU B 139 22.97 24.82 34.68
C GLU B 139 22.97 23.41 34.11
N PRO B 140 23.90 23.11 33.18
CA PRO B 140 23.99 21.81 32.49
C PRO B 140 24.15 20.59 33.41
N ASN B 141 24.59 20.79 34.64
CA ASN B 141 24.76 19.70 35.61
C ASN B 141 23.68 19.62 36.68
N LEU B 142 22.93 20.71 36.86
CA LEU B 142 21.82 20.77 37.81
C LEU B 142 20.57 20.04 37.31
N PRO B 143 19.68 19.62 38.24
CA PRO B 143 18.40 19.00 37.88
C PRO B 143 17.50 19.87 37.02
N SER B 144 16.51 19.24 36.37
CA SER B 144 15.62 19.92 35.44
C SER B 144 14.26 20.26 36.05
N TYR B 145 13.76 21.46 35.73
CA TYR B 145 12.46 21.91 36.21
C TYR B 145 11.38 21.62 35.16
N ARG B 146 10.53 20.65 35.46
CA ARG B 146 9.43 20.25 34.56
C ARG B 146 8.34 21.30 34.53
N ILE B 147 8.21 22.00 33.41
CA ILE B 147 7.25 23.09 33.26
C ILE B 147 5.82 22.57 33.04
N THR B 148 5.66 21.68 32.05
CA THR B 148 4.35 21.16 31.68
C THR B 148 4.15 19.71 32.15
N TRP B 149 2.90 19.35 32.42
CA TRP B 149 2.56 18.01 32.94
C TRP B 149 1.51 17.31 32.09
N THR B 150 0.87 18.07 31.20
CA THR B 150 -0.28 17.58 30.42
C THR B 150 0.11 16.88 29.11
N GLY B 151 1.41 16.85 28.80
CA GLY B 151 1.90 16.25 27.57
C GLY B 151 1.58 14.78 27.40
N LYS B 152 0.85 14.47 26.32
CA LYS B 152 0.50 13.08 25.98
C LYS B 152 0.70 12.84 24.49
N GLU B 153 1.31 11.70 24.16
CA GLU B 153 1.60 11.31 22.78
C GLU B 153 0.37 11.35 21.89
N ASP B 154 0.51 12.03 20.75
CA ASP B 154 -0.54 12.15 19.72
C ASP B 154 -1.80 12.90 20.17
N ILE B 155 -1.80 13.40 21.41
CA ILE B 155 -2.96 14.11 21.96
C ILE B 155 -2.62 15.55 22.35
N ILE B 156 -1.64 15.71 23.24
CA ILE B 156 -1.23 17.03 23.73
C ILE B 156 0.24 17.32 23.40
N TYR B 157 0.48 18.49 22.80
CA TYR B 157 1.83 18.88 22.40
C TYR B 157 2.27 20.16 23.11
N ASN B 158 3.26 20.03 24.01
CA ASN B 158 3.85 21.17 24.70
C ASN B 158 5.27 21.46 24.23
N GLY B 159 5.49 22.63 23.66
CA GLY B 159 6.82 23.06 23.20
C GLY B 159 7.21 22.53 21.83
N ILE B 160 6.37 21.68 21.26
CA ILE B 160 6.56 21.12 19.93
C ILE B 160 5.28 21.17 19.12
N THR B 161 5.42 21.27 17.80
CA THR B 161 4.27 21.32 16.89
C THR B 161 3.79 19.92 16.52
N ASP B 162 2.48 19.77 16.33
CA ASP B 162 1.92 18.55 15.75
C ASP B 162 2.22 18.52 14.25
N TRP B 163 1.86 17.43 13.58
CA TRP B 163 2.17 17.28 12.15
C TRP B 163 1.79 18.53 11.34
N VAL B 164 0.53 18.94 11.47
CA VAL B 164 -0.02 19.98 10.60
C VAL B 164 0.59 21.38 10.84
N TYR B 165 1.02 21.64 12.09
CA TYR B 165 1.67 22.91 12.42
C TYR B 165 3.14 22.91 12.01
N GLU B 166 3.77 21.74 12.08
CA GLU B 166 5.17 21.57 11.69
C GLU B 166 5.35 21.80 10.19
N GLU B 167 4.47 21.20 9.41
CA GLU B 167 4.56 21.22 7.95
C GLU B 167 4.03 22.51 7.34
N GLU B 168 2.87 22.97 7.80
CA GLU B 168 2.13 24.02 7.11
C GLU B 168 2.16 25.41 7.75
N VAL B 169 2.62 25.50 9.00
CA VAL B 169 2.59 26.78 9.72
C VAL B 169 3.99 27.28 10.11
N PHE B 170 4.65 26.58 11.02
CA PHE B 170 5.91 27.05 11.59
C PHE B 170 7.17 26.62 10.83
N SER B 171 7.01 25.65 9.91
CA SER B 171 8.12 25.09 9.13
C SER B 171 9.28 24.57 9.99
N ALA B 172 8.94 24.11 11.20
CA ALA B 172 9.91 23.56 12.14
C ALA B 172 9.18 22.74 13.21
N TYR B 173 9.94 21.99 13.99
CA TYR B 173 9.40 21.17 15.07
C TYR B 173 9.21 21.97 16.36
N SER B 174 10.07 22.97 16.54
CA SER B 174 10.10 23.76 17.76
C SER B 174 8.89 24.68 17.91
N ALA B 175 8.26 24.61 19.08
CA ALA B 175 7.23 25.56 19.48
C ALA B 175 7.62 26.21 20.81
N LEU B 176 8.91 26.53 20.92
CA LEU B 176 9.46 27.26 22.06
C LEU B 176 10.08 28.56 21.57
N TRP B 177 9.90 29.62 22.34
CA TRP B 177 10.45 30.93 21.99
C TRP B 177 11.08 31.62 23.20
N TRP B 178 12.40 31.76 23.16
CA TRP B 178 13.15 32.44 24.21
C TRP B 178 13.03 33.95 24.08
N SER B 179 12.96 34.63 25.23
CA SER B 179 13.08 36.09 25.28
C SER B 179 14.56 36.47 25.07
N PRO B 180 14.82 37.66 24.48
CA PRO B 180 16.19 38.11 24.16
C PRO B 180 17.21 38.01 25.31
N ASN B 181 16.74 38.09 26.56
CA ASN B 181 17.61 37.96 27.73
C ASN B 181 17.76 36.50 28.15
N GLY B 182 16.65 35.78 28.13
CA GLY B 182 16.59 34.41 28.65
C GLY B 182 15.71 34.36 29.88
N THR B 183 14.93 35.42 30.08
CA THR B 183 14.07 35.57 31.25
C THR B 183 12.80 34.73 31.10
N PHE B 184 12.18 34.79 29.93
CA PHE B 184 10.93 34.10 29.65
C PHE B 184 11.09 33.02 28.59
N LEU B 185 10.33 31.94 28.77
CA LEU B 185 10.22 30.90 27.74
C LEU B 185 8.78 30.80 27.27
N ALA B 186 8.50 31.42 26.13
CA ALA B 186 7.19 31.36 25.50
C ALA B 186 7.03 30.02 24.80
N TYR B 187 5.86 29.40 24.95
CA TYR B 187 5.57 28.14 24.27
C TYR B 187 4.10 27.99 23.88
N ALA B 188 3.84 27.16 22.88
CA ALA B 188 2.49 26.87 22.44
C ALA B 188 2.09 25.45 22.82
N GLN B 189 0.79 25.27 23.05
CA GLN B 189 0.23 23.96 23.37
C GLN B 189 -0.76 23.57 22.28
N PHE B 190 -0.65 22.34 21.79
CA PHE B 190 -1.52 21.86 20.72
C PHE B 190 -2.34 20.66 21.16
N ASN B 191 -3.66 20.80 21.03
CA ASN B 191 -4.60 19.74 21.41
C ASN B 191 -5.13 19.02 20.17
N ASP B 192 -4.78 17.75 20.05
CA ASP B 192 -5.15 16.93 18.89
C ASP B 192 -6.20 15.87 19.20
N THR B 193 -6.89 16.03 20.33
CA THR B 193 -7.85 15.03 20.82
C THR B 193 -8.87 14.60 19.75
N GLU B 194 -9.47 15.57 19.07
CA GLU B 194 -10.53 15.28 18.10
C GLU B 194 -10.07 15.29 16.65
N VAL B 195 -8.75 15.44 16.45
CA VAL B 195 -8.15 15.36 15.12
C VAL B 195 -8.11 13.90 14.66
N PRO B 196 -8.66 13.62 13.47
CA PRO B 196 -8.70 12.25 12.93
C PRO B 196 -7.30 11.70 12.60
N LEU B 197 -7.16 10.38 12.65
CA LEU B 197 -5.88 9.74 12.37
C LEU B 197 -5.79 9.25 10.93
N ILE B 198 -4.63 9.46 10.31
CA ILE B 198 -4.30 8.79 9.06
C ILE B 198 -3.50 7.53 9.41
N GLU B 199 -3.90 6.40 8.83
CA GLU B 199 -3.29 5.12 9.16
C GLU B 199 -2.72 4.43 7.91
N TYR B 200 -1.43 4.10 7.98
CA TYR B 200 -0.77 3.38 6.90
C TYR B 200 0.22 2.34 7.42
N SER B 201 0.51 1.34 6.60
CA SER B 201 1.44 0.28 6.97
C SER B 201 2.91 0.71 6.81
N PHE B 202 3.74 0.21 7.73
CA PHE B 202 5.18 0.28 7.60
C PHE B 202 5.72 -1.15 7.72
N TYR B 203 6.64 -1.52 6.84
CA TYR B 203 7.05 -2.92 6.70
C TYR B 203 8.39 -3.25 7.36
N SER B 204 9.21 -2.22 7.57
CA SER B 204 10.54 -2.35 8.20
C SER B 204 11.42 -3.42 7.52
N ASP B 205 12.34 -4.01 8.28
CA ASP B 205 13.21 -5.08 7.77
C ASP B 205 12.39 -6.31 7.43
N GLU B 206 12.94 -7.18 6.59
CA GLU B 206 12.25 -8.41 6.22
C GLU B 206 12.03 -9.32 7.44
N SER B 207 12.76 -9.04 8.52
CA SER B 207 12.64 -9.79 9.77
C SER B 207 11.29 -9.56 10.46
N LEU B 208 10.76 -8.34 10.38
CA LEU B 208 9.47 -8.01 10.97
C LEU B 208 8.32 -8.80 10.33
N GLN B 209 7.69 -9.66 11.13
CA GLN B 209 6.66 -10.59 10.64
C GLN B 209 5.31 -9.93 10.35
N TYR B 210 4.87 -9.05 11.25
CA TYR B 210 3.61 -8.31 11.05
C TYR B 210 3.88 -6.83 10.80
N PRO B 211 3.35 -6.30 9.69
CA PRO B 211 3.54 -4.89 9.36
C PRO B 211 2.96 -3.97 10.44
N LYS B 212 3.70 -2.94 10.80
CA LYS B 212 3.27 -1.97 11.80
C LYS B 212 2.37 -0.91 11.16
N THR B 213 1.24 -0.61 11.79
CA THR B 213 0.35 0.46 11.34
C THR B 213 0.75 1.78 12.00
N VAL B 214 1.04 2.77 11.17
CA VAL B 214 1.44 4.09 11.65
C VAL B 214 0.22 5.00 11.74
N ARG B 215 -0.06 5.50 12.94
CA ARG B 215 -1.17 6.41 13.18
C ARG B 215 -0.67 7.83 13.44
N VAL B 216 -1.17 8.78 12.65
CA VAL B 216 -0.77 10.19 12.77
C VAL B 216 -2.01 11.08 12.80
N PRO B 217 -2.13 11.97 13.80
CA PRO B 217 -3.20 12.96 13.81
C PRO B 217 -3.03 13.92 12.63
N TYR B 218 -3.96 13.84 11.68
CA TYR B 218 -3.85 14.55 10.42
C TYR B 218 -5.21 15.12 10.04
N PRO B 219 -5.35 16.46 10.05
CA PRO B 219 -6.60 17.08 9.64
C PRO B 219 -6.65 17.35 8.14
N LYS B 220 -7.45 16.57 7.41
CA LYS B 220 -7.65 16.81 5.98
C LYS B 220 -8.60 18.00 5.77
N ALA B 221 -8.86 18.35 4.52
CA ALA B 221 -9.68 19.52 4.19
C ALA B 221 -11.09 19.42 4.78
N GLY B 222 -11.43 20.37 5.65
CA GLY B 222 -12.75 20.41 6.28
C GLY B 222 -12.88 19.64 7.56
N ALA B 223 -11.87 18.81 7.88
CA ALA B 223 -11.87 17.98 9.08
C ALA B 223 -11.58 18.79 10.36
N VAL B 224 -11.71 18.14 11.51
CA VAL B 224 -11.49 18.79 12.81
C VAL B 224 -10.03 19.17 13.02
N ASN B 225 -9.80 20.47 13.16
CA ASN B 225 -8.45 21.02 13.36
C ASN B 225 -7.96 20.95 14.82
N PRO B 226 -6.64 20.99 15.03
CA PRO B 226 -6.11 21.09 16.39
C PRO B 226 -6.34 22.48 16.98
N THR B 227 -6.56 22.54 18.29
CA THR B 227 -6.68 23.81 18.99
C THR B 227 -5.33 24.20 19.59
N VAL B 228 -5.13 25.50 19.81
CA VAL B 228 -3.86 26.02 20.31
C VAL B 228 -4.02 26.94 21.52
N LYS B 229 -3.15 26.77 22.50
CA LYS B 229 -3.05 27.65 23.67
C LYS B 229 -1.62 28.13 23.84
N PHE B 230 -1.47 29.41 24.19
CA PHE B 230 -0.15 30.02 24.32
C PHE B 230 0.16 30.39 25.77
N PHE B 231 1.33 29.98 26.25
CA PHE B 231 1.76 30.23 27.62
C PHE B 231 3.15 30.85 27.67
N VAL B 232 3.40 31.62 28.72
CA VAL B 232 4.73 32.18 29.00
C VAL B 232 5.08 31.92 30.47
N VAL B 233 6.31 31.43 30.70
CA VAL B 233 6.79 31.12 32.05
C VAL B 233 8.08 31.88 32.38
N ASN B 234 8.27 32.21 33.65
CA ASN B 234 9.51 32.84 34.11
C ASN B 234 10.56 31.80 34.46
N THR B 235 11.71 31.87 33.78
CA THR B 235 12.76 30.87 33.93
C THR B 235 13.65 31.10 35.16
N ASP B 236 13.56 32.29 35.75
CA ASP B 236 14.39 32.66 36.88
C ASP B 236 13.80 32.19 38.21
N SER B 237 12.54 32.51 38.45
CA SER B 237 11.86 32.16 39.69
C SER B 237 11.28 30.74 39.65
N LEU B 238 12.16 29.77 39.43
CA LEU B 238 11.75 28.36 39.36
C LEU B 238 11.97 27.64 40.68
N SER B 239 10.88 27.39 41.40
CA SER B 239 10.93 26.73 42.70
C SER B 239 11.18 25.23 42.57
N SER B 240 12.14 24.74 43.34
CA SER B 240 12.47 23.31 43.36
C SER B 240 11.45 22.51 44.18
N VAL B 241 10.48 23.22 44.75
CA VAL B 241 9.46 22.61 45.61
C VAL B 241 8.03 22.93 45.16
N THR B 242 7.91 23.78 44.12
CA THR B 242 6.60 24.15 43.57
C THR B 242 6.59 24.07 42.04
N ASN B 243 5.50 23.54 41.49
CA ASN B 243 5.29 23.46 40.04
C ASN B 243 5.20 24.87 39.42
N ALA B 244 5.98 25.08 38.36
CA ALA B 244 6.10 26.40 37.72
C ALA B 244 4.77 26.95 37.21
N THR B 245 4.58 28.26 37.39
CA THR B 245 3.35 28.94 36.97
C THR B 245 3.51 29.52 35.57
N SER B 246 2.75 28.97 34.63
CA SER B 246 2.75 29.44 33.25
C SER B 246 1.55 30.34 33.01
N ILE B 247 1.83 31.59 32.65
CA ILE B 247 0.77 32.57 32.39
C ILE B 247 0.25 32.42 30.96
N GLN B 248 -1.03 32.09 30.84
CA GLN B 248 -1.65 31.90 29.53
C GLN B 248 -2.04 33.23 28.89
N ILE B 249 -1.66 33.39 27.63
CA ILE B 249 -2.16 34.48 26.81
C ILE B 249 -3.23 33.93 25.89
N THR B 250 -4.42 34.54 25.92
CA THR B 250 -5.51 34.11 25.06
C THR B 250 -5.56 34.91 23.76
N ALA B 251 -6.20 34.33 22.75
CA ALA B 251 -6.37 34.99 21.46
C ALA B 251 -7.48 36.05 21.56
N PRO B 252 -7.45 37.07 20.67
CA PRO B 252 -8.50 38.08 20.60
C PRO B 252 -9.91 37.49 20.41
N ALA B 253 -10.92 38.24 20.83
CA ALA B 253 -12.32 37.80 20.72
C ALA B 253 -12.79 37.69 19.27
N SER B 254 -12.14 38.42 18.36
CA SER B 254 -12.42 38.34 16.92
C SER B 254 -11.91 37.02 16.32
N MET B 255 -11.05 36.33 17.06
CA MET B 255 -10.50 35.04 16.65
C MET B 255 -11.21 33.88 17.36
N LEU B 256 -11.62 34.12 18.60
CA LEU B 256 -12.29 33.10 19.43
C LEU B 256 -13.70 32.73 18.95
N ILE B 257 -14.17 33.42 17.91
CA ILE B 257 -15.48 33.15 17.32
C ILE B 257 -15.56 31.78 16.65
N GLY B 258 -14.46 31.36 16.03
CA GLY B 258 -14.37 30.07 15.36
C GLY B 258 -12.97 29.49 15.41
N ASP B 259 -12.68 28.59 14.48
CA ASP B 259 -11.37 27.94 14.40
C ASP B 259 -10.28 28.92 14.00
N HIS B 260 -9.10 28.77 14.61
CA HIS B 260 -7.97 29.66 14.35
C HIS B 260 -6.62 28.96 14.46
N TYR B 261 -5.58 29.63 13.96
CA TYR B 261 -4.21 29.16 14.11
C TYR B 261 -3.34 30.24 14.71
N LEU B 262 -2.36 29.83 15.51
CA LEU B 262 -1.26 30.72 15.91
C LEU B 262 -0.20 30.61 14.81
N CYS B 263 0.03 31.70 14.08
CA CYS B 263 0.89 31.66 12.90
C CYS B 263 2.20 32.44 12.99
N ASP B 264 2.45 33.08 14.13
CA ASP B 264 3.71 33.80 14.35
C ASP B 264 3.95 34.16 15.81
N VAL B 265 5.19 33.99 16.26
CA VAL B 265 5.63 34.41 17.59
C VAL B 265 6.99 35.12 17.46
N THR B 266 7.01 36.42 17.72
CA THR B 266 8.24 37.21 17.65
C THR B 266 8.38 38.15 18.85
N TRP B 267 9.48 38.01 19.57
CA TRP B 267 9.76 38.88 20.72
C TRP B 267 10.19 40.28 20.26
N ALA B 268 9.67 41.30 20.94
CA ALA B 268 10.00 42.68 20.63
C ALA B 268 11.11 43.21 21.56
N THR B 269 10.87 43.13 22.86
CA THR B 269 11.86 43.51 23.86
C THR B 269 11.99 42.43 24.93
N GLN B 270 12.49 42.82 26.10
CA GLN B 270 12.66 41.90 27.23
C GLN B 270 11.33 41.52 27.89
N GLU B 271 10.33 42.38 27.75
CA GLU B 271 9.01 42.16 28.34
C GLU B 271 7.87 42.41 27.35
N ARG B 272 8.21 42.45 26.07
CA ARG B 272 7.22 42.69 25.01
C ARG B 272 7.30 41.57 23.96
N ILE B 273 6.17 40.91 23.73
CA ILE B 273 6.08 39.82 22.76
C ILE B 273 4.96 40.04 21.75
N SER B 274 5.27 39.79 20.48
CA SER B 274 4.28 39.87 19.41
C SER B 274 3.75 38.49 19.04
N LEU B 275 2.43 38.41 18.88
CA LEU B 275 1.77 37.18 18.45
C LEU B 275 0.88 37.49 17.25
N GLN B 276 0.76 36.54 16.34
CA GLN B 276 -0.13 36.69 15.19
C GLN B 276 -1.09 35.51 15.09
N TRP B 277 -2.37 35.82 14.99
CA TRP B 277 -3.42 34.81 14.90
C TRP B 277 -4.07 34.84 13.52
N LEU B 278 -4.56 33.70 13.07
CA LEU B 278 -5.15 33.57 11.75
C LEU B 278 -6.42 32.73 11.80
N ARG B 279 -7.49 33.24 11.21
CA ARG B 279 -8.76 32.51 11.12
C ARG B 279 -8.62 31.32 10.18
N ARG B 280 -9.41 30.28 10.43
CA ARG B 280 -9.40 29.07 9.58
C ARG B 280 -9.58 29.43 8.11
N ILE B 281 -10.55 30.30 7.81
CA ILE B 281 -10.61 30.96 6.52
C ILE B 281 -9.52 32.03 6.57
N GLN B 282 -8.42 31.78 5.88
CA GLN B 282 -7.17 32.52 6.10
C GLN B 282 -7.07 33.85 5.33
N ASN B 283 -8.16 34.61 5.33
CA ASN B 283 -8.17 35.95 4.72
C ASN B 283 -8.25 37.06 5.76
N TYR B 284 -8.09 36.69 7.03
CA TYR B 284 -8.16 37.64 8.15
C TYR B 284 -7.14 37.30 9.24
N SER B 285 -6.29 38.26 9.57
CA SER B 285 -5.23 38.07 10.56
C SER B 285 -5.17 39.22 11.57
N VAL B 286 -4.83 38.89 12.81
CA VAL B 286 -4.72 39.88 13.89
C VAL B 286 -3.41 39.71 14.66
N MET B 287 -2.69 40.81 14.86
CA MET B 287 -1.48 40.81 15.66
C MET B 287 -1.73 41.39 17.05
N ASP B 288 -1.17 40.72 18.06
CA ASP B 288 -1.19 41.20 19.44
C ASP B 288 0.19 41.62 19.90
N ILE B 289 0.25 42.73 20.65
CA ILE B 289 1.48 43.16 21.29
C ILE B 289 1.27 43.12 22.80
N CYS B 290 1.92 42.18 23.46
CA CYS B 290 1.67 41.89 24.87
C CYS B 290 2.83 42.29 25.78
N ASP B 291 2.53 43.19 26.71
CA ASP B 291 3.50 43.65 27.69
C ASP B 291 3.36 42.90 29.01
N TYR B 292 4.45 42.87 29.77
CA TYR B 292 4.47 42.21 31.08
C TYR B 292 4.16 43.21 32.18
N ASP B 293 3.03 43.00 32.85
CA ASP B 293 2.65 43.82 34.00
C ASP B 293 3.48 43.37 35.20
N GLU B 294 4.51 44.17 35.51
CA GLU B 294 5.54 43.79 36.48
C GLU B 294 5.03 43.63 37.91
N SER B 295 3.90 44.27 38.22
CA SER B 295 3.30 44.19 39.54
C SER B 295 2.51 42.89 39.73
N SER B 296 1.59 42.61 38.81
CA SER B 296 0.69 41.47 38.91
C SER B 296 1.31 40.16 38.40
N GLY B 297 2.28 40.28 37.51
CA GLY B 297 2.93 39.11 36.91
C GLY B 297 2.18 38.54 35.73
N ARG B 298 1.11 39.23 35.31
CA ARG B 298 0.29 38.81 34.18
C ARG B 298 0.81 39.40 32.87
N TRP B 299 0.23 38.95 31.76
CA TRP B 299 0.55 39.49 30.45
C TRP B 299 -0.66 40.21 29.84
N ASN B 300 -0.45 41.43 29.39
CA ASN B 300 -1.53 42.27 28.86
C ASN B 300 -1.26 42.72 27.42
N CYS B 301 -2.19 42.37 26.53
CA CYS B 301 -2.12 42.78 25.13
C CYS B 301 -3.22 43.81 24.88
N LEU B 302 -2.80 45.04 24.60
CA LEU B 302 -3.75 46.15 24.45
C LEU B 302 -4.51 46.11 23.13
N VAL B 303 -5.81 46.36 23.21
CA VAL B 303 -6.70 46.42 22.04
C VAL B 303 -6.35 47.60 21.13
N ALA B 304 -5.74 48.63 21.71
CA ALA B 304 -5.27 49.80 20.95
C ALA B 304 -3.92 49.54 20.27
N ARG B 305 -3.37 48.35 20.49
CA ARG B 305 -2.10 47.94 19.88
C ARG B 305 -2.26 46.84 18.82
N GLN B 306 -3.50 46.43 18.59
CA GLN B 306 -3.81 45.37 17.63
C GLN B 306 -3.73 45.85 16.18
N HIS B 307 -3.11 45.03 15.33
CA HIS B 307 -2.98 45.33 13.91
C HIS B 307 -3.63 44.24 13.06
N ILE B 308 -4.48 44.67 12.13
CA ILE B 308 -5.27 43.76 11.31
C ILE B 308 -4.72 43.64 9.89
N GLU B 309 -4.58 42.40 9.43
CA GLU B 309 -4.24 42.12 8.04
C GLU B 309 -5.33 41.29 7.39
N MET B 310 -5.85 41.81 6.27
CA MET B 310 -6.93 41.12 5.55
C MET B 310 -6.82 41.30 4.04
N SER B 311 -7.45 40.40 3.30
CA SER B 311 -7.50 40.46 1.84
C SER B 311 -8.84 39.92 1.34
N THR B 312 -9.39 40.58 0.33
CA THR B 312 -10.63 40.15 -0.30
C THR B 312 -10.37 39.45 -1.62
N THR B 313 -9.13 39.53 -2.10
CA THR B 313 -8.70 38.89 -3.34
C THR B 313 -8.07 37.51 -3.12
N GLY B 314 -7.72 37.20 -1.87
CA GLY B 314 -7.14 35.91 -1.52
C GLY B 314 -6.78 35.74 -0.06
N TRP B 315 -5.65 35.06 0.19
CA TRP B 315 -5.19 34.75 1.53
C TRP B 315 -4.13 35.74 2.03
N VAL B 316 -3.95 35.79 3.35
CA VAL B 316 -3.00 36.71 3.99
C VAL B 316 -1.59 36.12 4.00
N GLY B 317 -0.64 36.85 3.41
CA GLY B 317 0.76 36.41 3.34
C GLY B 317 1.06 35.57 2.11
N ARG B 318 2.34 35.22 1.95
CA ARG B 318 2.76 34.33 0.87
C ARG B 318 2.33 32.89 1.19
N PHE B 319 2.81 32.38 2.32
CA PHE B 319 2.31 31.12 2.87
C PHE B 319 1.71 31.35 4.25
N ARG B 320 2.15 32.43 4.89
CA ARG B 320 1.58 32.91 6.15
C ARG B 320 1.93 34.39 6.34
N PRO B 321 1.21 35.11 7.24
CA PRO B 321 1.58 36.48 7.56
C PRO B 321 3.05 36.59 7.97
N SER B 322 3.75 37.59 7.43
CA SER B 322 5.19 37.76 7.65
C SER B 322 5.53 38.12 9.09
N GLU B 323 6.79 37.92 9.48
CA GLU B 323 7.25 38.26 10.82
C GLU B 323 7.58 39.74 10.93
N PRO B 324 7.21 40.37 12.07
CA PRO B 324 7.60 41.76 12.30
C PRO B 324 9.05 41.90 12.72
N HIS B 325 9.66 43.04 12.39
CA HIS B 325 11.03 43.35 12.79
C HIS B 325 11.05 44.64 13.61
N PHE B 326 11.20 44.49 14.92
CA PHE B 326 11.11 45.61 15.85
C PHE B 326 12.43 46.38 16.01
N THR B 327 12.30 47.68 16.21
CA THR B 327 13.45 48.55 16.50
C THR B 327 13.93 48.31 17.94
N LEU B 328 15.15 48.74 18.24
CA LEU B 328 15.80 48.49 19.52
C LEU B 328 14.94 48.80 20.75
N ASP B 329 14.24 49.94 20.72
CA ASP B 329 13.34 50.33 21.81
C ASP B 329 12.07 49.48 21.87
N GLY B 330 11.63 49.00 20.70
CA GLY B 330 10.47 48.12 20.60
C GLY B 330 9.14 48.85 20.53
N ASN B 331 9.15 50.07 20.02
CA ASN B 331 7.94 50.89 19.90
C ASN B 331 7.40 50.97 18.48
N SER B 332 8.18 50.44 17.54
CA SER B 332 7.80 50.42 16.13
C SER B 332 8.41 49.22 15.42
N PHE B 333 7.65 48.63 14.51
CA PHE B 333 8.11 47.45 13.77
C PHE B 333 7.99 47.56 12.25
N TYR B 334 8.90 46.89 11.56
CA TYR B 334 8.88 46.80 10.10
C TYR B 334 8.30 45.45 9.67
N LYS B 335 7.48 45.46 8.64
CA LYS B 335 6.77 44.26 8.20
C LYS B 335 6.47 44.32 6.70
N ILE B 336 6.56 43.17 6.04
CA ILE B 336 6.25 43.09 4.61
C ILE B 336 4.73 42.90 4.41
N ILE B 337 4.11 43.89 3.78
CA ILE B 337 2.67 43.87 3.51
C ILE B 337 2.44 44.08 2.02
N SER B 338 1.36 43.46 1.50
CA SER B 338 0.93 43.68 0.14
C SER B 338 0.26 45.05 0.04
N ASN B 339 0.79 45.92 -0.82
CA ASN B 339 0.25 47.27 -1.00
C ASN B 339 -1.04 47.30 -1.83
N GLU B 340 -1.53 48.51 -2.12
CA GLU B 340 -2.81 48.70 -2.82
C GLU B 340 -2.80 48.17 -4.25
N GLU B 341 -1.62 48.10 -4.86
CA GLU B 341 -1.46 47.55 -6.20
C GLU B 341 -1.13 46.05 -6.17
N GLY B 342 -0.91 45.51 -4.97
CA GLY B 342 -0.72 44.08 -4.77
C GLY B 342 0.73 43.62 -4.68
N TYR B 343 1.65 44.55 -4.51
CA TYR B 343 3.08 44.23 -4.40
C TYR B 343 3.56 44.26 -2.95
N ARG B 344 4.34 43.24 -2.58
CA ARG B 344 4.75 43.05 -1.19
C ARG B 344 6.00 43.85 -0.83
N HIS B 345 5.78 44.91 -0.06
CA HIS B 345 6.84 45.83 0.36
C HIS B 345 6.83 46.07 1.86
N ILE B 346 7.92 46.66 2.37
CA ILE B 346 8.09 46.92 3.79
C ILE B 346 7.24 48.11 4.25
N CYS B 347 6.35 47.86 5.21
CA CYS B 347 5.51 48.92 5.78
C CYS B 347 5.94 49.21 7.21
N TYR B 348 6.19 50.49 7.50
CA TYR B 348 6.66 50.92 8.81
C TYR B 348 5.49 51.21 9.75
N PHE B 349 5.35 50.37 10.77
CA PHE B 349 4.25 50.44 11.71
C PHE B 349 4.60 51.19 12.98
N GLN B 350 3.61 51.86 13.55
CA GLN B 350 3.70 52.42 14.90
C GLN B 350 2.80 51.60 15.81
N ILE B 351 3.35 51.19 16.96
CA ILE B 351 2.65 50.30 17.90
C ILE B 351 1.18 50.65 18.17
N ASP B 352 0.87 51.95 18.21
CA ASP B 352 -0.47 52.41 18.53
C ASP B 352 -1.30 52.81 17.30
N LYS B 353 -0.61 53.21 16.23
CA LYS B 353 -1.28 53.66 15.00
C LYS B 353 -1.58 52.50 14.05
N LYS B 354 -2.80 52.48 13.52
CA LYS B 354 -3.24 51.43 12.61
C LYS B 354 -2.63 51.54 11.21
N ASP B 355 -2.54 52.76 10.70
CA ASP B 355 -1.94 53.00 9.39
C ASP B 355 -0.41 52.89 9.43
N CYS B 356 0.16 52.27 8.39
CA CYS B 356 1.61 52.15 8.26
C CYS B 356 2.11 52.90 7.02
N THR B 357 3.40 53.22 7.01
CA THR B 357 4.02 53.94 5.91
C THR B 357 4.99 53.04 5.14
N PHE B 358 4.73 52.87 3.85
CA PHE B 358 5.59 52.06 2.98
C PHE B 358 6.92 52.77 2.72
N ILE B 359 8.02 52.06 2.97
CA ILE B 359 9.36 52.60 2.77
C ILE B 359 9.94 52.18 1.41
N THR B 360 9.33 51.16 0.81
CA THR B 360 9.66 50.71 -0.54
C THR B 360 8.39 50.56 -1.38
N LYS B 361 8.52 50.74 -2.69
CA LYS B 361 7.40 50.59 -3.62
C LYS B 361 7.90 50.35 -5.05
N GLY B 362 7.12 49.61 -5.83
CA GLY B 362 7.50 49.30 -7.20
C GLY B 362 6.69 48.16 -7.82
N THR B 363 6.97 47.87 -9.08
CA THR B 363 6.43 46.69 -9.74
C THR B 363 7.35 45.50 -9.50
N TRP B 364 7.73 45.32 -8.23
CA TRP B 364 8.59 44.24 -7.77
C TRP B 364 8.25 43.95 -6.31
N GLU B 365 8.91 42.97 -5.72
CA GLU B 365 8.60 42.56 -4.35
C GLU B 365 9.81 42.39 -3.44
N VAL B 366 9.61 42.68 -2.16
CA VAL B 366 10.61 42.42 -1.13
C VAL B 366 10.47 40.95 -0.70
N ILE B 367 11.61 40.26 -0.64
CA ILE B 367 11.62 38.84 -0.27
C ILE B 367 11.65 38.65 1.24
N GLY B 368 12.55 39.36 1.91
CA GLY B 368 12.69 39.26 3.37
C GLY B 368 13.59 40.31 4.00
N ILE B 369 13.19 40.76 5.18
CA ILE B 369 13.98 41.67 6.00
C ILE B 369 15.03 40.86 6.75
N GLU B 370 16.30 41.19 6.52
CA GLU B 370 17.42 40.37 7.01
C GLU B 370 18.02 40.90 8.31
N ALA B 371 18.26 42.20 8.37
CA ALA B 371 18.87 42.84 9.54
C ALA B 371 18.39 44.28 9.73
N LEU B 372 18.34 44.72 10.98
CA LEU B 372 17.93 46.07 11.32
C LEU B 372 18.84 46.71 12.37
N THR B 373 19.50 47.79 11.99
CA THR B 373 20.27 48.60 12.92
C THR B 373 19.52 49.90 13.21
N SER B 374 20.13 50.79 13.98
CA SER B 374 19.56 52.11 14.25
C SER B 374 19.72 53.04 13.04
N ASP B 375 20.56 52.63 12.09
CA ASP B 375 20.85 53.42 10.89
C ASP B 375 20.25 52.83 9.63
N TYR B 376 20.35 51.50 9.48
CA TYR B 376 19.95 50.83 8.24
C TYR B 376 19.06 49.61 8.44
N LEU B 377 18.21 49.35 7.44
CA LEU B 377 17.47 48.11 7.32
C LEU B 377 17.95 47.39 6.06
N TYR B 378 18.33 46.13 6.20
CA TYR B 378 18.81 45.34 5.08
C TYR B 378 17.73 44.36 4.61
N TYR B 379 17.45 44.39 3.31
CA TYR B 379 16.44 43.52 2.72
C TYR B 379 16.89 42.94 1.39
N ILE B 380 16.25 41.83 1.01
CA ILE B 380 16.49 41.20 -0.29
C ILE B 380 15.26 41.36 -1.17
N SER B 381 15.47 41.76 -2.42
CA SER B 381 14.37 41.96 -3.37
C SER B 381 14.74 41.55 -4.79
N ASN B 382 13.72 41.36 -5.62
CA ASN B 382 13.88 40.99 -7.02
C ASN B 382 13.77 42.18 -7.97
N GLU B 383 14.24 43.34 -7.50
CA GLU B 383 14.10 44.60 -8.22
C GLU B 383 15.07 44.71 -9.41
N TYR B 384 16.34 44.37 -9.16
CA TYR B 384 17.41 44.55 -10.14
C TYR B 384 17.06 44.03 -11.55
N LYS B 385 17.10 44.94 -12.52
CA LYS B 385 16.78 44.66 -13.93
C LYS B 385 15.37 44.15 -14.20
N GLY B 386 14.48 44.32 -13.22
CA GLY B 386 13.08 43.87 -13.33
C GLY B 386 12.95 42.37 -13.47
N MET B 387 13.84 41.63 -12.82
CA MET B 387 13.88 40.17 -12.89
C MET B 387 13.37 39.53 -11.60
N PRO B 388 12.17 38.92 -11.65
CA PRO B 388 11.59 38.23 -10.49
C PRO B 388 12.39 37.02 -10.02
N GLY B 389 13.11 36.38 -10.95
CA GLY B 389 13.91 35.20 -10.62
C GLY B 389 15.28 35.51 -10.04
N GLY B 390 15.50 36.77 -9.67
CA GLY B 390 16.78 37.20 -9.10
C GLY B 390 16.66 37.66 -7.66
N ARG B 391 17.77 37.58 -6.93
CA ARG B 391 17.82 38.01 -5.53
C ARG B 391 19.04 38.89 -5.30
N ASN B 392 18.83 40.04 -4.68
CA ASN B 392 19.90 40.99 -4.37
C ASN B 392 19.73 41.68 -3.04
N LEU B 393 20.86 41.89 -2.35
CA LEU B 393 20.86 42.59 -1.07
C LEU B 393 20.86 44.11 -1.26
N TYR B 394 19.84 44.75 -0.71
CA TYR B 394 19.73 46.20 -0.71
C TYR B 394 19.80 46.73 0.72
N LYS B 395 20.28 47.96 0.89
CA LYS B 395 20.22 48.65 2.17
C LYS B 395 19.43 49.95 2.03
N ILE B 396 18.64 50.26 3.06
CA ILE B 396 17.84 51.49 3.06
C ILE B 396 18.16 52.35 4.29
N GLN B 397 18.32 53.65 4.05
CA GLN B 397 18.62 54.62 5.10
C GLN B 397 17.34 54.94 5.86
N LEU B 398 17.38 54.74 7.18
CA LEU B 398 16.20 54.96 8.03
C LEU B 398 15.84 56.44 8.16
N SER B 399 16.84 57.30 8.05
CA SER B 399 16.65 58.75 8.11
C SER B 399 16.18 59.33 6.77
N ASP B 400 16.43 58.60 5.69
CA ASP B 400 16.04 59.04 4.34
C ASP B 400 15.63 57.85 3.48
N TYR B 401 14.32 57.69 3.28
CA TYR B 401 13.76 56.52 2.57
C TYR B 401 14.00 56.53 1.06
N THR B 402 14.47 57.65 0.53
CA THR B 402 14.78 57.76 -0.90
C THR B 402 16.23 57.37 -1.21
N LYS B 403 16.99 57.01 -0.17
CA LYS B 403 18.38 56.60 -0.30
C LYS B 403 18.54 55.08 -0.22
N VAL B 404 18.43 54.42 -1.37
CA VAL B 404 18.53 52.96 -1.45
C VAL B 404 19.82 52.56 -2.19
N THR B 405 20.60 51.68 -1.56
CA THR B 405 21.85 51.20 -2.14
C THR B 405 21.84 49.67 -2.29
N CYS B 406 22.10 49.19 -3.51
CA CYS B 406 22.26 47.76 -3.73
C CYS B 406 23.71 47.36 -3.48
N LEU B 407 23.91 46.45 -2.54
CA LEU B 407 25.25 46.05 -2.11
C LEU B 407 25.81 44.88 -2.91
N SER B 408 24.96 44.23 -3.70
CA SER B 408 25.34 43.00 -4.40
C SER B 408 25.18 43.08 -5.92
N CYS B 409 24.34 43.99 -6.38
CA CYS B 409 23.96 44.11 -7.80
C CYS B 409 25.12 44.09 -8.79
N GLU B 410 26.19 44.83 -8.48
CA GLU B 410 27.29 45.05 -9.42
C GLU B 410 28.59 44.30 -9.07
N LEU B 411 28.55 43.47 -8.04
CA LEU B 411 29.72 42.71 -7.59
C LEU B 411 30.28 41.80 -8.69
N ASN B 412 29.43 40.93 -9.22
CA ASN B 412 29.77 40.04 -10.33
C ASN B 412 28.56 39.81 -11.23
N PRO B 413 28.08 40.88 -11.91
CA PRO B 413 26.79 40.89 -12.63
C PRO B 413 26.54 39.70 -13.55
N GLU B 414 27.61 39.17 -14.18
CA GLU B 414 27.49 38.02 -15.08
C GLU B 414 27.38 36.70 -14.32
N ARG B 415 28.18 36.57 -13.26
CA ARG B 415 28.27 35.34 -12.49
C ARG B 415 27.18 35.23 -11.41
N CYS B 416 26.80 36.37 -10.84
CA CYS B 416 25.93 36.38 -9.67
C CYS B 416 24.67 37.24 -9.80
N GLN B 417 23.52 36.57 -9.70
CA GLN B 417 22.21 37.23 -9.79
C GLN B 417 21.25 36.73 -8.69
N TYR B 418 21.70 35.78 -7.89
CA TYR B 418 20.90 35.19 -6.81
C TYR B 418 21.68 35.22 -5.51
N TYR B 419 21.23 36.05 -4.57
CA TYR B 419 21.93 36.27 -3.31
C TYR B 419 21.09 35.96 -2.08
N SER B 420 21.73 35.36 -1.08
CA SER B 420 21.16 35.26 0.26
C SER B 420 22.26 35.67 1.24
N VAL B 421 21.87 36.31 2.35
CA VAL B 421 22.85 36.95 3.23
C VAL B 421 22.73 36.53 4.70
N SER B 422 23.88 36.43 5.37
CA SER B 422 23.93 36.09 6.79
C SER B 422 24.66 37.19 7.57
N PHE B 423 23.97 37.81 8.51
CA PHE B 423 24.50 38.94 9.27
C PHE B 423 25.03 38.55 10.65
N SER B 424 26.05 39.28 11.11
CA SER B 424 26.57 39.13 12.46
C SER B 424 25.66 39.83 13.47
N LYS B 425 25.97 39.68 14.76
CA LYS B 425 25.22 40.35 15.82
C LYS B 425 25.25 41.86 15.62
N GLU B 426 24.07 42.48 15.65
CA GLU B 426 23.88 43.91 15.37
C GLU B 426 24.36 44.35 13.98
N ALA B 427 24.42 43.40 13.05
CA ALA B 427 24.76 43.64 11.64
C ALA B 427 26.03 44.47 11.42
N LYS B 428 27.15 43.97 11.94
CA LYS B 428 28.44 44.63 11.77
C LYS B 428 29.18 44.08 10.54
N TYR B 429 29.12 42.76 10.37
CA TYR B 429 29.71 42.09 9.22
C TYR B 429 28.69 41.13 8.62
N TYR B 430 28.76 40.91 7.30
CA TYR B 430 27.84 40.00 6.63
C TYR B 430 28.48 39.13 5.56
N GLN B 431 27.95 37.92 5.41
CA GLN B 431 28.37 36.99 4.38
C GLN B 431 27.34 36.94 3.27
N LEU B 432 27.75 37.29 2.05
CA LEU B 432 26.90 37.16 0.88
C LEU B 432 27.16 35.83 0.19
N ARG B 433 26.10 35.05 0.00
CA ARG B 433 26.21 33.78 -0.70
C ARG B 433 25.53 33.84 -2.07
N CYS B 434 26.35 33.65 -3.10
CA CYS B 434 25.89 33.62 -4.49
C CYS B 434 25.59 32.18 -4.88
N SER B 435 24.54 31.98 -5.65
CA SER B 435 24.10 30.62 -6.02
C SER B 435 23.83 30.44 -7.52
N GLY B 436 24.00 31.49 -8.30
CA GLY B 436 23.80 31.44 -9.76
C GLY B 436 23.81 32.81 -10.42
N PRO B 437 23.79 32.86 -11.77
CA PRO B 437 23.78 31.73 -12.72
C PRO B 437 25.12 31.00 -12.85
N GLY B 438 26.20 31.67 -12.43
CA GLY B 438 27.52 31.05 -12.40
C GLY B 438 27.67 30.16 -11.18
N LEU B 439 28.87 29.63 -10.98
CA LEU B 439 29.16 28.79 -9.81
C LEU B 439 29.03 29.61 -8.52
N PRO B 440 28.50 28.98 -7.44
CA PRO B 440 28.34 29.60 -6.14
C PRO B 440 29.58 30.34 -5.65
N LEU B 441 29.37 31.57 -5.17
CA LEU B 441 30.44 32.44 -4.68
C LEU B 441 30.13 32.94 -3.28
N TYR B 442 31.01 32.60 -2.34
CA TYR B 442 30.83 32.96 -0.93
C TYR B 442 31.86 34.01 -0.52
N THR B 443 31.38 35.20 -0.19
CA THR B 443 32.25 36.33 0.17
C THR B 443 31.86 36.95 1.50
N LEU B 444 32.86 37.44 2.24
CA LEU B 444 32.64 38.13 3.50
C LEU B 444 32.79 39.64 3.31
N HIS B 445 31.86 40.40 3.90
CA HIS B 445 31.84 41.85 3.77
C HIS B 445 31.64 42.54 5.12
N SER B 446 32.06 43.81 5.19
CA SER B 446 31.84 44.66 6.36
C SER B 446 30.74 45.69 6.07
N SER B 447 29.88 45.92 7.05
CA SER B 447 28.74 46.83 6.89
C SER B 447 29.15 48.30 6.93
N VAL B 448 30.23 48.59 7.64
CA VAL B 448 30.70 49.96 7.90
C VAL B 448 31.02 50.78 6.64
N ASN B 449 31.68 50.15 5.67
CA ASN B 449 32.09 50.82 4.43
C ASN B 449 31.86 49.98 3.17
N ASP B 450 31.30 48.79 3.37
CA ASP B 450 30.90 47.87 2.29
C ASP B 450 32.05 47.42 1.36
N LYS B 451 33.22 47.20 1.94
CA LYS B 451 34.37 46.67 1.18
C LYS B 451 34.42 45.15 1.26
N GLY B 452 34.71 44.53 0.11
CA GLY B 452 34.82 43.07 0.01
C GLY B 452 36.13 42.58 0.59
N LEU B 453 36.11 42.21 1.87
CA LEU B 453 37.31 41.81 2.61
C LEU B 453 38.02 40.61 2.00
N ARG B 454 37.34 39.47 1.93
CA ARG B 454 37.94 38.23 1.40
C ARG B 454 36.93 37.29 0.76
N VAL B 455 37.42 36.44 -0.16
CA VAL B 455 36.60 35.41 -0.79
C VAL B 455 36.70 34.11 0.00
N LEU B 456 35.58 33.68 0.57
CA LEU B 456 35.53 32.47 1.40
C LEU B 456 35.56 31.20 0.55
N GLU B 457 34.72 31.16 -0.48
CA GLU B 457 34.66 30.02 -1.40
C GLU B 457 34.27 30.50 -2.80
N ASP B 458 35.05 30.09 -3.79
CA ASP B 458 34.84 30.53 -5.18
C ASP B 458 34.55 29.37 -6.13
N ASN B 459 34.61 28.15 -5.62
CA ASN B 459 34.33 26.93 -6.40
C ASN B 459 35.19 26.76 -7.65
N SER B 460 36.41 27.29 -7.61
CA SER B 460 37.36 27.17 -8.72
C SER B 460 37.81 25.73 -8.91
N ALA B 461 37.76 24.94 -7.84
CA ALA B 461 38.06 23.51 -7.89
C ALA B 461 37.07 22.76 -8.78
N LEU B 462 35.79 23.11 -8.64
CA LEU B 462 34.73 22.56 -9.48
C LEU B 462 34.82 23.11 -10.91
N ASP B 463 35.22 24.37 -11.03
CA ASP B 463 35.37 25.04 -12.32
C ASP B 463 36.38 24.33 -13.22
N LYS B 464 37.46 23.84 -12.61
CA LYS B 464 38.51 23.11 -13.33
C LYS B 464 37.97 21.78 -13.87
N MET B 465 37.15 21.10 -13.07
CA MET B 465 36.53 19.83 -13.45
C MET B 465 35.52 19.99 -14.59
N LEU B 466 34.73 21.06 -14.53
CA LEU B 466 33.62 21.26 -15.47
C LEU B 466 34.06 21.72 -16.87
N GLN B 467 35.31 22.17 -16.99
CA GLN B 467 35.88 22.56 -18.28
C GLN B 467 36.11 21.36 -19.19
N ASN B 468 36.26 20.19 -18.58
CA ASN B 468 36.45 18.94 -19.31
C ASN B 468 35.12 18.27 -19.69
N VAL B 469 34.02 18.81 -19.18
CA VAL B 469 32.68 18.22 -19.40
C VAL B 469 31.81 19.13 -20.26
N GLN B 470 31.07 18.52 -21.18
CA GLN B 470 30.12 19.26 -22.03
C GLN B 470 28.86 19.62 -21.25
N MET B 471 28.85 20.82 -20.68
CA MET B 471 27.74 21.28 -19.84
C MET B 471 26.63 21.94 -20.65
N PRO B 472 25.36 21.76 -20.20
CA PRO B 472 24.25 22.45 -20.84
C PRO B 472 24.21 23.93 -20.47
N SER B 473 23.56 24.73 -21.30
CA SER B 473 23.39 26.16 -21.05
C SER B 473 21.98 26.45 -20.50
N LYS B 474 21.86 27.53 -19.73
CA LYS B 474 20.60 27.92 -19.13
C LYS B 474 20.10 29.25 -19.69
N LYS B 475 18.90 29.23 -20.26
CA LYS B 475 18.27 30.45 -20.77
C LYS B 475 17.10 30.86 -19.89
N LEU B 476 17.10 32.13 -19.46
CA LEU B 476 16.00 32.68 -18.68
C LEU B 476 15.38 33.87 -19.41
N ASP B 477 14.15 33.68 -19.88
CA ASP B 477 13.45 34.70 -20.66
C ASP B 477 11.97 34.71 -20.26
N PHE B 478 11.18 35.57 -20.91
CA PHE B 478 9.74 35.62 -20.68
C PHE B 478 8.94 35.62 -21.99
N ILE B 479 7.64 35.44 -21.87
CA ILE B 479 6.71 35.60 -22.99
C ILE B 479 5.50 36.42 -22.53
N ILE B 480 4.92 37.18 -23.46
CA ILE B 480 3.78 38.03 -23.15
C ILE B 480 2.47 37.29 -23.41
N LEU B 481 1.63 37.19 -22.38
CA LEU B 481 0.29 36.65 -22.51
C LEU B 481 -0.70 37.59 -21.83
N ASN B 482 -1.73 37.99 -22.59
CA ASN B 482 -2.74 38.96 -22.14
C ASN B 482 -2.14 40.18 -21.44
N GLU B 483 -1.16 40.79 -22.10
CA GLU B 483 -0.45 42.00 -21.62
C GLU B 483 0.35 41.79 -20.33
N THR B 484 0.68 40.55 -20.02
CA THR B 484 1.42 40.23 -18.80
C THR B 484 2.67 39.40 -19.11
N LYS B 485 3.78 39.75 -18.45
CA LYS B 485 5.04 39.00 -18.57
C LYS B 485 4.96 37.70 -17.77
N PHE B 486 5.30 36.60 -18.43
CA PHE B 486 5.36 35.29 -17.76
C PHE B 486 6.71 34.63 -18.02
N TRP B 487 7.51 34.51 -16.97
CA TRP B 487 8.89 34.05 -17.08
C TRP B 487 9.02 32.53 -17.18
N TYR B 488 9.95 32.09 -18.03
CA TYR B 488 10.25 30.68 -18.20
C TYR B 488 11.77 30.45 -18.18
N GLN B 489 12.18 29.21 -17.94
CA GLN B 489 13.61 28.86 -18.02
C GLN B 489 13.82 27.57 -18.81
N MET B 490 14.91 27.53 -19.59
CA MET B 490 15.25 26.36 -20.40
C MET B 490 16.66 25.85 -20.13
N ILE B 491 16.77 24.55 -19.87
CA ILE B 491 18.06 23.90 -19.80
C ILE B 491 18.33 23.32 -21.20
N LEU B 492 19.13 24.05 -21.96
CA LEU B 492 19.42 23.72 -23.36
C LEU B 492 20.67 22.85 -23.46
N PRO B 493 20.62 21.78 -24.29
CA PRO B 493 21.76 20.87 -24.49
C PRO B 493 23.00 21.59 -25.02
N PRO B 494 24.20 21.09 -24.67
CA PRO B 494 25.45 21.67 -25.18
C PRO B 494 25.49 21.70 -26.71
N HIS B 495 26.03 22.79 -27.26
CA HIS B 495 26.02 23.06 -28.70
C HIS B 495 24.58 23.14 -29.24
N PHE B 496 23.76 23.93 -28.55
CA PHE B 496 22.34 24.06 -28.90
C PHE B 496 22.11 24.70 -30.27
N ASP B 497 21.64 23.89 -31.22
CA ASP B 497 21.36 24.34 -32.57
C ASP B 497 19.89 24.76 -32.71
N LYS B 498 19.68 26.06 -32.85
CA LYS B 498 18.33 26.65 -32.91
C LYS B 498 17.53 26.23 -34.16
N SER B 499 18.22 25.64 -35.14
CA SER B 499 17.60 25.21 -36.39
C SER B 499 17.11 23.76 -36.35
N LYS B 500 17.59 22.99 -35.38
CA LYS B 500 17.19 21.59 -35.21
C LYS B 500 15.93 21.45 -34.33
N LYS B 501 15.38 20.25 -34.30
CA LYS B 501 14.21 19.94 -33.49
C LYS B 501 14.58 19.07 -32.28
N TYR B 502 14.38 19.61 -31.08
CA TYR B 502 14.71 18.92 -29.84
C TYR B 502 13.48 18.41 -29.11
N PRO B 503 13.60 17.26 -28.40
CA PRO B 503 12.54 16.82 -27.51
C PRO B 503 12.49 17.69 -26.25
N LEU B 504 11.28 17.97 -25.76
CA LEU B 504 11.10 18.86 -24.62
C LEU B 504 10.39 18.19 -23.43
N LEU B 505 11.00 18.30 -22.26
CA LEU B 505 10.39 17.85 -21.01
C LEU B 505 10.00 19.05 -20.15
N LEU B 506 8.72 19.15 -19.83
CA LEU B 506 8.23 20.26 -19.01
C LEU B 506 8.32 19.90 -17.53
N ASP B 507 9.32 20.48 -16.86
CA ASP B 507 9.52 20.33 -15.42
C ASP B 507 8.53 21.22 -14.68
N VAL B 508 7.65 20.58 -13.91
CA VAL B 508 6.46 21.25 -13.36
C VAL B 508 6.39 21.25 -11.83
N TYR B 509 6.09 22.42 -11.27
CA TYR B 509 5.56 22.52 -9.91
C TYR B 509 4.28 23.34 -9.91
N ALA B 510 4.40 24.63 -10.26
CA ALA B 510 3.26 25.53 -10.49
C ALA B 510 2.33 25.75 -9.29
N GLY B 511 2.81 25.44 -8.09
CA GLY B 511 2.04 25.64 -6.85
C GLY B 511 1.82 27.11 -6.52
N PRO B 512 0.89 27.41 -5.59
CA PRO B 512 0.68 28.79 -5.16
C PRO B 512 1.96 29.37 -4.54
N CYS B 513 2.41 30.49 -5.10
CA CYS B 513 3.65 31.17 -4.71
C CYS B 513 4.91 30.34 -4.99
N SER B 514 4.93 29.66 -6.13
CA SER B 514 6.09 28.90 -6.58
C SER B 514 6.96 29.72 -7.53
N GLN B 515 8.21 29.31 -7.69
CA GLN B 515 9.10 29.92 -8.68
C GLN B 515 10.06 28.89 -9.26
N LYS B 516 9.70 28.36 -10.43
CA LYS B 516 10.51 27.36 -11.13
C LYS B 516 11.48 27.99 -12.11
N ALA B 517 11.28 29.28 -12.41
CA ALA B 517 12.17 30.03 -13.30
C ALA B 517 12.98 31.06 -12.51
N ASP B 518 14.27 30.77 -12.32
CA ASP B 518 15.17 31.63 -11.55
C ASP B 518 16.59 31.60 -12.13
N THR B 519 17.50 32.30 -11.45
CA THR B 519 18.89 32.39 -11.90
C THR B 519 19.82 31.40 -11.19
N VAL B 520 19.24 30.50 -10.39
CA VAL B 520 20.03 29.56 -9.58
C VAL B 520 20.78 28.54 -10.43
N PHE B 521 22.04 28.29 -10.07
CA PHE B 521 22.83 27.24 -10.71
C PHE B 521 22.55 25.91 -10.02
N ARG B 522 22.11 24.92 -10.80
CA ARG B 522 21.75 23.62 -10.26
C ARG B 522 22.42 22.47 -11.02
N LEU B 523 22.74 21.41 -10.28
CA LEU B 523 23.26 20.17 -10.86
C LEU B 523 22.31 19.03 -10.50
N ASN B 524 21.27 18.87 -11.32
CA ASN B 524 20.21 17.92 -11.04
C ASN B 524 19.99 16.91 -12.17
N TRP B 525 18.81 16.28 -12.17
CA TRP B 525 18.41 15.32 -13.19
C TRP B 525 18.27 15.99 -14.56
N ALA B 526 17.88 17.27 -14.55
CA ALA B 526 17.72 18.06 -15.77
C ALA B 526 19.05 18.23 -16.49
N THR B 527 20.12 18.41 -15.73
CA THR B 527 21.47 18.57 -16.27
C THR B 527 21.88 17.35 -17.09
N TYR B 528 21.60 16.15 -16.57
CA TYR B 528 21.85 14.90 -17.29
C TYR B 528 21.05 14.78 -18.58
N LEU B 529 19.77 15.12 -18.51
CA LEU B 529 18.85 14.97 -19.65
C LEU B 529 19.19 15.88 -20.82
N ALA B 530 19.76 17.04 -20.53
CA ALA B 530 20.19 17.97 -21.55
C ALA B 530 21.58 17.60 -22.08
N SER B 531 22.51 17.37 -21.17
CA SER B 531 23.90 17.09 -21.51
C SER B 531 24.09 15.78 -22.28
N THR B 532 23.39 14.73 -21.85
CA THR B 532 23.57 13.39 -22.40
C THR B 532 22.48 13.01 -23.41
N GLU B 533 21.22 13.25 -23.05
CA GLU B 533 20.09 12.78 -23.85
C GLU B 533 19.58 13.84 -24.84
N ASN B 534 20.20 15.02 -24.82
CA ASN B 534 19.84 16.13 -25.70
C ASN B 534 18.35 16.50 -25.62
N ILE B 535 17.88 16.73 -24.40
CA ILE B 535 16.49 17.09 -24.13
C ILE B 535 16.44 18.47 -23.47
N ILE B 536 15.56 19.33 -23.96
CA ILE B 536 15.33 20.63 -23.32
C ILE B 536 14.38 20.46 -22.13
N VAL B 537 14.89 20.75 -20.93
CA VAL B 537 14.08 20.72 -19.72
C VAL B 537 13.56 22.13 -19.42
N ALA B 538 12.28 22.36 -19.72
CA ALA B 538 11.67 23.67 -19.58
C ALA B 538 10.80 23.79 -18.32
N SER B 539 10.91 24.94 -17.66
CA SER B 539 10.07 25.26 -16.50
C SER B 539 9.41 26.61 -16.74
N PHE B 540 8.16 26.75 -16.31
CA PHE B 540 7.37 27.95 -16.59
C PHE B 540 6.55 28.38 -15.39
N ASP B 541 6.68 29.64 -15.00
CA ASP B 541 5.92 30.20 -13.90
C ASP B 541 4.68 30.93 -14.42
N GLY B 542 3.54 30.25 -14.37
CA GLY B 542 2.27 30.81 -14.85
C GLY B 542 1.53 31.53 -13.75
N ARG B 543 0.20 31.57 -13.87
CA ARG B 543 -0.65 32.19 -12.86
C ARG B 543 -0.62 31.42 -11.55
N GLY B 544 -0.60 32.14 -10.44
CA GLY B 544 -0.52 31.53 -9.12
C GLY B 544 0.88 31.51 -8.55
N SER B 545 1.86 31.70 -9.42
CA SER B 545 3.26 31.77 -9.00
C SER B 545 3.53 33.08 -8.24
N GLY B 546 4.55 33.06 -7.39
CA GLY B 546 4.82 34.19 -6.49
C GLY B 546 5.91 35.13 -6.94
N TYR B 547 6.17 36.13 -6.10
CA TYR B 547 7.20 37.15 -6.31
C TYR B 547 6.93 38.05 -7.53
N GLN B 548 5.64 38.13 -7.90
CA GLN B 548 5.23 38.87 -9.10
C GLN B 548 4.00 39.75 -8.84
N GLY B 549 3.58 39.82 -7.58
CA GLY B 549 2.40 40.61 -7.21
C GLY B 549 1.16 39.77 -7.03
N ASP B 550 0.22 40.28 -6.23
CA ASP B 550 -1.01 39.57 -5.90
C ASP B 550 -1.94 39.34 -7.10
N LYS B 551 -1.75 40.11 -8.16
CA LYS B 551 -2.55 39.94 -9.38
C LYS B 551 -2.28 38.57 -10.02
N ILE B 552 -1.01 38.18 -10.04
CA ILE B 552 -0.61 36.88 -10.58
C ILE B 552 -0.80 35.76 -9.55
N MET B 553 -0.33 36.00 -8.32
CA MET B 553 -0.36 34.98 -7.27
C MET B 553 -1.78 34.57 -6.86
N HIS B 554 -2.66 35.55 -6.71
CA HIS B 554 -4.03 35.30 -6.25
C HIS B 554 -4.98 34.88 -7.37
N ALA B 555 -4.44 34.68 -8.57
CA ALA B 555 -5.25 34.30 -9.74
C ALA B 555 -5.91 32.94 -9.57
N ILE B 556 -5.22 32.03 -8.87
CA ILE B 556 -5.73 30.67 -8.66
C ILE B 556 -6.48 30.49 -7.34
N ASN B 557 -6.86 31.61 -6.72
CA ASN B 557 -7.62 31.58 -5.46
C ASN B 557 -8.98 30.90 -5.63
N ARG B 558 -9.25 29.94 -4.76
CA ARG B 558 -10.47 29.11 -4.78
C ARG B 558 -10.65 28.41 -6.13
N ARG B 559 -9.54 28.22 -6.83
CA ARG B 559 -9.54 27.68 -8.18
C ARG B 559 -8.31 26.81 -8.45
N LEU B 560 -7.89 26.02 -7.46
CA LEU B 560 -6.74 25.14 -7.64
C LEU B 560 -7.05 24.06 -8.66
N GLY B 561 -6.14 23.88 -9.62
CA GLY B 561 -6.30 22.91 -10.69
C GLY B 561 -6.96 23.46 -11.94
N THR B 562 -6.97 24.79 -12.07
CA THR B 562 -7.52 25.45 -13.24
C THR B 562 -6.46 26.22 -14.03
N PHE B 563 -6.23 27.49 -13.65
CA PHE B 563 -5.34 28.38 -14.40
C PHE B 563 -3.90 27.89 -14.45
N GLU B 564 -3.36 27.47 -13.31
CA GLU B 564 -1.98 26.99 -13.22
C GLU B 564 -1.74 25.75 -14.10
N VAL B 565 -2.80 24.97 -14.30
CA VAL B 565 -2.76 23.77 -15.14
C VAL B 565 -2.80 24.16 -16.61
N GLU B 566 -3.71 25.08 -16.95
CA GLU B 566 -3.88 25.57 -18.31
C GLU B 566 -2.63 26.31 -18.82
N ASP B 567 -2.01 27.08 -17.93
CA ASP B 567 -0.81 27.86 -18.27
C ASP B 567 0.40 27.01 -18.61
N GLN B 568 0.46 25.81 -18.03
CA GLN B 568 1.53 24.86 -18.34
C GLN B 568 1.35 24.25 -19.73
N ILE B 569 0.10 24.02 -20.11
CA ILE B 569 -0.26 23.55 -21.45
C ILE B 569 0.04 24.63 -22.47
N GLU B 570 -0.40 25.85 -22.16
CA GLU B 570 -0.19 27.02 -23.02
C GLU B 570 1.30 27.33 -23.22
N ALA B 571 2.09 27.15 -22.16
CA ALA B 571 3.54 27.36 -22.23
C ALA B 571 4.20 26.39 -23.19
N ALA B 572 3.71 25.16 -23.22
CA ALA B 572 4.23 24.13 -24.12
C ALA B 572 4.00 24.49 -25.58
N ARG B 573 2.84 25.07 -25.87
CA ARG B 573 2.50 25.54 -27.21
C ARG B 573 3.50 26.61 -27.67
N GLN B 574 3.83 27.53 -26.77
CA GLN B 574 4.71 28.65 -27.06
C GLN B 574 6.17 28.23 -27.27
N PHE B 575 6.57 27.14 -26.62
CA PHE B 575 7.94 26.62 -26.77
C PHE B 575 8.12 25.95 -28.12
N SER B 576 7.09 25.25 -28.58
CA SER B 576 7.09 24.60 -29.89
C SER B 576 6.98 25.61 -31.03
N LYS B 577 6.34 26.75 -30.75
CA LYS B 577 6.25 27.84 -31.71
C LYS B 577 7.60 28.55 -31.92
N MET B 578 8.53 28.32 -31.00
CA MET B 578 9.89 28.85 -31.11
C MET B 578 10.73 28.08 -32.15
N GLY B 579 10.21 26.93 -32.58
CA GLY B 579 10.77 26.24 -33.74
C GLY B 579 11.85 25.20 -33.49
N PHE B 580 12.42 25.17 -32.29
CA PHE B 580 13.44 24.18 -31.95
C PHE B 580 12.93 23.01 -31.12
N VAL B 581 11.61 22.82 -31.12
CA VAL B 581 10.96 21.79 -30.32
C VAL B 581 10.22 20.78 -31.22
N ASP B 582 10.60 19.51 -31.09
CA ASP B 582 9.90 18.42 -31.76
C ASP B 582 8.55 18.21 -31.08
N ASN B 583 7.50 18.84 -31.63
CA ASN B 583 6.16 18.80 -31.04
C ASN B 583 5.48 17.42 -31.11
N LYS B 584 6.23 16.43 -31.56
CA LYS B 584 5.79 15.03 -31.53
C LYS B 584 6.38 14.32 -30.31
N ARG B 585 7.31 15.00 -29.63
CA ARG B 585 7.97 14.48 -28.45
C ARG B 585 8.00 15.50 -27.31
N ILE B 586 6.83 15.78 -26.74
CA ILE B 586 6.71 16.66 -25.58
C ILE B 586 6.27 15.88 -24.35
N ALA B 587 7.10 15.88 -23.30
CA ALA B 587 6.78 15.19 -22.06
C ALA B 587 6.58 16.17 -20.90
N ILE B 588 6.00 15.68 -19.81
CA ILE B 588 5.72 16.49 -18.62
C ILE B 588 5.94 15.66 -17.34
N TRP B 589 6.63 16.24 -16.36
CA TRP B 589 6.85 15.56 -15.09
C TRP B 589 6.78 16.52 -13.90
N GLY B 590 6.49 15.95 -12.73
CA GLY B 590 6.37 16.74 -11.51
C GLY B 590 6.35 15.93 -10.24
N TRP B 591 6.68 16.59 -9.14
CA TRP B 591 6.66 15.99 -7.81
C TRP B 591 5.72 16.80 -6.94
N SER B 592 5.11 16.15 -5.95
CA SER B 592 4.25 16.83 -4.97
C SER B 592 3.07 17.53 -5.66
N TYR B 593 3.08 18.87 -5.66
CA TYR B 593 2.06 19.66 -6.35
C TYR B 593 2.23 19.53 -7.85
N GLY B 594 3.49 19.49 -8.28
CA GLY B 594 3.83 19.35 -9.69
C GLY B 594 3.28 18.06 -10.29
N GLY B 595 3.31 17.00 -9.50
CA GLY B 595 2.74 15.72 -9.90
C GLY B 595 1.24 15.80 -10.13
N TYR B 596 0.57 16.63 -9.33
CA TYR B 596 -0.86 16.87 -9.48
C TYR B 596 -1.15 17.60 -10.78
N VAL B 597 -0.43 18.70 -11.02
CA VAL B 597 -0.57 19.47 -12.26
C VAL B 597 -0.21 18.62 -13.48
N THR B 598 0.90 17.89 -13.39
CA THR B 598 1.30 16.93 -14.41
C THR B 598 0.14 15.98 -14.74
N SER B 599 -0.48 15.43 -13.69
CA SER B 599 -1.60 14.51 -13.84
C SER B 599 -2.82 15.19 -14.45
N MET B 600 -3.09 16.42 -14.01
CA MET B 600 -4.20 17.21 -14.52
C MET B 600 -4.02 17.51 -16.01
N VAL B 601 -2.80 17.89 -16.37
CA VAL B 601 -2.41 18.19 -17.76
C VAL B 601 -2.62 16.98 -18.67
N LEU B 602 -2.05 15.83 -18.28
CA LEU B 602 -2.16 14.59 -19.05
C LEU B 602 -3.60 14.13 -19.25
N GLY B 603 -4.50 14.64 -18.41
CA GLY B 603 -5.91 14.30 -18.49
C GLY B 603 -6.78 15.42 -19.02
N SER B 604 -6.17 16.47 -19.56
CA SER B 604 -6.92 17.58 -20.13
C SER B 604 -7.33 17.30 -21.58
N GLY B 605 -6.67 16.32 -22.20
CA GLY B 605 -6.97 15.94 -23.58
C GLY B 605 -6.46 16.93 -24.62
N SER B 606 -5.48 17.74 -24.22
CA SER B 606 -4.89 18.75 -25.10
C SER B 606 -4.05 18.15 -26.23
N GLY B 607 -3.71 16.87 -26.10
CA GLY B 607 -2.93 16.15 -27.11
C GLY B 607 -1.51 16.68 -27.32
N VAL B 608 -1.17 17.75 -26.61
CA VAL B 608 0.15 18.38 -26.69
C VAL B 608 1.26 17.45 -26.19
N PHE B 609 0.93 16.66 -25.17
CA PHE B 609 1.92 15.85 -24.48
C PHE B 609 1.81 14.37 -24.84
N LYS B 610 2.95 13.73 -25.07
CA LYS B 610 2.97 12.30 -25.39
C LYS B 610 2.96 11.45 -24.13
N CYS B 611 3.86 11.77 -23.20
CA CYS B 611 3.96 11.05 -21.93
C CYS B 611 4.17 11.97 -20.74
N GLY B 612 4.15 11.40 -19.55
CA GLY B 612 4.33 12.15 -18.31
C GLY B 612 4.59 11.30 -17.09
N ILE B 613 5.32 11.86 -16.13
CA ILE B 613 5.63 11.19 -14.87
C ILE B 613 5.06 11.99 -13.71
N ALA B 614 4.23 11.35 -12.89
CA ALA B 614 3.71 11.98 -11.67
C ALA B 614 4.24 11.26 -10.43
N VAL B 615 5.08 11.96 -9.67
CA VAL B 615 5.69 11.39 -8.47
C VAL B 615 5.05 12.00 -7.22
N ALA B 616 4.47 11.13 -6.39
CA ALA B 616 3.75 11.52 -5.16
C ALA B 616 2.77 12.68 -5.39
N PRO B 617 1.76 12.48 -6.23
CA PRO B 617 0.85 13.57 -6.57
C PRO B 617 -0.38 13.67 -5.67
N VAL B 618 -0.95 14.87 -5.61
CA VAL B 618 -2.29 15.07 -5.06
C VAL B 618 -3.27 14.63 -6.16
N SER B 619 -4.35 13.97 -5.77
CA SER B 619 -5.36 13.54 -6.74
C SER B 619 -6.72 14.18 -6.46
N ARG B 620 -6.90 14.62 -5.22
CA ARG B 620 -8.16 15.17 -4.76
C ARG B 620 -7.85 16.02 -3.54
N TRP B 621 -8.31 17.27 -3.54
CA TRP B 621 -7.94 18.22 -2.49
C TRP B 621 -8.53 17.92 -1.12
N GLU B 622 -9.55 17.08 -1.08
CA GLU B 622 -10.12 16.60 0.18
C GLU B 622 -9.20 15.62 0.90
N TYR B 623 -8.21 15.07 0.20
CA TYR B 623 -7.24 14.14 0.80
C TYR B 623 -6.05 14.84 1.46
N TYR B 624 -5.77 16.07 1.05
CA TYR B 624 -4.64 16.80 1.60
C TYR B 624 -5.05 17.60 2.84
N ASP B 625 -4.06 18.01 3.64
CA ASP B 625 -4.33 18.64 4.93
C ASP B 625 -5.09 19.98 4.84
N SER B 626 -5.77 20.33 5.92
CA SER B 626 -6.63 21.50 5.99
C SER B 626 -5.89 22.83 5.82
N VAL B 627 -4.83 23.04 6.61
CA VAL B 627 -4.11 24.32 6.63
C VAL B 627 -3.68 24.76 5.23
N TYR B 628 -3.10 23.85 4.46
CA TYR B 628 -2.66 24.14 3.09
C TYR B 628 -3.86 24.30 2.15
N THR B 629 -4.67 23.25 2.04
CA THR B 629 -5.79 23.21 1.11
C THR B 629 -6.75 24.38 1.31
N GLU B 630 -7.18 24.59 2.56
CA GLU B 630 -8.15 25.64 2.88
C GLU B 630 -7.63 27.06 2.67
N ARG B 631 -6.31 27.23 2.77
CA ARG B 631 -5.67 28.53 2.54
C ARG B 631 -6.00 29.03 1.15
N TYR B 632 -6.13 28.11 0.21
CA TYR B 632 -6.36 28.43 -1.19
C TYR B 632 -7.77 28.08 -1.65
N MET B 633 -8.36 27.05 -1.06
CA MET B 633 -9.62 26.49 -1.55
C MET B 633 -10.82 26.70 -0.63
N GLY B 634 -10.59 27.24 0.57
CA GLY B 634 -11.64 27.38 1.56
C GLY B 634 -12.11 26.03 2.06
N LEU B 635 -13.37 25.94 2.47
CA LEU B 635 -13.92 24.69 3.02
C LEU B 635 -14.68 23.89 1.96
N PRO B 636 -14.53 22.54 1.98
CA PRO B 636 -15.23 21.68 1.03
C PRO B 636 -16.68 21.40 1.44
N THR B 637 -17.45 22.47 1.62
CA THR B 637 -18.88 22.37 1.95
C THR B 637 -19.70 23.06 0.87
N PRO B 638 -20.93 22.57 0.60
CA PRO B 638 -21.78 23.16 -0.45
C PRO B 638 -22.05 24.64 -0.25
N GLU B 639 -22.01 25.09 1.00
CA GLU B 639 -22.19 26.50 1.34
C GLU B 639 -20.96 27.33 0.98
N ASP B 640 -19.79 26.69 0.97
CA ASP B 640 -18.52 27.38 0.74
C ASP B 640 -18.00 27.18 -0.70
N ASN B 641 -17.28 26.08 -0.93
CA ASN B 641 -16.55 25.88 -2.19
C ASN B 641 -16.46 24.42 -2.66
N LEU B 642 -17.45 23.61 -2.27
CA LEU B 642 -17.46 22.19 -2.62
C LEU B 642 -17.42 21.96 -4.13
N ASP B 643 -18.02 22.87 -4.89
CA ASP B 643 -18.06 22.78 -6.35
C ASP B 643 -16.66 22.68 -6.97
N HIS B 644 -15.76 23.56 -6.56
CA HIS B 644 -14.38 23.56 -7.08
C HIS B 644 -13.53 22.41 -6.53
N TYR B 645 -13.90 21.90 -5.36
CA TYR B 645 -13.25 20.72 -4.79
C TYR B 645 -13.51 19.48 -5.63
N ARG B 646 -14.77 19.30 -6.04
CA ARG B 646 -15.19 18.12 -6.80
C ARG B 646 -14.79 18.21 -8.27
N ASN B 647 -14.54 19.43 -8.74
CA ASN B 647 -14.23 19.69 -10.15
C ASN B 647 -12.74 19.58 -10.47
N SER B 648 -11.90 19.55 -9.45
CA SER B 648 -10.44 19.61 -9.63
C SER B 648 -9.72 18.28 -9.44
N THR B 649 -10.46 17.18 -9.41
CA THR B 649 -9.86 15.87 -9.17
C THR B 649 -9.19 15.30 -10.43
N VAL B 650 -8.16 14.49 -10.23
CA VAL B 650 -7.48 13.80 -11.32
C VAL B 650 -8.35 12.63 -11.80
N MET B 651 -9.13 12.06 -10.88
CA MET B 651 -9.98 10.90 -11.16
C MET B 651 -11.04 11.15 -12.24
N SER B 652 -11.55 12.38 -12.30
CA SER B 652 -12.59 12.73 -13.27
C SER B 652 -12.06 12.83 -14.69
N ARG B 653 -10.75 13.07 -14.82
CA ARG B 653 -10.09 13.21 -16.11
C ARG B 653 -9.47 11.88 -16.58
N ALA B 654 -9.98 10.77 -16.06
CA ALA B 654 -9.40 9.45 -16.28
C ALA B 654 -9.44 8.98 -17.74
N GLU B 655 -10.52 9.27 -18.44
CA GLU B 655 -10.70 8.85 -19.83
C GLU B 655 -9.61 9.36 -20.78
N ASN B 656 -9.24 10.64 -20.61
CA ASN B 656 -8.26 11.29 -21.48
C ASN B 656 -6.85 10.72 -21.39
N PHE B 657 -6.64 9.81 -20.44
CA PHE B 657 -5.32 9.19 -20.26
C PHE B 657 -5.02 8.12 -21.31
N LYS B 658 -6.05 7.73 -22.08
CA LYS B 658 -5.90 6.82 -23.21
C LYS B 658 -4.97 7.41 -24.27
N GLN B 659 -4.93 8.74 -24.33
CA GLN B 659 -4.09 9.46 -25.28
C GLN B 659 -2.62 9.48 -24.90
N VAL B 660 -2.32 9.28 -23.62
CA VAL B 660 -0.95 9.47 -23.11
C VAL B 660 -0.33 8.25 -22.44
N GLU B 661 1.00 8.23 -22.38
CA GLU B 661 1.74 7.26 -21.56
C GLU B 661 1.95 7.89 -20.19
N TYR B 662 1.61 7.15 -19.14
CA TYR B 662 1.58 7.71 -17.79
C TYR B 662 2.30 6.83 -16.79
N LEU B 663 3.25 7.41 -16.07
CA LEU B 663 3.96 6.73 -14.99
C LEU B 663 3.63 7.37 -13.65
N LEU B 664 2.95 6.61 -12.79
CA LEU B 664 2.59 7.06 -11.45
C LEU B 664 3.51 6.40 -10.43
N ILE B 665 4.12 7.22 -9.58
CA ILE B 665 5.07 6.74 -8.58
C ILE B 665 4.71 7.29 -7.20
N HIS B 666 4.69 6.42 -6.20
CA HIS B 666 4.39 6.85 -4.83
C HIS B 666 5.07 5.99 -3.76
N GLY B 667 5.58 6.64 -2.72
CA GLY B 667 6.14 5.94 -1.56
C GLY B 667 5.03 5.48 -0.62
N THR B 668 5.09 4.22 -0.20
CA THR B 668 4.02 3.63 0.61
C THR B 668 3.91 4.20 2.02
N ALA B 669 5.00 4.79 2.51
CA ALA B 669 5.03 5.38 3.85
C ALA B 669 5.04 6.91 3.80
N ASP B 670 4.26 7.46 2.87
CA ASP B 670 4.18 8.90 2.69
C ASP B 670 3.18 9.49 3.67
N ASP B 671 3.70 10.21 4.67
CA ASP B 671 2.86 10.86 5.69
C ASP B 671 2.24 12.15 5.17
N ASN B 672 2.94 12.81 4.25
CA ASN B 672 2.53 14.11 3.72
C ASN B 672 1.40 13.98 2.70
N VAL B 673 1.70 13.37 1.55
CA VAL B 673 0.70 13.07 0.54
C VAL B 673 0.52 11.55 0.55
N HIS B 674 -0.55 11.09 1.18
CA HIS B 674 -0.74 9.66 1.45
C HIS B 674 -0.95 8.84 0.18
N PHE B 675 -0.43 7.61 0.20
CA PHE B 675 -0.57 6.66 -0.91
C PHE B 675 -1.99 6.60 -1.43
N GLN B 676 -2.95 6.92 -0.56
CA GLN B 676 -4.36 7.02 -0.89
C GLN B 676 -4.59 7.81 -2.19
N GLN B 677 -3.93 8.96 -2.28
CA GLN B 677 -4.04 9.86 -3.44
C GLN B 677 -3.75 9.11 -4.74
N SER B 678 -2.58 8.47 -4.81
CA SER B 678 -2.19 7.68 -5.97
C SER B 678 -3.08 6.45 -6.17
N ALA B 679 -3.49 5.84 -5.07
CA ALA B 679 -4.34 4.65 -5.10
C ALA B 679 -5.70 4.94 -5.71
N GLN B 680 -6.19 6.17 -5.53
CA GLN B 680 -7.46 6.58 -6.13
C GLN B 680 -7.33 6.83 -7.63
N ILE B 681 -6.17 7.36 -8.05
CA ILE B 681 -5.86 7.55 -9.48
C ILE B 681 -5.79 6.19 -10.19
N SER B 682 -4.93 5.31 -9.69
CA SER B 682 -4.74 3.99 -10.29
C SER B 682 -6.08 3.24 -10.45
N LYS B 683 -6.91 3.31 -9.42
CA LYS B 683 -8.24 2.69 -9.44
C LYS B 683 -9.12 3.29 -10.53
N ALA B 684 -9.10 4.62 -10.65
CA ALA B 684 -9.90 5.35 -11.62
C ALA B 684 -9.55 4.96 -13.06
N LEU B 685 -8.25 4.82 -13.33
CA LEU B 685 -7.77 4.45 -14.67
C LEU B 685 -8.10 3.00 -15.01
N VAL B 686 -7.95 2.12 -14.02
CA VAL B 686 -8.30 0.71 -14.16
C VAL B 686 -9.80 0.54 -14.46
N ASP B 687 -10.61 1.44 -13.91
CA ASP B 687 -12.07 1.42 -14.09
C ASP B 687 -12.51 1.76 -15.50
N VAL B 688 -11.80 2.66 -16.17
CA VAL B 688 -12.15 3.05 -17.55
C VAL B 688 -11.23 2.40 -18.60
N GLY B 689 -10.53 1.34 -18.20
CA GLY B 689 -9.72 0.54 -19.11
C GLY B 689 -8.44 1.19 -19.62
N VAL B 690 -8.01 2.28 -19.00
CA VAL B 690 -6.77 2.94 -19.38
C VAL B 690 -5.55 2.20 -18.84
N ASP B 691 -4.64 1.83 -19.74
CA ASP B 691 -3.36 1.23 -19.35
C ASP B 691 -2.37 2.32 -18.95
N PHE B 692 -1.57 2.05 -17.94
CA PHE B 692 -0.58 2.99 -17.44
C PHE B 692 0.61 2.27 -16.81
N GLN B 693 1.54 3.04 -16.25
CA GLN B 693 2.73 2.50 -15.57
C GLN B 693 2.72 2.88 -14.09
N ALA B 694 3.06 1.92 -13.24
CA ALA B 694 3.07 2.16 -11.80
C ALA B 694 4.40 1.76 -11.16
N MET B 695 4.69 2.37 -10.02
CA MET B 695 5.88 2.05 -9.25
C MET B 695 5.71 2.54 -7.82
N TRP B 696 5.49 1.60 -6.90
CA TRP B 696 5.43 1.94 -5.48
C TRP B 696 6.82 1.86 -4.86
N TYR B 697 7.00 2.55 -3.74
CA TYR B 697 8.26 2.48 -3.01
C TYR B 697 8.05 2.16 -1.54
N THR B 698 8.38 0.91 -1.18
CA THR B 698 8.24 0.39 0.18
C THR B 698 8.94 1.26 1.22
N ASP B 699 8.17 1.69 2.22
CA ASP B 699 8.68 2.46 3.36
C ASP B 699 9.42 3.74 2.98
N GLU B 700 8.92 4.41 1.95
CA GLU B 700 9.48 5.70 1.52
C GLU B 700 8.49 6.83 1.77
N ASP B 701 9.01 7.97 2.19
CA ASP B 701 8.17 9.13 2.46
C ASP B 701 8.00 10.02 1.23
N HIS B 702 7.60 11.27 1.45
CA HIS B 702 7.28 12.18 0.36
C HIS B 702 8.51 12.65 -0.42
N GLY B 703 9.69 12.33 0.10
CA GLY B 703 10.94 12.70 -0.55
C GLY B 703 11.53 11.60 -1.39
N ILE B 704 11.18 10.35 -1.08
CA ILE B 704 11.83 9.16 -1.64
C ILE B 704 13.34 9.41 -1.65
N ALA B 705 13.84 9.81 -0.48
CA ALA B 705 15.16 10.43 -0.37
C ALA B 705 16.28 9.48 0.08
N SER B 706 15.91 8.29 0.55
CA SER B 706 16.89 7.29 0.96
C SER B 706 17.81 6.94 -0.22
N SER B 707 19.10 6.77 0.08
CA SER B 707 20.13 6.61 -0.94
C SER B 707 19.76 5.66 -2.08
N THR B 708 19.38 4.43 -1.73
CA THR B 708 19.05 3.39 -2.71
C THR B 708 17.76 3.66 -3.48
N ALA B 709 16.77 4.27 -2.83
CA ALA B 709 15.51 4.59 -3.49
C ALA B 709 15.63 5.81 -4.40
N HIS B 710 16.47 6.77 -3.99
CA HIS B 710 16.74 7.97 -4.79
C HIS B 710 17.35 7.60 -6.14
N GLN B 711 18.30 6.67 -6.09
CA GLN B 711 18.98 6.18 -7.28
C GLN B 711 18.03 5.38 -8.18
N HIS B 712 17.25 4.49 -7.56
CA HIS B 712 16.34 3.63 -8.29
C HIS B 712 15.22 4.38 -9.03
N ILE B 713 14.68 5.42 -8.41
CA ILE B 713 13.58 6.18 -9.02
C ILE B 713 14.04 7.00 -10.23
N TYR B 714 15.20 7.64 -10.11
CA TYR B 714 15.73 8.46 -11.19
C TYR B 714 16.27 7.61 -12.33
N THR B 715 16.72 6.41 -12.01
CA THR B 715 17.08 5.41 -13.02
C THR B 715 15.81 5.00 -13.78
N HIS B 716 14.78 4.63 -13.02
CA HIS B 716 13.51 4.15 -13.58
C HIS B 716 12.82 5.21 -14.44
N MET B 717 12.90 6.47 -14.01
CA MET B 717 12.28 7.58 -14.74
C MET B 717 13.00 7.90 -16.04
N SER B 718 14.33 7.85 -16.00
CA SER B 718 15.15 8.06 -17.18
C SER B 718 14.83 7.03 -18.26
N HIS B 719 14.76 5.77 -17.85
CA HIS B 719 14.35 4.66 -18.73
C HIS B 719 13.00 4.94 -19.39
N PHE B 720 12.06 5.48 -18.61
CA PHE B 720 10.73 5.81 -19.10
C PHE B 720 10.76 6.96 -20.12
N ILE B 721 11.59 7.95 -19.85
CA ILE B 721 11.74 9.11 -20.74
C ILE B 721 12.44 8.70 -22.05
N LYS B 722 13.50 7.90 -21.93
CA LYS B 722 14.26 7.42 -23.08
C LYS B 722 13.40 6.64 -24.09
N GLN B 723 12.57 5.74 -23.58
CA GLN B 723 11.71 4.93 -24.44
C GLN B 723 10.55 5.74 -25.05
N CYS B 724 10.10 6.76 -24.33
CA CYS B 724 9.04 7.65 -24.81
C CYS B 724 9.56 8.56 -25.93
N PHE B 725 10.84 8.90 -25.85
CA PHE B 725 11.49 9.74 -26.85
C PHE B 725 12.23 8.94 -27.91
N SER B 726 12.24 7.61 -27.76
CA SER B 726 12.96 6.70 -28.65
C SER B 726 14.47 6.98 -28.66
N LEU B 727 15.12 6.68 -27.55
CA LEU B 727 16.57 6.88 -27.41
C LEU B 727 17.28 5.59 -26.99
N PRO B 728 18.33 5.19 -27.72
CA PRO B 728 19.08 3.97 -27.41
C PRO B 728 20.00 4.12 -26.19
FBB D3C C . -6.58 -31.77 -4.02
CBA D3C C . -7.74 -32.08 -3.46
FBC D3C C . -8.71 -31.98 -4.36
FBD D3C C . -7.69 -33.34 -3.00
CAX D3C C . -8.02 -31.12 -2.29
CAY D3C C . -8.31 -31.49 -1.05
CAZ D3C C . -8.49 -30.40 -0.31
CAV D3C C . -8.31 -29.33 -1.06
CAU D3C C . -8.41 -27.86 -0.67
NAW D3C C . -8.00 -29.72 -2.37
CAT D3C C . -7.73 -28.76 -3.49
CAS D3C C . -7.85 -27.28 -3.08
NAQ D3C C . -7.58 -27.12 -1.64
CAP D3C C . -6.58 -26.34 -1.18
OAR D3C C . -6.42 -26.28 0.03
NAO D3C C . -5.82 -25.66 -2.05
CAN D3C C . -4.71 -24.79 -1.63
CAL D3C C . -5.19 -23.62 -0.76
CAK D3C C . -4.05 -22.63 -0.49
NAM D3C C . -4.39 -21.79 0.68
CAJ D3C C . -3.86 -21.75 -1.73
CAD D3C C . -2.74 -20.72 -1.56
CAC D3C C . -1.42 -21.18 -1.54
CAB D3C C . -0.36 -20.30 -1.38
FAI D3C C . 0.90 -20.75 -1.37
CAA D3C C . -0.61 -18.93 -1.25
FAH D3C C . 0.42 -18.08 -1.10
CAF D3C C . -1.93 -18.46 -1.27
CAE D3C C . -2.98 -19.35 -1.42
FAG D3C C . -4.24 -18.90 -1.43
FBB D3C D . 7.90 31.54 -0.10
CBA D3C D . 8.55 31.82 1.02
FBC D3C D . 9.86 31.73 0.81
FBD D3C D . 8.26 33.06 1.39
CAX D3C D . 8.15 30.83 2.12
CAY D3C D . 7.59 31.17 3.27
CAZ D3C D . 7.37 30.05 3.98
CAV D3C D . 7.81 29.01 3.26
CAU D3C D . 7.80 27.53 3.59
NAW D3C D . 8.31 29.45 2.04
CAT D3C D . 8.87 28.51 1.02
CAS D3C D . 8.31 27.07 1.13
NAQ D3C D . 7.42 26.90 2.31
CAP D3C D . 6.25 26.25 2.24
OAR D3C D . 5.57 26.20 3.28
NAO D3C D . 5.86 25.66 1.11
CAN D3C D . 4.57 24.93 0.98
CAL D3C D . 4.51 23.72 1.93
CAK D3C D . 3.51 22.67 1.43
NAM D3C D . 3.36 21.64 2.46
CAJ D3C D . 4.05 22.06 0.14
CAD D3C D . 3.20 20.90 -0.41
CAC D3C D . 2.23 21.21 -1.36
CAB D3C D . 1.44 20.19 -1.90
FAI D3C D . 0.50 20.49 -2.82
CAA D3C D . 1.62 18.88 -1.51
FAH D3C D . 0.84 17.92 -2.05
CAF D3C D . 2.59 18.55 -0.56
CAE D3C D . 3.38 19.57 -0.02
FAG D3C D . 4.32 19.25 0.91
#